data_7PU8
#
_entry.id   7PU8
#
_cell.length_a   75.207
_cell.length_b   98.812
_cell.length_c   208.401
_cell.angle_alpha   90.000
_cell.angle_beta   90.000
_cell.angle_gamma   90.000
#
_symmetry.space_group_name_H-M   'P 21 21 2'
#
loop_
_entity.id
_entity.type
_entity.pdbx_description
1 polymer 'Histone-arginine methyltransferase CARM1'
2 non-polymer 'methyl 6-[4-[[N-[2-[(2R,3S,4R,5R)-5-(6-aminopurin-9-yl)-3,4-bis(oxidanyl)oxolan-2-yl]ethyl]carbamimidoyl]amino]butylcarbamoylamino]-4-oxidanyl-naphthalene-2-carboxylate'
3 non-polymer 1,2-ETHANEDIOL
4 water water
#
_entity_poly.entity_id   1
_entity_poly.type   'polypeptide(L)'
_entity_poly.pdbx_seq_one_letter_code
;GHMGHTLERSVFSERTEESSAVQYFQFYGYLSQQQNMMQDYVRTGTYQRAILQNHTDFKDKIVLDVGCGSGILSFFAAQA
GARKIYAVEASTMAQHAEVLVKSNNLTDRIVVIPGKVEEVSLPEQVDIIISEPMGYMLFNERMLESYLHAKKYLKPSGNM
FPTIGDVHLAPFTDEQLYMEQFTKANFWYQPSFHGVDLSALRGAAVDEYFRQPVVDTFDIRILMAKSVKYTVNFLEAKEG
DLHRIEIPFKFHMLHSGLVHGLAFWFDVAFIGSIMTVWLSTAPTEPLTHWYQVRCLFQSPLFAKAGDTLSGTCLLIANKR
QSYDISIVAQVDQTGSKSSNLLDLKNPFFRYTGTTPSPPPG
;
_entity_poly.pdbx_strand_id   A,B,C,D
#
loop_
_chem_comp.id
_chem_comp.type
_chem_comp.name
_chem_comp.formula
4R7 non-polymer 'methyl 6-[4-[[N-[2-[(2R,3S,4R,5R)-5-(6-aminopurin-9-yl)-3,4-bis(oxidanyl)oxolan-2-yl]ethyl]carbamimidoyl]amino]butylcarbamoylamino]-4-oxidanyl-naphthalene-2-carboxylate' 'C29 H36 N10 O7'
EDO non-polymer 1,2-ETHANEDIOL 'C2 H6 O2'
#
# COMPACT_ATOMS: atom_id res chain seq x y z
N SER A 10 -13.00 -44.81 -0.07
CA SER A 10 -12.06 -44.45 -1.12
C SER A 10 -10.64 -44.86 -0.77
N VAL A 11 -9.80 -44.89 -1.81
CA VAL A 11 -8.39 -45.21 -1.61
C VAL A 11 -7.74 -44.16 -0.70
N PHE A 12 -8.20 -42.91 -0.79
CA PHE A 12 -7.56 -41.86 -0.01
C PHE A 12 -7.83 -42.07 1.48
N SER A 13 -9.09 -42.29 1.85
CA SER A 13 -9.41 -42.38 3.27
C SER A 13 -8.85 -43.65 3.89
N GLU A 14 -8.76 -44.73 3.11
CA GLU A 14 -8.19 -45.97 3.65
C GLU A 14 -6.76 -45.75 4.12
N ARG A 15 -6.02 -44.88 3.42
CA ARG A 15 -4.60 -44.71 3.70
C ARG A 15 -4.28 -43.46 4.52
N THR A 16 -5.30 -42.75 5.00
CA THR A 16 -5.09 -41.44 5.61
C THR A 16 -5.97 -41.27 6.84
N GLU A 17 -5.36 -40.97 7.99
CA GLU A 17 -6.14 -40.64 9.17
C GLU A 17 -6.91 -39.34 8.95
N GLU A 18 -8.19 -39.36 9.35
CA GLU A 18 -9.05 -38.19 9.21
C GLU A 18 -8.36 -36.92 9.70
N SER A 19 -7.80 -36.96 10.92
CA SER A 19 -7.23 -35.74 11.50
C SER A 19 -6.05 -35.22 10.70
N SER A 20 -5.26 -36.10 10.08
CA SER A 20 -4.18 -35.62 9.23
C SER A 20 -4.74 -34.89 8.01
N ALA A 21 -5.76 -35.47 7.37
CA ALA A 21 -6.32 -34.87 6.16
C ALA A 21 -6.95 -33.52 6.46
N VAL A 22 -7.74 -33.43 7.55
CA VAL A 22 -8.39 -32.17 7.89
C VAL A 22 -7.35 -31.05 7.96
N GLN A 23 -6.27 -31.26 8.71
CA GLN A 23 -5.22 -30.27 8.83
C GLN A 23 -4.56 -29.99 7.48
N TYR A 24 -4.28 -31.05 6.72
CA TYR A 24 -3.62 -30.89 5.42
C TYR A 24 -4.42 -29.97 4.50
N PHE A 25 -5.72 -30.26 4.34
CA PHE A 25 -6.51 -29.47 3.40
C PHE A 25 -6.86 -28.09 3.95
N GLN A 26 -6.92 -27.91 5.26
CA GLN A 26 -7.06 -26.56 5.81
C GLN A 26 -5.87 -25.70 5.43
N PHE A 27 -4.65 -26.24 5.56
CA PHE A 27 -3.44 -25.51 5.23
C PHE A 27 -3.44 -25.05 3.78
N TYR A 28 -3.78 -25.94 2.86
CA TYR A 28 -3.81 -25.57 1.45
C TYR A 28 -5.05 -24.77 1.08
N GLY A 29 -5.98 -24.58 2.01
CA GLY A 29 -7.10 -23.72 1.73
C GLY A 29 -6.79 -22.23 1.70
N TYR A 30 -5.59 -21.83 2.13
CA TYR A 30 -5.28 -20.42 2.28
C TYR A 30 -4.63 -19.85 1.02
N LEU A 31 -5.09 -18.65 0.64
CA LEU A 31 -4.49 -17.97 -0.49
C LEU A 31 -3.03 -17.64 -0.24
N SER A 32 -2.66 -17.38 1.02
CA SER A 32 -1.27 -17.03 1.33
C SER A 32 -0.33 -18.18 1.03
N GLN A 33 -0.78 -19.42 1.20
CA GLN A 33 0.05 -20.56 0.83
C GLN A 33 0.14 -20.73 -0.69
N GLN A 34 -0.95 -20.46 -1.41
CA GLN A 34 -0.88 -20.43 -2.88
C GLN A 34 0.12 -19.38 -3.34
N GLN A 35 0.03 -18.19 -2.77
CA GLN A 35 0.92 -17.08 -3.14
C GLN A 35 2.37 -17.44 -2.87
N ASN A 36 2.64 -18.10 -1.74
CA ASN A 36 4.01 -18.49 -1.44
C ASN A 36 4.56 -19.46 -2.47
N MET A 37 3.74 -20.40 -2.95
CA MET A 37 4.19 -21.32 -3.99
C MET A 37 4.28 -20.64 -5.37
N MET A 38 3.36 -19.72 -5.66
CA MET A 38 3.36 -19.03 -6.95
C MET A 38 4.58 -18.12 -7.07
N GLN A 39 5.00 -17.52 -5.95
CA GLN A 39 6.12 -16.59 -5.98
C GLN A 39 7.47 -17.26 -6.17
N ASP A 40 7.55 -18.58 -5.96
CA ASP A 40 8.77 -19.33 -6.26
C ASP A 40 8.93 -19.34 -7.78
N TYR A 41 9.84 -18.51 -8.29
CA TYR A 41 9.93 -18.33 -9.74
C TYR A 41 10.44 -19.58 -10.43
N VAL A 42 11.36 -20.30 -9.78
CA VAL A 42 11.86 -21.54 -10.36
C VAL A 42 10.72 -22.52 -10.55
N ARG A 43 9.88 -22.65 -9.53
CA ARG A 43 8.76 -23.58 -9.56
C ARG A 43 7.76 -23.18 -10.64
N THR A 44 7.28 -21.93 -10.57
CA THR A 44 6.23 -21.50 -11.48
C THR A 44 6.76 -21.32 -12.90
N GLY A 45 7.95 -20.74 -13.04
CA GLY A 45 8.50 -20.51 -14.37
C GLY A 45 8.81 -21.80 -15.11
N THR A 46 9.31 -22.80 -14.39
CA THR A 46 9.68 -24.06 -15.04
C THR A 46 8.45 -24.83 -15.48
N TYR A 47 7.39 -24.82 -14.66
CA TYR A 47 6.15 -25.46 -15.09
C TYR A 47 5.59 -24.77 -16.32
N GLN A 48 5.63 -23.43 -16.35
CA GLN A 48 5.14 -22.72 -17.53
C GLN A 48 5.97 -23.07 -18.76
N ARG A 49 7.29 -23.09 -18.62
CA ARG A 49 8.16 -23.40 -19.74
C ARG A 49 7.91 -24.83 -20.22
N ALA A 50 7.82 -25.77 -19.28
CA ALA A 50 7.63 -27.17 -19.65
C ALA A 50 6.36 -27.35 -20.46
N ILE A 51 5.28 -26.66 -20.09
CA ILE A 51 4.01 -26.81 -20.78
C ILE A 51 4.04 -26.06 -22.11
N LEU A 52 4.41 -24.77 -22.08
CA LEU A 52 4.34 -23.97 -23.29
C LEU A 52 5.31 -24.44 -24.36
N GLN A 53 6.53 -24.83 -23.97
CA GLN A 53 7.50 -25.31 -24.95
C GLN A 53 7.14 -26.70 -25.49
N ASN A 54 6.22 -27.41 -24.85
CA ASN A 54 5.71 -28.68 -25.37
C ASN A 54 4.25 -28.52 -25.76
N HIS A 55 3.94 -27.48 -26.52
CA HIS A 55 2.56 -27.13 -26.81
C HIS A 55 1.86 -28.23 -27.60
N THR A 56 2.59 -28.98 -28.41
CA THR A 56 1.95 -30.05 -29.18
C THR A 56 1.42 -31.15 -28.28
N ASP A 57 1.92 -31.27 -27.04
CA ASP A 57 1.35 -32.18 -26.07
C ASP A 57 0.06 -31.64 -25.45
N PHE A 58 -0.35 -30.42 -25.82
CA PHE A 58 -1.54 -29.83 -25.21
C PHE A 58 -2.56 -29.31 -26.21
N LYS A 59 -2.13 -28.92 -27.40
CA LYS A 59 -3.04 -28.38 -28.40
C LYS A 59 -4.23 -29.30 -28.62
N ASP A 60 -5.43 -28.75 -28.41
CA ASP A 60 -6.70 -29.46 -28.63
C ASP A 60 -6.75 -30.79 -27.87
N LYS A 61 -6.09 -30.86 -26.74
CA LYS A 61 -6.04 -32.08 -25.93
C LYS A 61 -6.91 -31.96 -24.68
N ILE A 62 -7.17 -33.10 -24.05
CA ILE A 62 -7.92 -33.17 -22.81
C ILE A 62 -6.93 -33.38 -21.66
N VAL A 63 -7.06 -32.56 -20.62
CA VAL A 63 -6.05 -32.46 -19.56
C VAL A 63 -6.70 -32.69 -18.20
N LEU A 64 -5.96 -33.33 -17.31
CA LEU A 64 -6.35 -33.46 -15.90
C LEU A 64 -5.27 -32.82 -15.05
N ASP A 65 -5.66 -31.86 -14.22
CA ASP A 65 -4.76 -31.17 -13.30
C ASP A 65 -5.09 -31.65 -11.89
N VAL A 66 -4.18 -32.41 -11.29
CA VAL A 66 -4.42 -33.05 -10.00
C VAL A 66 -3.93 -32.12 -8.90
N GLY A 67 -4.86 -31.65 -8.06
CA GLY A 67 -4.50 -30.76 -6.97
C GLY A 67 -4.15 -29.38 -7.47
N CYS A 68 -5.07 -28.79 -8.23
CA CYS A 68 -4.79 -27.58 -9.00
C CYS A 68 -4.68 -26.32 -8.16
N GLY A 69 -5.04 -26.37 -6.88
CA GLY A 69 -4.99 -25.18 -6.04
C GLY A 69 -5.70 -24.02 -6.71
N SER A 70 -4.98 -22.92 -6.87
CA SER A 70 -5.55 -21.72 -7.49
C SER A 70 -5.89 -21.92 -8.95
N GLY A 71 -5.31 -22.93 -9.59
CA GLY A 71 -5.57 -23.25 -10.99
C GLY A 71 -4.45 -22.91 -11.94
N ILE A 72 -3.28 -22.50 -11.45
CA ILE A 72 -2.28 -21.85 -12.28
C ILE A 72 -1.79 -22.79 -13.38
N LEU A 73 -1.61 -24.08 -13.06
CA LEU A 73 -1.12 -25.00 -14.09
C LEU A 73 -2.18 -25.27 -15.14
N SER A 74 -3.46 -25.16 -14.75
CA SER A 74 -4.53 -25.30 -15.73
C SER A 74 -4.53 -24.13 -16.69
N PHE A 75 -4.23 -22.92 -16.20
CA PHE A 75 -4.15 -21.77 -17.10
C PHE A 75 -2.97 -21.88 -18.05
N PHE A 76 -1.84 -22.44 -17.59
CA PHE A 76 -0.74 -22.69 -18.52
C PHE A 76 -1.16 -23.68 -19.60
N ALA A 77 -1.91 -24.73 -19.21
CA ALA A 77 -2.39 -25.69 -20.18
C ALA A 77 -3.35 -25.03 -21.17
N ALA A 78 -4.13 -24.05 -20.71
CA ALA A 78 -5.01 -23.32 -21.63
C ALA A 78 -4.20 -22.44 -22.57
N GLN A 79 -3.20 -21.73 -22.03
CA GLN A 79 -2.32 -20.93 -22.87
C GLN A 79 -1.69 -21.77 -23.97
N ALA A 80 -1.51 -23.06 -23.71
CA ALA A 80 -0.88 -23.97 -24.66
C ALA A 80 -1.87 -24.62 -25.61
N GLY A 81 -3.14 -24.26 -25.54
CA GLY A 81 -4.13 -24.69 -26.52
C GLY A 81 -5.01 -25.86 -26.12
N ALA A 82 -5.02 -26.24 -24.85
CA ALA A 82 -5.83 -27.38 -24.43
C ALA A 82 -7.30 -27.13 -24.76
N ARG A 83 -7.96 -28.17 -25.30
CA ARG A 83 -9.39 -28.06 -25.55
C ARG A 83 -10.18 -28.10 -24.25
N LYS A 84 -9.78 -28.96 -23.31
CA LYS A 84 -10.54 -29.18 -22.08
C LYS A 84 -9.60 -29.59 -20.97
N ILE A 85 -9.76 -28.95 -19.82
CA ILE A 85 -8.94 -29.19 -18.64
C ILE A 85 -9.87 -29.45 -17.46
N TYR A 86 -9.72 -30.62 -16.84
CA TYR A 86 -10.43 -30.94 -15.60
C TYR A 86 -9.46 -30.67 -14.45
N ALA A 87 -9.79 -29.68 -13.62
CA ALA A 87 -8.94 -29.24 -12.53
C ALA A 87 -9.55 -29.71 -11.21
N VAL A 88 -8.92 -30.70 -10.60
CA VAL A 88 -9.43 -31.35 -9.40
C VAL A 88 -8.70 -30.77 -8.18
N GLU A 89 -9.45 -30.35 -7.17
CA GLU A 89 -8.86 -29.81 -5.94
C GLU A 89 -9.78 -30.12 -4.77
N ALA A 90 -9.19 -30.66 -3.70
CA ALA A 90 -9.96 -31.15 -2.56
C ALA A 90 -10.12 -30.15 -1.43
N SER A 91 -9.33 -29.08 -1.41
CA SER A 91 -9.48 -28.06 -0.39
C SER A 91 -10.53 -27.03 -0.82
N THR A 92 -10.79 -26.05 0.06
CA THR A 92 -11.70 -24.96 -0.26
C THR A 92 -11.13 -24.03 -1.33
N MET A 93 -9.83 -24.13 -1.63
CA MET A 93 -9.25 -23.40 -2.74
C MET A 93 -9.99 -23.65 -4.04
N ALA A 94 -10.74 -24.76 -4.13
CA ALA A 94 -11.49 -25.03 -5.36
C ALA A 94 -12.42 -23.88 -5.72
N GLN A 95 -13.04 -23.26 -4.70
CA GLN A 95 -13.96 -22.17 -4.97
C GLN A 95 -13.24 -20.95 -5.54
N HIS A 96 -12.00 -20.72 -5.12
CA HIS A 96 -11.23 -19.58 -5.65
C HIS A 96 -10.75 -19.86 -7.07
N ALA A 97 -10.36 -21.11 -7.35
CA ALA A 97 -10.05 -21.48 -8.72
C ALA A 97 -11.23 -21.20 -9.63
N GLU A 98 -12.44 -21.55 -9.18
CA GLU A 98 -13.64 -21.30 -9.96
C GLU A 98 -13.76 -19.82 -10.31
N VAL A 99 -13.52 -18.96 -9.32
CA VAL A 99 -13.64 -17.51 -9.54
C VAL A 99 -12.68 -17.07 -10.63
N LEU A 100 -11.45 -17.58 -10.59
CA LEU A 100 -10.46 -17.17 -11.57
C LEU A 100 -10.81 -17.67 -12.97
N VAL A 101 -11.36 -18.88 -13.06
CA VAL A 101 -11.75 -19.40 -14.37
C VAL A 101 -12.81 -18.51 -14.99
N LYS A 102 -13.78 -18.07 -14.19
CA LYS A 102 -14.80 -17.16 -14.69
C LYS A 102 -14.17 -15.84 -15.14
N SER A 103 -13.38 -15.22 -14.27
CA SER A 103 -12.87 -13.88 -14.57
C SER A 103 -11.82 -13.89 -15.67
N ASN A 104 -11.22 -15.03 -15.99
CA ASN A 104 -10.34 -15.17 -17.15
C ASN A 104 -11.08 -15.69 -18.38
N ASN A 105 -12.41 -15.69 -18.34
CA ASN A 105 -13.27 -16.08 -19.47
C ASN A 105 -12.86 -17.43 -20.06
N LEU A 106 -12.73 -18.45 -19.19
CA LEU A 106 -12.28 -19.77 -19.63
C LEU A 106 -13.21 -20.87 -19.14
N THR A 107 -14.47 -20.55 -18.81
CA THR A 107 -15.37 -21.58 -18.29
C THR A 107 -15.65 -22.65 -19.32
N ASP A 108 -15.57 -22.31 -20.61
CA ASP A 108 -15.79 -23.31 -21.65
C ASP A 108 -14.61 -24.28 -21.77
N ARG A 109 -13.51 -24.04 -21.07
CA ARG A 109 -12.33 -24.85 -21.28
C ARG A 109 -11.75 -25.44 -19.98
N ILE A 110 -11.94 -24.77 -18.86
CA ILE A 110 -11.47 -25.27 -17.57
C ILE A 110 -12.68 -25.59 -16.70
N VAL A 111 -12.79 -26.84 -16.27
CA VAL A 111 -13.85 -27.28 -15.37
C VAL A 111 -13.23 -27.64 -14.03
N VAL A 112 -13.55 -26.84 -13.01
CA VAL A 112 -13.09 -27.13 -11.66
C VAL A 112 -13.98 -28.19 -11.04
N ILE A 113 -13.37 -29.19 -10.43
CA ILE A 113 -14.10 -30.32 -9.85
C ILE A 113 -13.68 -30.45 -8.40
N PRO A 114 -14.52 -30.03 -7.45
CA PRO A 114 -14.14 -30.12 -6.04
C PRO A 114 -14.16 -31.56 -5.53
N GLY A 115 -13.11 -31.92 -4.80
CA GLY A 115 -13.02 -33.20 -4.15
C GLY A 115 -11.68 -33.87 -4.39
N LYS A 116 -11.53 -35.04 -3.76
CA LYS A 116 -10.33 -35.83 -3.91
C LYS A 116 -10.32 -36.51 -5.27
N VAL A 117 -9.14 -36.56 -5.89
CA VAL A 117 -9.06 -37.23 -7.17
C VAL A 117 -9.40 -38.71 -7.07
N GLU A 118 -9.27 -39.30 -5.87
CA GLU A 118 -9.65 -40.68 -5.64
C GLU A 118 -11.16 -40.86 -5.51
N GLU A 119 -11.92 -39.77 -5.44
CA GLU A 119 -13.35 -39.86 -5.15
C GLU A 119 -14.23 -39.20 -6.20
N VAL A 120 -13.71 -38.29 -7.02
CA VAL A 120 -14.55 -37.54 -7.95
C VAL A 120 -14.80 -38.37 -9.19
N SER A 121 -15.77 -37.95 -10.00
CA SER A 121 -16.02 -38.50 -11.32
C SER A 121 -15.48 -37.53 -12.36
N LEU A 122 -14.82 -38.08 -13.38
CA LEU A 122 -14.47 -37.36 -14.59
C LEU A 122 -15.32 -37.88 -15.74
N PRO A 123 -15.87 -37.01 -16.59
CA PRO A 123 -16.74 -37.51 -17.66
C PRO A 123 -16.02 -38.28 -18.75
N GLU A 124 -14.70 -38.16 -18.87
CA GLU A 124 -14.00 -38.77 -20.00
C GLU A 124 -12.53 -38.99 -19.63
N GLN A 125 -11.85 -39.81 -20.45
CA GLN A 125 -10.43 -40.05 -20.31
C GLN A 125 -9.65 -38.86 -20.87
N VAL A 126 -8.41 -38.71 -20.41
CA VAL A 126 -7.62 -37.54 -20.73
C VAL A 126 -6.35 -37.95 -21.46
N ASP A 127 -5.75 -36.97 -22.15
CA ASP A 127 -4.53 -37.18 -22.91
C ASP A 127 -3.27 -37.00 -22.06
N ILE A 128 -3.35 -36.22 -20.98
CA ILE A 128 -2.17 -35.85 -20.23
C ILE A 128 -2.60 -35.39 -18.85
N ILE A 129 -1.85 -35.81 -17.83
CA ILE A 129 -2.07 -35.39 -16.45
C ILE A 129 -0.94 -34.44 -16.08
N ILE A 130 -1.29 -33.33 -15.44
CA ILE A 130 -0.32 -32.38 -14.91
C ILE A 130 -0.59 -32.22 -13.42
N SER A 131 0.47 -32.04 -12.64
CA SER A 131 0.32 -31.89 -11.21
C SER A 131 1.64 -31.38 -10.64
N GLU A 132 1.59 -30.89 -9.41
CA GLU A 132 2.76 -30.61 -8.59
C GLU A 132 2.66 -31.51 -7.36
N PRO A 133 2.99 -32.79 -7.50
CA PRO A 133 2.83 -33.74 -6.38
C PRO A 133 4.02 -33.86 -5.43
N MET A 134 5.10 -33.12 -5.67
CA MET A 134 6.31 -33.31 -4.90
C MET A 134 6.20 -32.63 -3.54
N GLY A 135 6.57 -33.36 -2.50
CA GLY A 135 6.76 -32.82 -1.18
C GLY A 135 8.23 -32.76 -0.83
N TYR A 136 8.51 -32.31 0.40
CA TYR A 136 9.88 -32.40 0.89
C TYR A 136 10.44 -33.79 0.61
N MET A 137 11.69 -33.86 0.20
CA MET A 137 12.31 -35.16 -0.05
C MET A 137 11.53 -35.92 -1.12
N LEU A 138 10.79 -35.18 -1.94
CA LEU A 138 9.94 -35.69 -3.00
C LEU A 138 8.67 -36.34 -2.47
N PHE A 139 8.82 -37.26 -1.50
CA PHE A 139 7.74 -38.16 -1.14
C PHE A 139 6.79 -37.61 -0.08
N ASN A 140 7.22 -36.63 0.71
CA ASN A 140 6.35 -36.15 1.77
C ASN A 140 4.99 -35.73 1.23
N GLU A 141 3.94 -35.99 2.02
CA GLU A 141 2.56 -35.62 1.72
C GLU A 141 1.82 -36.79 1.06
N ARG A 142 2.56 -37.78 0.54
CA ARG A 142 1.97 -38.93 -0.15
C ARG A 142 1.04 -38.47 -1.28
N MET A 143 1.32 -37.29 -1.83
CA MET A 143 0.58 -36.79 -2.98
C MET A 143 0.94 -37.54 -4.25
N LEU A 144 2.14 -38.10 -4.31
CA LEU A 144 2.53 -38.89 -5.47
C LEU A 144 1.57 -40.04 -5.71
N GLU A 145 1.02 -40.62 -4.64
CA GLU A 145 0.08 -41.72 -4.82
C GLU A 145 -1.23 -41.24 -5.45
N SER A 146 -1.67 -40.01 -5.13
CA SER A 146 -2.85 -39.46 -5.79
C SER A 146 -2.58 -39.20 -7.27
N TYR A 147 -1.38 -38.71 -7.59
CA TYR A 147 -0.98 -38.49 -8.98
C TYR A 147 -0.98 -39.79 -9.76
N LEU A 148 -0.40 -40.84 -9.18
CA LEU A 148 -0.41 -42.13 -9.84
C LEU A 148 -1.82 -42.72 -9.90
N HIS A 149 -2.58 -42.61 -8.80
CA HIS A 149 -3.96 -43.04 -8.80
C HIS A 149 -4.72 -42.47 -10.00
N ALA A 150 -4.43 -41.22 -10.34
CA ALA A 150 -5.16 -40.54 -11.39
C ALA A 150 -4.97 -41.20 -12.76
N LYS A 151 -3.99 -42.09 -12.91
CA LYS A 151 -3.76 -42.71 -14.20
C LYS A 151 -4.96 -43.52 -14.68
N LYS A 152 -5.88 -43.86 -13.78
CA LYS A 152 -7.09 -44.54 -14.21
C LYS A 152 -7.86 -43.72 -15.24
N TYR A 153 -7.65 -42.40 -15.25
CA TYR A 153 -8.29 -41.53 -16.21
C TYR A 153 -7.43 -41.26 -17.44
N LEU A 154 -6.23 -41.83 -17.50
CA LEU A 154 -5.30 -41.56 -18.59
C LEU A 154 -5.55 -42.51 -19.74
N LYS A 155 -5.63 -41.96 -20.94
CA LYS A 155 -5.73 -42.80 -22.13
C LYS A 155 -4.50 -43.69 -22.25
N PRO A 156 -4.60 -44.75 -23.05
CA PRO A 156 -3.43 -45.61 -23.28
C PRO A 156 -2.17 -44.84 -23.68
N SER A 157 -2.31 -43.89 -24.60
CA SER A 157 -1.17 -43.15 -25.14
C SER A 157 -0.61 -42.13 -24.16
N GLY A 158 -1.27 -41.94 -23.01
CA GLY A 158 -1.18 -40.68 -22.30
C GLY A 158 0.17 -40.40 -21.67
N ASN A 159 0.40 -39.11 -21.41
CA ASN A 159 1.63 -38.60 -20.84
C ASN A 159 1.38 -38.05 -19.44
N MET A 160 2.48 -37.75 -18.75
CA MET A 160 2.40 -37.19 -17.40
C MET A 160 3.47 -36.14 -17.22
N PHE A 161 3.06 -35.00 -16.69
CA PHE A 161 3.91 -33.84 -16.47
C PHE A 161 3.83 -33.50 -14.98
N PRO A 162 4.83 -33.86 -14.16
CA PRO A 162 6.13 -34.45 -14.55
C PRO A 162 6.08 -35.94 -14.87
N THR A 163 7.07 -36.38 -15.66
CA THR A 163 7.13 -37.75 -16.17
C THR A 163 7.94 -38.66 -15.26
N ILE A 164 9.03 -38.16 -14.68
CA ILE A 164 9.85 -38.95 -13.78
C ILE A 164 10.35 -38.06 -12.64
N GLY A 165 10.71 -38.70 -11.54
CA GLY A 165 11.38 -38.00 -10.46
C GLY A 165 12.62 -38.75 -10.04
N ASP A 166 13.68 -37.99 -9.76
CA ASP A 166 14.94 -38.50 -9.25
C ASP A 166 15.15 -37.98 -7.84
N VAL A 167 15.25 -38.88 -6.89
CA VAL A 167 15.69 -38.52 -5.54
C VAL A 167 17.18 -38.75 -5.43
N HIS A 168 17.89 -37.78 -4.87
CA HIS A 168 19.34 -37.88 -4.69
C HIS A 168 19.68 -37.92 -3.21
N LEU A 169 20.52 -38.89 -2.84
CA LEU A 169 21.06 -39.01 -1.49
C LEU A 169 22.57 -38.84 -1.53
N ALA A 170 23.13 -38.19 -0.51
CA ALA A 170 24.59 -38.10 -0.41
C ALA A 170 25.00 -37.91 1.03
N PRO A 171 26.17 -38.43 1.42
CA PRO A 171 26.67 -38.22 2.78
C PRO A 171 27.24 -36.83 2.99
N PHE A 172 27.04 -36.29 4.19
CA PHE A 172 27.51 -34.95 4.49
C PHE A 172 28.24 -34.90 5.83
N THR A 173 29.12 -33.90 5.97
CA THR A 173 29.74 -33.56 7.24
C THR A 173 29.32 -32.14 7.63
N ASP A 174 28.77 -31.99 8.84
CA ASP A 174 28.34 -30.68 9.36
C ASP A 174 28.42 -30.77 10.89
N GLU A 175 29.64 -30.62 11.40
CA GLU A 175 29.90 -30.75 12.83
C GLU A 175 29.00 -29.81 13.64
N GLN A 176 28.77 -28.60 13.12
CA GLN A 176 28.00 -27.62 13.89
C GLN A 176 26.53 -28.00 13.94
N LEU A 177 25.99 -28.56 12.86
CA LEU A 177 24.61 -29.03 12.90
C LEU A 177 24.47 -30.17 13.91
N TYR A 178 25.43 -31.08 13.93
CA TYR A 178 25.38 -32.22 14.82
C TYR A 178 25.45 -31.78 16.28
N MET A 179 26.39 -30.90 16.61
CA MET A 179 26.58 -30.48 18.00
C MET A 179 25.40 -29.63 18.48
N GLU A 180 24.77 -28.89 17.56
CA GLU A 180 23.59 -28.09 17.89
C GLU A 180 22.48 -28.93 18.51
N GLN A 181 22.38 -30.21 18.14
CA GLN A 181 21.38 -31.07 18.75
C GLN A 181 21.59 -31.19 20.25
N PHE A 182 22.83 -31.43 20.67
CA PHE A 182 23.11 -31.66 22.07
C PHE A 182 23.07 -30.39 22.90
N THR A 183 23.48 -29.26 22.31
CA THR A 183 23.34 -27.97 22.97
C THR A 183 21.89 -27.70 23.33
N LYS A 184 20.97 -28.01 22.42
CA LYS A 184 19.55 -27.82 22.70
C LYS A 184 19.09 -28.78 23.80
N ALA A 185 19.44 -30.07 23.64
CA ALA A 185 19.01 -31.07 24.61
C ALA A 185 19.58 -30.80 26.01
N ASN A 186 20.81 -30.30 26.09
CA ASN A 186 21.43 -30.08 27.39
C ASN A 186 20.70 -29.04 28.23
N PHE A 187 19.67 -28.38 27.69
CA PHE A 187 18.77 -27.63 28.56
C PHE A 187 18.30 -28.50 29.71
N TRP A 188 18.02 -29.77 29.42
CA TRP A 188 17.50 -30.68 30.42
C TRP A 188 18.57 -31.19 31.38
N TYR A 189 19.85 -31.05 31.04
CA TYR A 189 20.92 -31.55 31.89
C TYR A 189 21.34 -30.50 32.92
N GLN A 190 20.40 -30.22 33.82
CA GLN A 190 20.72 -29.41 34.96
C GLN A 190 20.04 -29.89 36.24
N PRO A 191 20.76 -29.93 37.36
CA PRO A 191 20.23 -30.61 38.55
C PRO A 191 19.29 -29.76 39.39
N SER A 192 19.16 -28.47 39.10
CA SER A 192 18.28 -27.61 39.91
C SER A 192 17.79 -26.45 39.07
N PHE A 193 16.88 -26.76 38.16
CA PHE A 193 16.13 -25.76 37.41
C PHE A 193 14.97 -25.30 38.28
N HIS A 194 15.13 -24.14 38.92
CA HIS A 194 14.17 -23.66 39.91
C HIS A 194 13.92 -24.75 40.96
N GLY A 195 14.97 -25.49 41.30
CA GLY A 195 14.91 -26.52 42.31
C GLY A 195 14.59 -27.91 41.82
N VAL A 196 14.48 -28.12 40.51
CA VAL A 196 14.00 -29.37 39.94
C VAL A 196 15.12 -29.97 39.11
N ASP A 197 15.40 -31.26 39.34
CA ASP A 197 16.42 -31.99 38.59
C ASP A 197 15.82 -32.49 37.28
N LEU A 198 16.18 -31.87 36.17
CA LEU A 198 15.60 -32.20 34.88
C LEU A 198 16.38 -33.28 34.13
N SER A 199 17.56 -33.66 34.64
CA SER A 199 18.53 -34.39 33.84
C SER A 199 18.05 -35.74 33.36
N ALA A 200 17.05 -36.35 34.02
CA ALA A 200 16.56 -37.66 33.59
C ALA A 200 15.94 -37.62 32.20
N LEU A 201 15.58 -36.44 31.71
CA LEU A 201 14.91 -36.30 30.41
C LEU A 201 15.88 -35.95 29.29
N ARG A 202 17.15 -35.74 29.61
CA ARG A 202 18.11 -35.31 28.60
C ARG A 202 18.16 -36.27 27.41
N GLY A 203 18.16 -37.58 27.69
CA GLY A 203 18.24 -38.54 26.61
C GLY A 203 16.98 -38.56 25.74
N ALA A 204 15.81 -38.40 26.37
CA ALA A 204 14.58 -38.29 25.61
C ALA A 204 14.58 -37.07 24.71
N ALA A 205 15.17 -35.95 25.18
CA ALA A 205 15.25 -34.74 24.36
C ALA A 205 16.17 -34.94 23.17
N VAL A 206 17.34 -35.54 23.40
CA VAL A 206 18.24 -35.85 22.29
C VAL A 206 17.53 -36.68 21.24
N ASP A 207 16.85 -37.75 21.68
CA ASP A 207 16.15 -38.62 20.74
C ASP A 207 15.16 -37.83 19.90
N GLU A 208 14.40 -36.94 20.53
CA GLU A 208 13.35 -36.20 19.83
C GLU A 208 13.93 -35.29 18.75
N TYR A 209 15.03 -34.60 19.06
CA TYR A 209 15.64 -33.74 18.03
C TYR A 209 16.15 -34.55 16.86
N PHE A 210 16.76 -35.70 17.13
CA PHE A 210 17.37 -36.49 16.07
C PHE A 210 16.33 -37.16 15.18
N ARG A 211 15.12 -37.38 15.68
CA ARG A 211 14.05 -37.93 14.85
C ARG A 211 13.56 -36.95 13.80
N GLN A 212 13.98 -35.69 13.86
CA GLN A 212 13.45 -34.67 12.95
C GLN A 212 14.39 -34.50 11.77
N PRO A 213 13.92 -34.70 10.53
CA PRO A 213 14.73 -34.27 9.38
C PRO A 213 14.84 -32.76 9.32
N VAL A 214 16.03 -32.28 8.97
CA VAL A 214 16.34 -30.85 8.98
C VAL A 214 16.09 -30.30 7.59
N VAL A 215 15.11 -29.40 7.48
CA VAL A 215 14.79 -28.75 6.22
C VAL A 215 15.48 -27.39 6.21
N ASP A 216 16.36 -27.22 5.25
CA ASP A 216 17.42 -26.21 5.26
C ASP A 216 18.12 -26.31 3.92
N THR A 217 18.90 -25.30 3.58
CA THR A 217 19.86 -25.39 2.49
C THR A 217 21.26 -25.40 3.10
N PHE A 218 22.27 -25.57 2.25
CA PHE A 218 23.63 -25.76 2.73
C PHE A 218 24.59 -25.66 1.56
N ASP A 219 25.85 -25.36 1.88
CA ASP A 219 26.91 -25.31 0.88
C ASP A 219 27.27 -26.71 0.41
N ILE A 220 27.44 -26.85 -0.89
CA ILE A 220 27.72 -28.17 -1.45
C ILE A 220 29.06 -28.73 -0.96
N ARG A 221 29.90 -27.91 -0.33
CA ARG A 221 31.19 -28.39 0.13
C ARG A 221 31.06 -29.32 1.33
N ILE A 222 29.88 -29.39 1.96
CA ILE A 222 29.69 -30.39 3.02
C ILE A 222 29.45 -31.79 2.47
N LEU A 223 29.16 -31.92 1.18
CA LEU A 223 28.92 -33.24 0.59
C LEU A 223 30.24 -33.98 0.44
N MET A 224 30.24 -35.26 0.82
CA MET A 224 31.46 -36.04 0.87
C MET A 224 31.54 -37.12 -0.20
N ALA A 225 30.49 -37.31 -0.98
CA ALA A 225 30.55 -38.25 -2.09
C ALA A 225 29.50 -37.91 -3.13
N LYS A 226 29.75 -38.33 -4.37
CA LYS A 226 28.78 -38.23 -5.45
C LYS A 226 27.45 -38.86 -5.01
N SER A 227 26.37 -38.18 -5.34
CA SER A 227 25.06 -38.63 -4.88
C SER A 227 24.68 -39.96 -5.53
N VAL A 228 23.78 -40.67 -4.88
CA VAL A 228 23.15 -41.87 -5.41
C VAL A 228 21.71 -41.52 -5.74
N LYS A 229 21.20 -42.08 -6.83
CA LYS A 229 19.95 -41.66 -7.45
C LYS A 229 18.94 -42.79 -7.38
N TYR A 230 17.74 -42.47 -6.91
CA TYR A 230 16.60 -43.38 -6.94
C TYR A 230 15.49 -42.73 -7.76
N THR A 231 15.02 -43.45 -8.77
CA THR A 231 14.16 -42.88 -9.80
C THR A 231 12.76 -43.49 -9.73
N VAL A 232 11.76 -42.64 -9.85
CA VAL A 232 10.37 -43.06 -10.00
C VAL A 232 9.90 -42.63 -11.38
N ASN A 233 9.53 -43.59 -12.22
CA ASN A 233 8.90 -43.33 -13.51
C ASN A 233 7.39 -43.29 -13.28
N PHE A 234 6.80 -42.10 -13.38
CA PHE A 234 5.39 -41.94 -13.09
C PHE A 234 4.48 -42.58 -14.14
N LEU A 235 5.01 -42.83 -15.34
CA LEU A 235 4.23 -43.54 -16.34
C LEU A 235 4.05 -45.01 -15.98
N GLU A 236 4.94 -45.57 -15.17
CA GLU A 236 4.99 -47.00 -14.92
C GLU A 236 4.67 -47.38 -13.47
N ALA A 237 4.95 -46.50 -12.51
CA ALA A 237 4.76 -46.85 -11.11
C ALA A 237 3.29 -47.03 -10.77
N LYS A 238 3.03 -47.89 -9.79
CA LYS A 238 1.71 -48.06 -9.20
C LYS A 238 1.73 -47.47 -7.80
N GLU A 239 0.55 -47.17 -7.28
CA GLU A 239 0.47 -46.56 -5.95
C GLU A 239 1.20 -47.40 -4.93
N GLY A 240 1.04 -48.73 -5.02
CA GLY A 240 1.64 -49.60 -4.04
C GLY A 240 3.14 -49.58 -4.02
N ASP A 241 3.77 -49.17 -5.13
CA ASP A 241 5.22 -49.07 -5.16
C ASP A 241 5.74 -48.08 -4.13
N LEU A 242 4.92 -47.13 -3.69
CA LEU A 242 5.36 -46.05 -2.82
C LEU A 242 5.04 -46.29 -1.35
N HIS A 243 4.49 -47.46 -1.00
CA HIS A 243 4.25 -47.76 0.40
C HIS A 243 5.52 -48.18 1.14
N ARG A 244 6.45 -48.82 0.43
CA ARG A 244 7.72 -49.28 0.99
C ARG A 244 8.80 -48.97 -0.05
N ILE A 245 9.60 -47.95 0.22
CA ILE A 245 10.63 -47.48 -0.70
C ILE A 245 11.99 -47.81 -0.09
N GLU A 246 12.73 -48.72 -0.73
CA GLU A 246 14.04 -49.13 -0.26
C GLU A 246 15.09 -48.56 -1.22
N ILE A 247 15.95 -47.69 -0.70
CA ILE A 247 17.00 -47.06 -1.50
C ILE A 247 18.36 -47.57 -1.03
N PRO A 248 18.91 -48.60 -1.66
CA PRO A 248 20.28 -49.01 -1.32
C PRO A 248 21.26 -47.91 -1.70
N PHE A 249 22.41 -47.90 -1.03
CA PHE A 249 23.46 -46.97 -1.44
C PHE A 249 24.84 -47.53 -1.12
N LYS A 250 25.78 -47.19 -1.99
CA LYS A 250 27.21 -47.46 -1.80
C LYS A 250 27.91 -46.19 -2.24
N PHE A 251 28.34 -45.38 -1.29
CA PHE A 251 29.05 -44.16 -1.60
C PHE A 251 30.55 -44.41 -1.60
N HIS A 252 31.22 -43.86 -2.60
CA HIS A 252 32.68 -43.89 -2.68
C HIS A 252 33.18 -42.53 -2.22
N MET A 253 33.79 -42.51 -1.04
CA MET A 253 34.04 -41.26 -0.33
C MET A 253 35.11 -40.45 -1.05
N LEU A 254 34.79 -39.21 -1.37
CA LEU A 254 35.74 -38.31 -2.01
C LEU A 254 36.57 -37.51 -1.01
N HIS A 255 36.12 -37.42 0.25
CA HIS A 255 36.82 -36.67 1.27
C HIS A 255 36.85 -37.51 2.55
N SER A 256 37.95 -37.37 3.30
CA SER A 256 38.04 -37.98 4.62
C SER A 256 37.38 -37.05 5.65
N GLY A 257 36.77 -37.66 6.65
CA GLY A 257 36.16 -36.90 7.74
C GLY A 257 35.04 -37.68 8.38
N LEU A 258 34.31 -37.00 9.25
CA LEU A 258 33.17 -37.59 9.93
C LEU A 258 31.91 -37.35 9.11
N VAL A 259 31.14 -38.43 8.92
CA VAL A 259 29.85 -38.37 8.23
C VAL A 259 28.76 -38.22 9.27
N HIS A 260 28.00 -37.12 9.20
CA HIS A 260 26.99 -36.83 10.21
C HIS A 260 25.58 -37.17 9.75
N GLY A 261 25.40 -37.56 8.50
CA GLY A 261 24.08 -37.94 8.04
C GLY A 261 24.01 -37.98 6.52
N LEU A 262 22.78 -38.09 6.03
CA LEU A 262 22.51 -38.09 4.60
C LEU A 262 21.69 -36.87 4.22
N ALA A 263 22.06 -36.27 3.09
CA ALA A 263 21.32 -35.16 2.51
C ALA A 263 20.46 -35.66 1.37
N PHE A 264 19.29 -35.08 1.21
CA PHE A 264 18.32 -35.48 0.20
C PHE A 264 17.89 -34.28 -0.63
N TRP A 265 17.71 -34.50 -1.93
CA TRP A 265 17.07 -33.52 -2.81
C TRP A 265 16.51 -34.29 -3.99
N PHE A 266 15.80 -33.58 -4.88
CA PHE A 266 15.20 -34.27 -6.01
C PHE A 266 15.14 -33.39 -7.25
N ASP A 267 15.01 -34.07 -8.39
CA ASP A 267 14.76 -33.48 -9.69
C ASP A 267 13.52 -34.16 -10.28
N VAL A 268 12.74 -33.42 -11.07
CA VAL A 268 11.72 -34.04 -11.89
C VAL A 268 11.93 -33.58 -13.32
N ALA A 269 11.50 -34.41 -14.27
CA ALA A 269 11.63 -34.13 -15.68
C ALA A 269 10.25 -34.18 -16.33
N PHE A 270 9.98 -33.18 -17.18
CA PHE A 270 8.79 -33.13 -18.02
C PHE A 270 9.23 -33.61 -19.40
N ILE A 271 8.99 -34.88 -19.70
CA ILE A 271 9.47 -35.48 -20.96
C ILE A 271 8.38 -35.23 -22.00
N GLY A 272 8.56 -34.15 -22.76
CA GLY A 272 7.60 -33.80 -23.78
C GLY A 272 7.98 -34.31 -25.16
N SER A 273 7.06 -34.10 -26.10
CA SER A 273 7.31 -34.49 -27.48
C SER A 273 8.36 -33.60 -28.12
N ILE A 274 8.37 -32.32 -27.75
CA ILE A 274 9.31 -31.38 -28.34
C ILE A 274 10.61 -31.34 -27.55
N MET A 275 10.54 -31.41 -26.23
CA MET A 275 11.76 -31.37 -25.43
C MET A 275 11.47 -31.86 -24.03
N THR A 276 12.56 -32.12 -23.30
CA THR A 276 12.52 -32.53 -21.90
C THR A 276 12.98 -31.34 -21.06
N VAL A 277 12.17 -30.97 -20.08
CA VAL A 277 12.45 -29.83 -19.22
C VAL A 277 12.63 -30.34 -17.79
N TRP A 278 13.67 -29.86 -17.12
CA TRP A 278 14.01 -30.31 -15.77
C TRP A 278 13.70 -29.24 -14.74
N LEU A 279 13.24 -29.69 -13.57
CA LEU A 279 13.06 -28.85 -12.39
C LEU A 279 13.87 -29.50 -11.29
N SER A 280 14.93 -28.81 -10.86
CA SER A 280 15.87 -29.35 -9.89
C SER A 280 15.80 -28.59 -8.58
N THR A 281 15.86 -29.33 -7.46
CA THR A 281 16.00 -28.75 -6.13
C THR A 281 17.37 -29.05 -5.54
N ALA A 282 18.36 -29.38 -6.38
CA ALA A 282 19.70 -29.67 -5.93
C ALA A 282 20.30 -28.46 -5.22
N PRO A 283 21.25 -28.69 -4.31
CA PRO A 283 21.93 -27.56 -3.64
C PRO A 283 22.84 -26.77 -4.56
N THR A 284 23.16 -27.29 -5.74
CA THR A 284 23.90 -26.54 -6.75
C THR A 284 23.04 -25.56 -7.52
N GLU A 285 21.72 -25.60 -7.30
CA GLU A 285 20.73 -24.83 -8.06
C GLU A 285 20.07 -23.80 -7.15
N PRO A 286 19.49 -22.75 -7.73
CA PRO A 286 18.83 -21.73 -6.89
C PRO A 286 17.80 -22.36 -5.98
N LEU A 287 17.64 -21.76 -4.82
CA LEU A 287 16.76 -22.30 -3.79
C LEU A 287 15.30 -22.29 -4.24
N THR A 288 14.57 -23.31 -3.80
CA THR A 288 13.14 -23.44 -4.04
C THR A 288 12.45 -23.62 -2.69
N HIS A 289 11.12 -23.58 -2.69
CA HIS A 289 10.39 -23.79 -1.44
C HIS A 289 10.44 -25.24 -0.97
N TRP A 290 11.11 -26.13 -1.71
CA TRP A 290 11.41 -27.47 -1.22
C TRP A 290 12.72 -27.54 -0.44
N TYR A 291 13.60 -26.55 -0.58
CA TYR A 291 14.89 -26.52 0.08
C TYR A 291 15.64 -27.82 -0.17
N GLN A 292 16.31 -28.33 0.85
CA GLN A 292 16.89 -29.67 0.86
C GLN A 292 16.58 -30.25 2.23
N VAL A 293 16.80 -31.55 2.38
CA VAL A 293 16.51 -32.25 3.63
C VAL A 293 17.75 -33.03 4.07
N ARG A 294 18.04 -32.97 5.37
CA ARG A 294 19.13 -33.72 5.94
C ARG A 294 18.65 -34.54 7.12
N CYS A 295 19.09 -35.80 7.13
CA CYS A 295 18.79 -36.76 8.18
C CYS A 295 20.10 -37.09 8.89
N LEU A 296 20.16 -36.77 10.18
CA LEU A 296 21.38 -37.00 10.94
C LEU A 296 21.47 -38.47 11.35
N PHE A 297 22.71 -38.93 11.50
CA PHE A 297 23.02 -40.15 12.25
C PHE A 297 23.18 -39.75 13.71
N GLN A 298 22.72 -40.60 14.64
CA GLN A 298 22.95 -40.19 16.03
C GLN A 298 24.41 -40.40 16.45
N SER A 299 25.15 -41.30 15.81
CA SER A 299 26.60 -41.37 15.98
C SER A 299 27.27 -41.21 14.62
N PRO A 300 28.15 -40.21 14.43
CA PRO A 300 28.83 -40.07 13.14
C PRO A 300 29.75 -41.25 12.84
N LEU A 301 30.14 -41.34 11.58
CA LEU A 301 31.01 -42.40 11.09
C LEU A 301 32.27 -41.77 10.51
N PHE A 302 33.43 -42.23 10.95
CA PHE A 302 34.67 -41.78 10.36
C PHE A 302 34.95 -42.58 9.09
N ALA A 303 35.25 -41.89 8.00
CA ALA A 303 35.64 -42.55 6.75
C ALA A 303 36.79 -41.80 6.12
N LYS A 304 37.67 -42.56 5.46
CA LYS A 304 38.76 -42.00 4.66
C LYS A 304 38.29 -41.86 3.21
N ALA A 305 38.83 -40.86 2.53
CA ALA A 305 38.70 -40.80 1.07
C ALA A 305 39.08 -42.16 0.50
N GLY A 306 38.24 -42.68 -0.40
CA GLY A 306 38.45 -43.98 -0.97
C GLY A 306 37.72 -45.11 -0.25
N ASP A 307 37.29 -44.90 1.00
CA ASP A 307 36.44 -45.88 1.65
C ASP A 307 35.07 -45.93 0.96
N THR A 308 34.29 -46.94 1.30
CA THR A 308 32.91 -47.03 0.83
C THR A 308 31.97 -47.03 2.02
N LEU A 309 30.96 -46.18 1.97
CA LEU A 309 29.89 -46.11 2.97
C LEU A 309 28.66 -46.73 2.34
N SER A 310 28.20 -47.86 2.90
CA SER A 310 27.12 -48.62 2.30
C SER A 310 26.01 -48.83 3.32
N GLY A 311 24.79 -48.97 2.80
CA GLY A 311 23.64 -49.18 3.66
C GLY A 311 22.34 -49.03 2.88
N THR A 312 21.30 -48.65 3.61
CA THR A 312 19.95 -48.65 3.08
C THR A 312 19.19 -47.50 3.72
N CYS A 313 18.41 -46.81 2.90
CA CYS A 313 17.42 -45.84 3.36
C CYS A 313 16.06 -46.43 3.06
N LEU A 314 15.29 -46.74 4.09
CA LEU A 314 13.98 -47.36 3.95
C LEU A 314 12.91 -46.36 4.38
N LEU A 315 11.99 -46.08 3.46
CA LEU A 315 10.88 -45.17 3.70
C LEU A 315 9.60 -45.98 3.75
N ILE A 316 8.93 -45.96 4.90
CA ILE A 316 7.69 -46.69 5.10
C ILE A 316 6.55 -45.69 5.25
N ALA A 317 5.61 -45.71 4.31
CA ALA A 317 4.49 -44.77 4.35
C ALA A 317 3.63 -45.01 5.60
N ASN A 318 3.15 -43.92 6.19
CA ASN A 318 2.27 -43.95 7.34
C ASN A 318 0.98 -43.20 7.02
N LYS A 319 -0.01 -43.35 7.91
CA LYS A 319 -1.31 -42.75 7.71
C LYS A 319 -1.34 -41.25 8.01
N ARG A 320 -0.21 -40.65 8.39
CA ARG A 320 -0.12 -39.19 8.50
C ARG A 320 0.40 -38.54 7.22
N GLN A 321 0.14 -39.14 6.06
CA GLN A 321 0.51 -38.57 4.77
C GLN A 321 2.01 -38.32 4.71
N SER A 322 2.78 -39.21 5.32
CA SER A 322 4.23 -39.03 5.33
C SER A 322 4.88 -40.40 5.45
N TYR A 323 6.15 -40.41 5.87
CA TYR A 323 6.96 -41.60 5.92
C TYR A 323 7.73 -41.69 7.23
N ASP A 324 7.87 -42.92 7.73
CA ASP A 324 8.86 -43.24 8.74
C ASP A 324 10.16 -43.58 8.02
N ILE A 325 11.26 -42.95 8.42
CA ILE A 325 12.55 -43.10 7.74
C ILE A 325 13.49 -43.93 8.62
N SER A 326 14.06 -44.97 8.04
CA SER A 326 15.05 -45.82 8.70
C SER A 326 16.31 -45.81 7.85
N ILE A 327 17.39 -45.24 8.38
CA ILE A 327 18.67 -45.19 7.69
C ILE A 327 19.67 -46.03 8.46
N VAL A 328 20.30 -46.98 7.76
CA VAL A 328 21.34 -47.84 8.30
C VAL A 328 22.55 -47.70 7.40
N ALA A 329 23.72 -47.40 7.99
CA ALA A 329 24.92 -47.14 7.21
C ALA A 329 26.13 -47.73 7.91
N GLN A 330 27.11 -48.14 7.11
CA GLN A 330 28.35 -48.67 7.64
C GLN A 330 29.51 -48.35 6.71
N VAL A 331 30.67 -48.11 7.32
CA VAL A 331 31.93 -47.95 6.59
C VAL A 331 32.51 -49.34 6.38
N ASP A 332 32.48 -49.81 5.12
CA ASP A 332 32.85 -51.21 4.87
C ASP A 332 34.25 -51.52 5.38
N GLN A 333 35.19 -50.59 5.22
CA GLN A 333 36.58 -50.92 5.54
C GLN A 333 36.82 -51.07 7.03
N THR A 334 36.01 -50.45 7.88
CA THR A 334 36.21 -50.53 9.32
C THR A 334 35.09 -51.23 10.07
N GLY A 335 33.92 -51.37 9.46
CA GLY A 335 32.80 -51.96 10.16
C GLY A 335 32.04 -51.01 11.05
N SER A 336 32.34 -49.71 11.00
CA SER A 336 31.69 -48.69 11.85
C SER A 336 30.24 -48.53 11.39
N LYS A 337 29.27 -48.86 12.24
CA LYS A 337 27.83 -48.83 11.85
C LYS A 337 27.09 -47.73 12.58
N SER A 338 26.08 -47.15 11.93
CA SER A 338 25.19 -46.14 12.55
C SER A 338 23.80 -46.37 12.01
N SER A 339 22.79 -46.22 12.85
CA SER A 339 21.37 -46.37 12.46
C SER A 339 20.69 -45.03 12.68
N ASN A 340 19.42 -44.88 12.35
CA ASN A 340 18.64 -43.67 12.70
C ASN A 340 17.20 -43.84 12.26
N LEU A 341 16.27 -43.47 13.11
CA LEU A 341 14.84 -43.53 12.81
C LEU A 341 14.32 -42.10 12.87
N LEU A 342 13.80 -41.58 11.77
CA LEU A 342 13.32 -40.19 11.70
C LEU A 342 11.83 -40.18 11.31
N ASP A 343 11.13 -39.09 11.57
CA ASP A 343 9.70 -38.95 11.24
C ASP A 343 9.57 -37.80 10.26
N LEU A 344 9.37 -38.10 8.98
CA LEU A 344 9.27 -37.03 7.97
C LEU A 344 8.06 -36.13 8.19
N LYS A 345 7.09 -36.57 9.00
CA LYS A 345 5.90 -35.75 9.26
C LYS A 345 6.21 -34.52 10.11
N ASN A 346 7.31 -34.55 10.87
CA ASN A 346 7.63 -33.54 11.87
C ASN A 346 9.02 -32.98 11.58
N PRO A 347 9.19 -32.31 10.43
CA PRO A 347 10.51 -31.75 10.10
C PRO A 347 10.85 -30.55 10.98
N PHE A 348 12.15 -30.30 11.12
CA PHE A 348 12.64 -29.10 11.77
C PHE A 348 13.04 -28.10 10.70
N PHE A 349 12.36 -26.95 10.67
CA PHE A 349 12.68 -25.87 9.75
C PHE A 349 13.74 -24.98 10.39
N ARG A 350 14.98 -25.10 9.90
CA ARG A 350 16.16 -24.43 10.45
C ARG A 350 16.52 -23.18 9.68
N TYR A 351 16.14 -23.11 8.40
CA TYR A 351 16.43 -21.96 7.55
C TYR A 351 15.99 -20.66 8.19
N THR A 352 16.78 -19.61 7.96
CA THR A 352 16.51 -18.30 8.52
C THR A 352 16.59 -17.17 7.50
N ARG B 9 -20.78 -38.36 25.92
CA ARG B 9 -19.40 -37.96 25.62
C ARG B 9 -18.97 -36.89 26.62
N SER B 10 -17.66 -36.72 26.77
CA SER B 10 -17.12 -35.80 27.74
C SER B 10 -17.36 -34.36 27.30
N VAL B 11 -17.27 -33.43 28.27
CA VAL B 11 -17.45 -32.02 27.93
C VAL B 11 -16.38 -31.57 26.95
N PHE B 12 -15.17 -32.12 27.04
CA PHE B 12 -14.11 -31.69 26.12
C PHE B 12 -14.47 -32.03 24.67
N SER B 13 -14.84 -33.28 24.43
CA SER B 13 -15.03 -33.74 23.06
C SER B 13 -16.30 -33.15 22.44
N GLU B 14 -17.31 -32.84 23.25
CA GLU B 14 -18.50 -32.22 22.68
C GLU B 14 -18.22 -30.80 22.20
N ARG B 15 -17.20 -30.14 22.74
CA ARG B 15 -16.86 -28.78 22.34
C ARG B 15 -15.65 -28.72 21.42
N THR B 16 -15.08 -29.86 21.02
CA THR B 16 -13.81 -29.89 20.31
C THR B 16 -13.85 -30.87 19.16
N GLU B 17 -13.48 -30.40 17.96
CA GLU B 17 -13.31 -31.32 16.83
C GLU B 17 -12.14 -32.24 17.07
N GLU B 18 -12.33 -33.55 16.80
CA GLU B 18 -11.26 -34.52 16.95
C GLU B 18 -9.97 -34.03 16.30
N SER B 19 -10.05 -33.59 15.03
CA SER B 19 -8.84 -33.21 14.31
C SER B 19 -8.11 -32.07 14.99
N SER B 20 -8.84 -31.15 15.63
CA SER B 20 -8.16 -30.08 16.36
C SER B 20 -7.43 -30.64 17.56
N ALA B 21 -8.07 -31.55 18.30
CA ALA B 21 -7.47 -32.06 19.53
C ALA B 21 -6.25 -32.91 19.25
N VAL B 22 -6.31 -33.76 18.22
CA VAL B 22 -5.16 -34.59 17.88
C VAL B 22 -3.92 -33.71 17.66
N GLN B 23 -4.06 -32.70 16.81
CA GLN B 23 -2.95 -31.78 16.52
C GLN B 23 -2.51 -31.05 17.78
N TYR B 24 -3.46 -30.52 18.55
CA TYR B 24 -3.14 -29.75 19.74
C TYR B 24 -2.27 -30.56 20.70
N PHE B 25 -2.71 -31.78 21.03
CA PHE B 25 -1.97 -32.59 21.99
C PHE B 25 -0.70 -33.21 21.41
N GLN B 26 -0.61 -33.40 20.09
CA GLN B 26 0.66 -33.76 19.49
C GLN B 26 1.69 -32.66 19.70
N PHE B 27 1.27 -31.40 19.48
CA PHE B 27 2.16 -30.26 19.65
C PHE B 27 2.71 -30.18 21.07
N TYR B 28 1.85 -30.41 22.07
CA TYR B 28 2.29 -30.30 23.46
C TYR B 28 2.98 -31.56 23.95
N GLY B 29 3.05 -32.60 23.12
CA GLY B 29 3.81 -33.77 23.48
C GLY B 29 5.32 -33.61 23.33
N TYR B 30 5.78 -32.50 22.76
CA TYR B 30 7.19 -32.36 22.44
C TYR B 30 7.95 -31.65 23.56
N LEU B 31 9.11 -32.21 23.92
CA LEU B 31 9.95 -31.61 24.94
C LEU B 31 10.44 -30.24 24.50
N SER B 32 10.60 -30.01 23.20
CA SER B 32 11.10 -28.73 22.72
C SER B 32 10.11 -27.60 23.04
N GLN B 33 8.81 -27.89 22.98
CA GLN B 33 7.84 -26.88 23.37
C GLN B 33 7.83 -26.65 24.88
N GLN B 34 8.05 -27.71 25.67
CA GLN B 34 8.21 -27.54 27.11
C GLN B 34 9.39 -26.62 27.42
N GLN B 35 10.54 -26.88 26.79
CA GLN B 35 11.71 -26.04 27.00
C GLN B 35 11.38 -24.59 26.67
N ASN B 36 10.70 -24.37 25.55
CA ASN B 36 10.40 -23.00 25.12
C ASN B 36 9.58 -22.26 26.17
N MET B 37 8.63 -22.94 26.81
CA MET B 37 7.82 -22.28 27.83
C MET B 37 8.61 -22.15 29.13
N MET B 38 9.41 -23.15 29.46
CA MET B 38 10.09 -23.16 30.75
C MET B 38 11.21 -22.12 30.82
N GLN B 39 11.90 -21.87 29.69
CA GLN B 39 13.01 -20.93 29.68
C GLN B 39 12.58 -19.47 29.70
N ASP B 40 11.27 -19.19 29.61
CA ASP B 40 10.72 -17.86 29.86
C ASP B 40 10.82 -17.61 31.37
N TYR B 41 11.83 -16.88 31.79
CA TYR B 41 12.08 -16.76 33.23
C TYR B 41 11.00 -15.94 33.93
N VAL B 42 10.43 -14.95 33.23
CA VAL B 42 9.31 -14.22 33.83
C VAL B 42 8.19 -15.17 34.17
N ARG B 43 7.80 -16.01 33.21
CA ARG B 43 6.69 -16.93 33.38
C ARG B 43 6.99 -17.94 34.49
N THR B 44 8.16 -18.58 34.43
CA THR B 44 8.46 -19.64 35.39
C THR B 44 8.80 -19.06 36.75
N GLY B 45 9.57 -17.97 36.79
CA GLY B 45 9.93 -17.36 38.06
C GLY B 45 8.73 -16.79 38.80
N THR B 46 7.77 -16.22 38.06
CA THR B 46 6.62 -15.63 38.72
C THR B 46 5.67 -16.68 39.26
N TYR B 47 5.48 -17.77 38.52
CA TYR B 47 4.72 -18.89 39.05
C TYR B 47 5.36 -19.43 40.32
N GLN B 48 6.69 -19.55 40.34
CA GLN B 48 7.35 -20.06 41.53
C GLN B 48 7.14 -19.11 42.70
N ARG B 49 7.30 -17.81 42.47
CA ARG B 49 7.14 -16.84 43.53
C ARG B 49 5.72 -16.85 44.08
N ALA B 50 4.73 -16.89 43.17
CA ALA B 50 3.33 -16.92 43.60
C ALA B 50 3.06 -18.09 44.53
N ILE B 51 3.66 -19.24 44.24
CA ILE B 51 3.41 -20.44 45.04
C ILE B 51 4.22 -20.41 46.33
N LEU B 52 5.53 -20.15 46.22
CA LEU B 52 6.39 -20.25 47.40
C LEU B 52 6.11 -19.14 48.41
N GLN B 53 5.84 -17.93 47.94
CA GLN B 53 5.53 -16.84 48.87
C GLN B 53 4.16 -16.98 49.50
N ASN B 54 3.30 -17.83 48.96
CA ASN B 54 2.03 -18.17 49.58
C ASN B 54 2.06 -19.62 50.05
N HIS B 55 3.12 -19.99 50.77
CA HIS B 55 3.33 -21.40 51.11
C HIS B 55 2.21 -21.95 51.99
N THR B 56 1.63 -21.11 52.86
CA THR B 56 0.55 -21.60 53.71
C THR B 56 -0.66 -22.05 52.91
N ASP B 57 -0.85 -21.53 51.69
CA ASP B 57 -1.91 -22.02 50.82
C ASP B 57 -1.62 -23.40 50.26
N PHE B 58 -0.43 -23.96 50.52
CA PHE B 58 -0.05 -25.26 50.02
C PHE B 58 0.38 -26.25 51.10
N LYS B 59 0.82 -25.77 52.26
CA LYS B 59 1.31 -26.63 53.33
C LYS B 59 0.25 -27.64 53.74
N ASP B 60 0.60 -28.93 53.59
CA ASP B 60 -0.26 -30.04 53.98
C ASP B 60 -1.61 -30.00 53.27
N LYS B 61 -1.64 -29.48 52.04
CA LYS B 61 -2.86 -29.35 51.27
C LYS B 61 -2.86 -30.34 50.12
N ILE B 62 -4.04 -30.52 49.54
CA ILE B 62 -4.25 -31.35 48.35
C ILE B 62 -4.37 -30.43 47.15
N VAL B 63 -3.63 -30.74 46.09
CA VAL B 63 -3.48 -29.86 44.95
C VAL B 63 -3.87 -30.57 43.66
N LEU B 64 -4.42 -29.80 42.73
CA LEU B 64 -4.67 -30.26 41.37
C LEU B 64 -3.95 -29.33 40.41
N ASP B 65 -3.12 -29.91 39.55
CA ASP B 65 -2.34 -29.19 38.54
C ASP B 65 -2.95 -29.57 37.20
N VAL B 66 -3.62 -28.62 36.55
CA VAL B 66 -4.34 -28.88 35.32
C VAL B 66 -3.43 -28.60 34.13
N GLY B 67 -3.16 -29.63 33.32
CA GLY B 67 -2.31 -29.47 32.16
C GLY B 67 -0.86 -29.30 32.57
N CYS B 68 -0.37 -30.22 33.42
CA CYS B 68 0.90 -30.05 34.12
C CYS B 68 2.11 -30.10 33.19
N GLY B 69 1.96 -30.64 31.99
CA GLY B 69 3.11 -30.77 31.12
C GLY B 69 4.23 -31.54 31.78
N SER B 70 5.43 -30.95 31.78
CA SER B 70 6.59 -31.58 32.38
C SER B 70 6.46 -31.76 33.88
N GLY B 71 5.56 -31.01 34.52
CA GLY B 71 5.31 -31.13 35.94
C GLY B 71 5.79 -29.97 36.78
N ILE B 72 6.27 -28.90 36.16
CA ILE B 72 7.04 -27.88 36.88
C ILE B 72 6.21 -27.27 38.00
N LEU B 73 4.95 -26.94 37.73
CA LEU B 73 4.15 -26.30 38.76
C LEU B 73 3.83 -27.26 39.90
N SER B 74 3.76 -28.57 39.61
CA SER B 74 3.58 -29.54 40.68
C SER B 74 4.80 -29.59 41.57
N PHE B 75 6.00 -29.41 40.99
CA PHE B 75 7.21 -29.40 41.80
C PHE B 75 7.29 -28.15 42.66
N PHE B 76 6.80 -27.01 42.18
CA PHE B 76 6.74 -25.84 43.04
C PHE B 76 5.77 -26.07 44.20
N ALA B 77 4.62 -26.71 43.91
CA ALA B 77 3.66 -27.01 44.97
C ALA B 77 4.26 -27.97 45.99
N ALA B 78 5.11 -28.89 45.55
CA ALA B 78 5.77 -29.80 46.48
C ALA B 78 6.81 -29.06 47.30
N GLN B 79 7.55 -28.14 46.66
CA GLN B 79 8.51 -27.34 47.41
C GLN B 79 7.82 -26.52 48.49
N ALA B 80 6.56 -26.16 48.28
CA ALA B 80 5.80 -25.34 49.22
C ALA B 80 5.11 -26.17 50.29
N GLY B 81 5.29 -27.49 50.30
CA GLY B 81 4.80 -28.31 51.38
C GLY B 81 3.52 -29.06 51.13
N ALA B 82 3.07 -29.17 49.89
CA ALA B 82 1.82 -29.86 49.61
C ALA B 82 1.88 -31.31 50.07
N ARG B 83 0.78 -31.78 50.67
CA ARG B 83 0.69 -33.19 51.04
C ARG B 83 0.56 -34.08 49.81
N LYS B 84 -0.25 -33.65 48.85
CA LYS B 84 -0.54 -34.47 47.68
C LYS B 84 -0.94 -33.59 46.50
N ILE B 85 -0.39 -33.91 45.33
CA ILE B 85 -0.61 -33.14 44.11
C ILE B 85 -1.02 -34.13 43.02
N TYR B 86 -2.23 -33.95 42.49
CA TYR B 86 -2.67 -34.67 41.31
C TYR B 86 -2.36 -33.84 40.08
N ALA B 87 -1.47 -34.35 39.24
CA ALA B 87 -0.97 -33.63 38.07
C ALA B 87 -1.61 -34.27 36.84
N VAL B 88 -2.57 -33.55 36.24
CA VAL B 88 -3.34 -34.07 35.10
C VAL B 88 -2.77 -33.51 33.81
N GLU B 89 -2.58 -34.40 32.82
CA GLU B 89 -2.05 -33.99 31.53
C GLU B 89 -2.52 -34.97 30.47
N ALA B 90 -3.03 -34.44 29.36
CA ALA B 90 -3.64 -35.26 28.32
C ALA B 90 -2.69 -35.62 27.19
N SER B 91 -1.52 -34.98 27.10
CA SER B 91 -0.56 -35.33 26.08
C SER B 91 0.39 -36.43 26.57
N THR B 92 1.21 -36.94 25.64
CA THR B 92 2.21 -37.93 25.99
C THR B 92 3.27 -37.39 26.94
N MET B 93 3.34 -36.07 27.12
CA MET B 93 4.22 -35.48 28.12
C MET B 93 3.95 -36.03 29.51
N ALA B 94 2.78 -36.63 29.75
CA ALA B 94 2.50 -37.22 31.05
C ALA B 94 3.56 -38.24 31.43
N GLN B 95 4.05 -39.00 30.44
CA GLN B 95 5.05 -40.03 30.72
C GLN B 95 6.39 -39.41 31.11
N HIS B 96 6.73 -38.24 30.56
CA HIS B 96 7.98 -37.58 30.97
C HIS B 96 7.84 -36.96 32.34
N ALA B 97 6.66 -36.40 32.65
CA ALA B 97 6.42 -35.93 34.02
C ALA B 97 6.65 -37.05 35.01
N GLU B 98 6.13 -38.25 34.70
CA GLU B 98 6.33 -39.41 35.57
C GLU B 98 7.81 -39.64 35.84
N VAL B 99 8.63 -39.59 34.78
CA VAL B 99 10.06 -39.83 34.94
C VAL B 99 10.66 -38.83 35.93
N LEU B 100 10.29 -37.56 35.79
CA LEU B 100 10.87 -36.53 36.67
C LEU B 100 10.41 -36.71 38.11
N VAL B 101 9.18 -37.15 38.33
CA VAL B 101 8.64 -37.33 39.69
C VAL B 101 9.49 -38.40 40.39
N LYS B 102 9.79 -39.49 39.70
CA LYS B 102 10.61 -40.59 40.27
C LYS B 102 12.07 -40.13 40.45
N SER B 103 12.63 -39.39 39.50
CA SER B 103 14.04 -38.92 39.52
C SER B 103 14.24 -37.86 40.60
N ASN B 104 13.18 -37.14 40.98
CA ASN B 104 13.26 -36.16 42.06
C ASN B 104 12.71 -36.71 43.37
N ASN B 105 12.52 -38.02 43.46
CA ASN B 105 12.15 -38.71 44.69
C ASN B 105 10.91 -38.09 45.33
N LEU B 106 9.87 -37.89 44.51
CA LEU B 106 8.63 -37.27 44.95
C LEU B 106 7.42 -38.12 44.61
N THR B 107 7.62 -39.43 44.48
CA THR B 107 6.53 -40.34 44.15
C THR B 107 5.49 -40.39 45.26
N ASP B 108 5.91 -40.15 46.50
CA ASP B 108 4.98 -40.14 47.63
C ASP B 108 4.09 -38.91 47.61
N ARG B 109 4.31 -37.96 46.69
CA ARG B 109 3.62 -36.68 46.80
C ARG B 109 3.02 -36.19 45.49
N ILE B 110 3.62 -36.51 44.36
CA ILE B 110 3.08 -36.12 43.07
C ILE B 110 2.56 -37.35 42.36
N VAL B 111 1.28 -37.32 42.00
CA VAL B 111 0.62 -38.43 41.30
C VAL B 111 0.18 -37.90 39.95
N VAL B 112 0.87 -38.35 38.90
CA VAL B 112 0.47 -38.01 37.54
C VAL B 112 -0.77 -38.80 37.16
N ILE B 113 -1.72 -38.14 36.53
CA ILE B 113 -2.96 -38.79 36.08
C ILE B 113 -3.15 -38.48 34.61
N PRO B 114 -2.85 -39.43 33.72
CA PRO B 114 -2.94 -39.15 32.28
C PRO B 114 -4.39 -39.03 31.83
N GLY B 115 -4.65 -38.06 30.97
CA GLY B 115 -5.95 -37.88 30.34
C GLY B 115 -6.42 -36.44 30.44
N LYS B 116 -7.59 -36.21 29.87
CA LYS B 116 -8.23 -34.91 29.95
C LYS B 116 -8.82 -34.68 31.33
N VAL B 117 -8.73 -33.46 31.83
CA VAL B 117 -9.28 -33.17 33.15
C VAL B 117 -10.81 -33.28 33.12
N GLU B 118 -11.43 -33.21 31.94
CA GLU B 118 -12.86 -33.45 31.83
C GLU B 118 -13.22 -34.93 31.82
N GLU B 119 -12.22 -35.82 31.81
CA GLU B 119 -12.48 -37.25 31.67
C GLU B 119 -11.86 -38.12 32.75
N VAL B 120 -10.86 -37.65 33.49
CA VAL B 120 -10.15 -38.50 34.43
C VAL B 120 -10.95 -38.59 35.73
N SER B 121 -10.59 -39.55 36.58
CA SER B 121 -11.11 -39.65 37.94
C SER B 121 -10.02 -39.19 38.91
N LEU B 122 -10.39 -38.30 39.81
CA LEU B 122 -9.53 -37.96 40.94
C LEU B 122 -10.05 -38.66 42.19
N PRO B 123 -9.16 -39.18 43.05
CA PRO B 123 -9.66 -39.91 44.22
C PRO B 123 -10.27 -39.01 45.29
N GLU B 124 -10.01 -37.71 45.28
CA GLU B 124 -10.52 -36.85 46.35
C GLU B 124 -10.62 -35.42 45.87
N GLN B 125 -11.38 -34.62 46.62
CA GLN B 125 -11.48 -33.18 46.37
C GLN B 125 -10.21 -32.48 46.83
N VAL B 126 -9.97 -31.30 46.27
CA VAL B 126 -8.70 -30.62 46.46
C VAL B 126 -8.91 -29.24 47.09
N ASP B 127 -7.84 -28.72 47.68
CA ASP B 127 -7.82 -27.42 48.33
C ASP B 127 -7.50 -26.28 47.37
N ILE B 128 -6.79 -26.55 46.28
CA ILE B 128 -6.32 -25.49 45.40
C ILE B 128 -6.01 -26.09 44.03
N ILE B 129 -6.41 -25.37 42.99
CA ILE B 129 -6.10 -25.71 41.60
C ILE B 129 -5.03 -24.76 41.11
N ILE B 130 -4.00 -25.30 40.46
CA ILE B 130 -2.97 -24.51 39.83
C ILE B 130 -2.93 -24.92 38.36
N SER B 131 -2.62 -23.96 37.50
CA SER B 131 -2.52 -24.25 36.08
C SER B 131 -1.89 -23.06 35.36
N GLU B 132 -1.52 -23.28 34.10
CA GLU B 132 -1.19 -22.22 33.16
C GLU B 132 -2.21 -22.33 32.03
N PRO B 133 -3.42 -21.81 32.22
CA PRO B 133 -4.48 -21.94 31.20
C PRO B 133 -4.51 -20.83 30.16
N MET B 134 -3.60 -19.86 30.24
CA MET B 134 -3.64 -18.70 29.36
C MET B 134 -3.02 -19.01 28.01
N GLY B 135 -3.75 -18.69 26.94
CA GLY B 135 -3.22 -18.67 25.60
C GLY B 135 -2.96 -17.26 25.13
N TYR B 136 -2.55 -17.15 23.85
CA TYR B 136 -2.47 -15.84 23.23
C TYR B 136 -3.77 -15.09 23.48
N MET B 137 -3.68 -13.80 23.75
CA MET B 137 -4.87 -13.00 23.98
C MET B 137 -5.70 -13.56 25.12
N LEU B 138 -5.06 -14.34 25.98
CA LEU B 138 -5.65 -15.01 27.14
C LEU B 138 -6.50 -16.21 26.75
N PHE B 139 -7.41 -16.04 25.79
CA PHE B 139 -8.46 -17.03 25.58
C PHE B 139 -8.12 -18.12 24.58
N ASN B 140 -7.09 -17.94 23.76
CA ASN B 140 -6.79 -18.96 22.76
C ASN B 140 -6.56 -20.30 23.43
N GLU B 141 -6.91 -21.37 22.71
CA GLU B 141 -6.78 -22.76 23.15
C GLU B 141 -8.02 -23.24 23.91
N ARG B 142 -8.85 -22.30 24.38
CA ARG B 142 -10.00 -22.63 25.22
C ARG B 142 -9.59 -23.49 26.42
N MET B 143 -8.36 -23.32 26.88
CA MET B 143 -7.87 -24.02 28.06
C MET B 143 -8.49 -23.46 29.34
N LEU B 144 -8.94 -22.20 29.31
CA LEU B 144 -9.59 -21.63 30.49
C LEU B 144 -10.86 -22.39 30.84
N GLU B 145 -11.50 -23.02 29.86
CA GLU B 145 -12.71 -23.78 30.14
C GLU B 145 -12.37 -25.07 30.89
N SER B 146 -11.25 -25.69 30.55
CA SER B 146 -10.81 -26.88 31.29
C SER B 146 -10.44 -26.53 32.73
N TYR B 147 -9.79 -25.38 32.92
CA TYR B 147 -9.43 -24.91 34.26
C TYR B 147 -10.69 -24.67 35.10
N LEU B 148 -11.70 -24.03 34.52
CA LEU B 148 -12.95 -23.81 35.26
C LEU B 148 -13.71 -25.12 35.45
N HIS B 149 -13.73 -25.98 34.42
CA HIS B 149 -14.33 -27.30 34.58
C HIS B 149 -13.77 -28.00 35.82
N ALA B 150 -12.46 -27.86 36.06
CA ALA B 150 -11.81 -28.57 37.16
C ALA B 150 -12.33 -28.15 38.53
N LYS B 151 -13.11 -27.07 38.63
CA LYS B 151 -13.63 -26.67 39.93
C LYS B 151 -14.55 -27.72 40.53
N LYS B 152 -15.07 -28.63 39.70
CA LYS B 152 -15.86 -29.73 40.25
C LYS B 152 -15.07 -30.51 41.30
N TYR B 153 -13.75 -30.46 41.26
CA TYR B 153 -12.90 -31.12 42.25
C TYR B 153 -12.50 -30.21 43.39
N LEU B 154 -12.93 -28.94 43.38
CA LEU B 154 -12.48 -27.95 44.36
C LEU B 154 -13.39 -27.96 45.59
N LYS B 155 -12.77 -28.02 46.77
CA LYS B 155 -13.51 -27.94 48.01
C LYS B 155 -14.16 -26.57 48.17
N PRO B 156 -15.19 -26.47 49.01
CA PRO B 156 -15.90 -25.18 49.14
C PRO B 156 -14.98 -23.99 49.42
N SER B 157 -14.00 -24.16 50.30
CA SER B 157 -13.08 -23.09 50.65
C SER B 157 -12.04 -22.82 49.59
N GLY B 158 -12.01 -23.60 48.51
CA GLY B 158 -10.82 -23.73 47.69
C GLY B 158 -10.40 -22.48 46.95
N ASN B 159 -9.13 -22.48 46.57
CA ASN B 159 -8.49 -21.37 45.87
C ASN B 159 -8.04 -21.80 44.48
N MET B 160 -7.73 -20.80 43.65
CA MET B 160 -7.26 -21.05 42.30
C MET B 160 -6.08 -20.13 41.99
N PHE B 161 -5.03 -20.73 41.44
CA PHE B 161 -3.81 -20.03 41.07
C PHE B 161 -3.59 -20.27 39.57
N PRO B 162 -3.83 -19.28 38.69
CA PRO B 162 -4.22 -17.91 38.99
C PRO B 162 -5.67 -17.76 39.44
N THR B 163 -5.96 -16.65 40.11
CA THR B 163 -7.28 -16.38 40.67
C THR B 163 -8.14 -15.55 39.72
N ILE B 164 -7.54 -14.56 39.05
CA ILE B 164 -8.28 -13.73 38.10
C ILE B 164 -7.41 -13.47 36.88
N GLY B 165 -8.07 -13.07 35.80
CA GLY B 165 -7.39 -12.64 34.59
C GLY B 165 -7.97 -11.33 34.07
N ASP B 166 -7.09 -10.40 33.73
CA ASP B 166 -7.47 -9.12 33.13
C ASP B 166 -7.01 -9.09 31.68
N VAL B 167 -7.94 -8.96 30.75
CA VAL B 167 -7.56 -8.71 29.37
C VAL B 167 -7.64 -7.22 29.13
N HIS B 168 -6.63 -6.67 28.45
CA HIS B 168 -6.53 -5.25 28.16
C HIS B 168 -6.63 -5.02 26.67
N LEU B 169 -7.42 -4.02 26.28
CA LEU B 169 -7.55 -3.59 24.89
C LEU B 169 -7.14 -2.13 24.80
N ALA B 170 -6.46 -1.76 23.70
CA ALA B 170 -6.15 -0.37 23.44
C ALA B 170 -6.01 -0.13 21.95
N PRO B 171 -6.47 1.03 21.47
CA PRO B 171 -6.27 1.35 20.05
C PRO B 171 -4.82 1.68 19.74
N PHE B 172 -4.38 1.35 18.52
CA PHE B 172 -3.01 1.58 18.12
C PHE B 172 -2.94 2.14 16.70
N THR B 173 -1.82 2.83 16.44
CA THR B 173 -1.47 3.32 15.11
C THR B 173 -0.12 2.70 14.71
N ASP B 174 -0.07 2.04 13.56
CA ASP B 174 1.16 1.37 13.09
C ASP B 174 1.05 1.24 11.56
N GLU B 175 1.40 2.33 10.88
CA GLU B 175 1.29 2.38 9.43
C GLU B 175 2.10 1.26 8.78
N GLN B 176 3.27 0.95 9.34
CA GLN B 176 4.13 -0.06 8.72
C GLN B 176 3.52 -1.46 8.82
N LEU B 177 2.89 -1.78 9.96
CA LEU B 177 2.19 -3.06 10.06
C LEU B 177 1.04 -3.14 9.06
N TYR B 178 0.29 -2.05 8.92
CA TYR B 178 -0.85 -2.04 8.00
C TYR B 178 -0.39 -2.24 6.56
N MET B 179 0.63 -1.48 6.14
CA MET B 179 1.07 -1.54 4.75
C MET B 179 1.74 -2.88 4.44
N GLU B 180 2.30 -3.53 5.46
CA GLU B 180 2.88 -4.86 5.30
C GLU B 180 1.81 -5.89 4.95
N GLN B 181 0.76 -5.97 5.77
CA GLN B 181 -0.33 -6.89 5.50
C GLN B 181 -1.05 -6.51 4.21
N PHE B 182 -1.18 -5.20 3.96
CA PHE B 182 -1.86 -4.72 2.76
C PHE B 182 -1.06 -5.02 1.50
N THR B 183 0.26 -4.90 1.58
CA THR B 183 1.13 -5.16 0.44
C THR B 183 1.09 -6.63 0.05
N LYS B 184 0.97 -7.51 1.04
CA LYS B 184 0.91 -8.94 0.76
C LYS B 184 -0.32 -9.27 -0.08
N ALA B 185 -1.47 -8.69 0.30
CA ALA B 185 -2.70 -9.03 -0.39
C ALA B 185 -2.71 -8.54 -1.83
N ASN B 186 -2.04 -7.41 -2.10
CA ASN B 186 -2.07 -6.83 -3.43
C ASN B 186 -1.27 -7.64 -4.45
N PHE B 187 -0.61 -8.72 -4.03
CA PHE B 187 -0.19 -9.74 -4.98
C PHE B 187 -1.34 -10.12 -5.89
N TRP B 188 -2.51 -10.35 -5.31
CA TRP B 188 -3.72 -10.77 -6.01
C TRP B 188 -4.44 -9.64 -6.73
N TYR B 189 -3.81 -8.46 -6.82
CA TYR B 189 -4.26 -7.35 -7.66
C TYR B 189 -3.75 -7.51 -9.09
N GLN B 190 -2.85 -8.44 -9.33
CA GLN B 190 -2.15 -8.50 -10.61
C GLN B 190 -3.08 -8.93 -11.74
N PRO B 191 -3.11 -8.19 -12.85
CA PRO B 191 -3.94 -8.61 -14.00
C PRO B 191 -3.23 -9.56 -14.95
N SER B 192 -1.93 -9.81 -14.78
CA SER B 192 -1.22 -10.71 -15.69
C SER B 192 -0.03 -11.32 -14.97
N PHE B 193 -0.31 -12.17 -13.98
CA PHE B 193 0.70 -13.02 -13.37
C PHE B 193 0.97 -14.21 -14.27
N HIS B 194 2.11 -14.22 -14.94
CA HIS B 194 2.41 -15.18 -16.00
C HIS B 194 1.24 -15.30 -16.96
N GLY B 195 0.58 -14.17 -17.23
CA GLY B 195 -0.52 -14.15 -18.19
C GLY B 195 -1.88 -14.43 -17.60
N VAL B 196 -2.00 -14.49 -16.27
CA VAL B 196 -3.22 -14.90 -15.59
C VAL B 196 -3.72 -13.74 -14.76
N ASP B 197 -4.98 -13.36 -14.97
CA ASP B 197 -5.62 -12.28 -14.22
C ASP B 197 -6.07 -12.82 -12.86
N LEU B 198 -5.37 -12.40 -11.81
CA LEU B 198 -5.68 -12.84 -10.45
C LEU B 198 -6.59 -11.89 -9.71
N SER B 199 -6.96 -10.76 -10.32
CA SER B 199 -7.52 -9.64 -9.58
C SER B 199 -8.89 -9.92 -9.00
N ALA B 200 -9.63 -10.89 -9.56
CA ALA B 200 -10.94 -11.21 -9.01
C ALA B 200 -10.86 -11.79 -7.59
N LEU B 201 -9.68 -12.19 -7.15
CA LEU B 201 -9.48 -12.73 -5.81
C LEU B 201 -8.89 -11.72 -4.85
N ARG B 202 -8.58 -10.50 -5.31
CA ARG B 202 -7.99 -9.50 -4.44
C ARG B 202 -8.79 -9.36 -3.13
N GLY B 203 -10.10 -9.15 -3.25
CA GLY B 203 -10.91 -8.94 -2.06
C GLY B 203 -10.82 -10.10 -1.09
N ALA B 204 -10.88 -11.33 -1.60
CA ALA B 204 -10.79 -12.50 -0.73
C ALA B 204 -9.43 -12.61 -0.07
N ALA B 205 -8.38 -12.10 -0.73
CA ALA B 205 -7.04 -12.15 -0.16
C ALA B 205 -6.90 -11.15 0.98
N VAL B 206 -7.37 -9.92 0.76
CA VAL B 206 -7.34 -8.93 1.84
C VAL B 206 -8.07 -9.46 3.06
N ASP B 207 -9.29 -9.95 2.86
CA ASP B 207 -10.03 -10.54 3.98
C ASP B 207 -9.19 -11.57 4.71
N GLU B 208 -8.61 -12.51 3.98
CA GLU B 208 -7.84 -13.58 4.63
C GLU B 208 -6.69 -13.01 5.45
N TYR B 209 -5.95 -12.05 4.88
CA TYR B 209 -4.79 -11.51 5.59
C TYR B 209 -5.20 -10.69 6.82
N PHE B 210 -6.27 -9.91 6.70
CA PHE B 210 -6.65 -9.07 7.83
C PHE B 210 -7.46 -9.82 8.87
N ARG B 211 -7.90 -11.04 8.57
CA ARG B 211 -8.48 -11.91 9.59
C ARG B 211 -7.42 -12.46 10.56
N GLN B 212 -6.15 -12.35 10.22
CA GLN B 212 -5.11 -12.95 11.04
C GLN B 212 -4.71 -12.01 12.17
N PRO B 213 -4.88 -12.38 13.43
CA PRO B 213 -4.30 -11.58 14.51
C PRO B 213 -2.77 -11.64 14.49
N VAL B 214 -2.15 -10.49 14.72
CA VAL B 214 -0.70 -10.37 14.61
C VAL B 214 -0.11 -10.59 16.00
N VAL B 215 0.66 -11.66 16.14
CA VAL B 215 1.33 -11.99 17.39
C VAL B 215 2.77 -11.52 17.28
N ASP B 216 3.12 -10.52 18.09
CA ASP B 216 4.49 -10.02 18.21
C ASP B 216 4.42 -8.91 19.26
N THR B 217 5.53 -8.24 19.51
CA THR B 217 5.57 -7.14 20.48
C THR B 217 5.71 -5.82 19.73
N PHE B 218 5.69 -4.73 20.50
CA PHE B 218 5.66 -3.40 19.90
C PHE B 218 5.94 -2.36 20.97
N ASP B 219 6.42 -1.19 20.51
CA ASP B 219 6.69 -0.06 21.40
C ASP B 219 5.37 0.55 21.86
N ILE B 220 5.30 0.87 23.16
CA ILE B 220 4.10 1.46 23.70
C ILE B 220 3.79 2.81 23.07
N ARG B 221 4.72 3.35 22.27
CA ARG B 221 4.46 4.63 21.61
C ARG B 221 3.23 4.55 20.71
N ILE B 222 2.94 3.36 20.17
CA ILE B 222 1.87 3.26 19.20
C ILE B 222 0.48 3.30 19.81
N LEU B 223 0.38 3.18 21.14
CA LEU B 223 -0.92 3.17 21.79
C LEU B 223 -1.50 4.58 21.84
N MET B 224 -2.76 4.72 21.46
CA MET B 224 -3.40 6.01 21.30
C MET B 224 -4.41 6.32 22.40
N ALA B 225 -4.60 5.41 23.35
CA ALA B 225 -5.47 5.69 24.49
C ALA B 225 -5.14 4.71 25.61
N LYS B 226 -5.49 5.11 26.83
CA LYS B 226 -5.45 4.22 27.99
C LYS B 226 -6.28 2.96 27.69
N SER B 227 -5.76 1.81 28.12
CA SER B 227 -6.41 0.55 27.81
C SER B 227 -7.73 0.41 28.58
N VAL B 228 -8.62 -0.41 28.03
CA VAL B 228 -9.85 -0.82 28.69
C VAL B 228 -9.68 -2.27 29.15
N LYS B 229 -10.27 -2.59 30.30
CA LYS B 229 -9.99 -3.81 31.03
C LYS B 229 -11.26 -4.65 31.17
N TYR B 230 -11.16 -5.93 30.82
CA TYR B 230 -12.21 -6.92 31.05
C TYR B 230 -11.63 -8.00 31.95
N THR B 231 -12.35 -8.33 33.02
CA THR B 231 -11.85 -9.19 34.07
C THR B 231 -12.65 -10.48 34.12
N VAL B 232 -11.95 -11.60 34.19
CA VAL B 232 -12.56 -12.88 34.50
C VAL B 232 -12.08 -13.30 35.88
N ASN B 233 -13.03 -13.51 36.78
CA ASN B 233 -12.74 -14.06 38.11
C ASN B 233 -12.91 -15.58 38.04
N PHE B 234 -11.78 -16.30 38.07
CA PHE B 234 -11.82 -17.75 37.90
C PHE B 234 -12.48 -18.46 39.06
N LEU B 235 -12.53 -17.83 40.24
CA LEU B 235 -13.25 -18.43 41.35
C LEU B 235 -14.75 -18.47 41.11
N GLU B 236 -15.26 -17.55 40.30
CA GLU B 236 -16.69 -17.39 40.13
C GLU B 236 -17.21 -17.81 38.75
N ALA B 237 -16.41 -17.67 37.70
CA ALA B 237 -16.89 -17.96 36.35
C ALA B 237 -17.22 -19.44 36.17
N LYS B 238 -18.13 -19.70 35.24
CA LYS B 238 -18.47 -21.04 34.78
C LYS B 238 -17.96 -21.22 33.36
N GLU B 239 -17.72 -22.47 32.97
CA GLU B 239 -17.25 -22.72 31.62
C GLU B 239 -18.09 -21.97 30.59
N GLY B 240 -19.42 -22.00 30.78
CA GLY B 240 -20.33 -21.41 29.81
C GLY B 240 -20.10 -19.93 29.60
N ASP B 241 -19.57 -19.25 30.62
CA ASP B 241 -19.31 -17.82 30.50
C ASP B 241 -18.34 -17.53 29.36
N LEU B 242 -17.51 -18.49 28.98
CA LEU B 242 -16.47 -18.25 27.99
C LEU B 242 -16.85 -18.67 26.58
N HIS B 243 -18.09 -19.11 26.35
CA HIS B 243 -18.51 -19.45 25.00
C HIS B 243 -18.80 -18.21 24.18
N ARG B 244 -19.31 -17.15 24.81
CA ARG B 244 -19.60 -15.89 24.16
C ARG B 244 -19.13 -14.78 25.09
N ILE B 245 -18.01 -14.13 24.74
CA ILE B 245 -17.41 -13.10 25.57
C ILE B 245 -17.62 -11.76 24.88
N GLU B 246 -18.34 -10.85 25.54
CA GLU B 246 -18.65 -9.54 24.99
C GLU B 246 -17.90 -8.48 25.80
N ILE B 247 -17.01 -7.75 25.13
CA ILE B 247 -16.19 -6.73 25.78
C ILE B 247 -16.54 -5.39 25.17
N PRO B 248 -17.40 -4.60 25.83
CA PRO B 248 -17.63 -3.22 25.38
C PRO B 248 -16.41 -2.34 25.67
N PHE B 249 -16.28 -1.27 24.90
CA PHE B 249 -15.19 -0.33 25.15
C PHE B 249 -15.58 1.07 24.73
N LYS B 250 -15.00 2.04 25.44
CA LYS B 250 -15.10 3.46 25.07
C LYS B 250 -13.73 4.06 25.37
N PHE B 251 -12.96 4.37 24.33
CA PHE B 251 -11.64 4.95 24.48
C PHE B 251 -11.73 6.46 24.33
N HIS B 252 -11.06 7.19 25.22
CA HIS B 252 -10.84 8.61 25.07
C HIS B 252 -9.48 8.78 24.39
N MET B 253 -9.48 9.28 23.16
CA MET B 253 -8.27 9.30 22.35
C MET B 253 -7.30 10.35 22.89
N LEU B 254 -6.05 9.94 23.12
CA LEU B 254 -5.03 10.83 23.63
C LEU B 254 -4.17 11.44 22.53
N HIS B 255 -4.24 10.91 21.32
CA HIS B 255 -3.48 11.41 20.18
C HIS B 255 -4.35 11.37 18.94
N SER B 256 -4.15 12.35 18.06
CA SER B 256 -4.82 12.34 16.76
C SER B 256 -4.06 11.46 15.79
N GLY B 257 -4.80 10.87 14.86
CA GLY B 257 -4.18 10.07 13.81
C GLY B 257 -5.05 8.89 13.43
N LEU B 258 -4.49 8.05 12.58
CA LEU B 258 -5.18 6.86 12.11
C LEU B 258 -5.09 5.76 13.15
N VAL B 259 -6.22 5.12 13.42
CA VAL B 259 -6.29 3.93 14.27
C VAL B 259 -6.31 2.72 13.35
N HIS B 260 -5.26 1.90 13.41
CA HIS B 260 -5.16 0.76 12.53
C HIS B 260 -5.70 -0.53 13.13
N GLY B 261 -6.02 -0.52 14.42
CA GLY B 261 -6.61 -1.68 15.04
C GLY B 261 -6.56 -1.58 16.55
N LEU B 262 -6.84 -2.71 17.19
CA LEU B 262 -6.82 -2.83 18.64
C LEU B 262 -5.70 -3.77 19.07
N ALA B 263 -5.01 -3.41 20.15
CA ALA B 263 -3.96 -4.23 20.72
C ALA B 263 -4.47 -4.89 21.99
N PHE B 264 -4.09 -6.15 22.18
CA PHE B 264 -4.56 -6.95 23.31
C PHE B 264 -3.36 -7.49 24.10
N TRP B 265 -3.49 -7.48 25.42
CA TRP B 265 -2.57 -8.18 26.31
C TRP B 265 -3.33 -8.56 27.58
N PHE B 266 -2.69 -9.29 28.48
CA PHE B 266 -3.39 -9.70 29.69
C PHE B 266 -2.47 -9.77 30.88
N ASP B 267 -3.10 -9.66 32.06
CA ASP B 267 -2.50 -9.90 33.36
C ASP B 267 -3.28 -11.01 34.06
N VAL B 268 -2.60 -11.77 34.92
CA VAL B 268 -3.30 -12.66 35.85
C VAL B 268 -2.75 -12.39 37.24
N ALA B 269 -3.60 -12.58 38.26
CA ALA B 269 -3.23 -12.38 39.66
C ALA B 269 -3.39 -13.68 40.42
N PHE B 270 -2.38 -14.02 41.22
CA PHE B 270 -2.43 -15.14 42.16
C PHE B 270 -2.78 -14.55 43.52
N ILE B 271 -4.05 -14.60 43.90
CA ILE B 271 -4.52 -13.94 45.12
C ILE B 271 -4.36 -14.95 46.25
N GLY B 272 -3.23 -14.88 46.94
CA GLY B 272 -2.92 -15.80 47.99
C GLY B 272 -3.22 -15.24 49.38
N SER B 273 -3.13 -16.13 50.37
CA SER B 273 -3.38 -15.74 51.75
C SER B 273 -2.35 -14.72 52.22
N ILE B 274 -1.10 -14.89 51.81
CA ILE B 274 -0.02 -14.04 52.30
C ILE B 274 0.17 -12.83 51.41
N MET B 275 0.04 -12.99 50.09
CA MET B 275 0.17 -11.85 49.22
C MET B 275 -0.39 -12.19 47.84
N THR B 276 -0.67 -11.14 47.08
CA THR B 276 -1.13 -11.24 45.69
C THR B 276 0.07 -11.01 44.78
N VAL B 277 0.26 -11.92 43.83
CA VAL B 277 1.37 -11.85 42.90
C VAL B 277 0.81 -11.75 41.49
N TRP B 278 1.36 -10.81 40.71
CA TRP B 278 0.85 -10.50 39.39
C TRP B 278 1.82 -11.00 38.33
N LEU B 279 1.26 -11.54 37.24
CA LEU B 279 2.02 -11.91 36.05
C LEU B 279 1.44 -11.12 34.88
N SER B 280 2.25 -10.23 34.31
CA SER B 280 1.79 -9.33 33.27
C SER B 280 2.50 -9.60 31.94
N THR B 281 1.71 -9.62 30.86
CA THR B 281 2.24 -9.65 29.51
C THR B 281 2.08 -8.30 28.81
N ALA B 282 1.96 -7.22 29.58
CA ALA B 282 1.79 -5.90 29.01
C ALA B 282 3.02 -5.51 28.19
N PRO B 283 2.86 -4.64 27.19
CA PRO B 283 4.03 -4.15 26.44
C PRO B 283 4.92 -3.20 27.24
N THR B 284 4.48 -2.76 28.41
CA THR B 284 5.32 -2.04 29.34
C THR B 284 6.21 -2.96 30.16
N GLU B 285 6.06 -4.27 30.02
CA GLU B 285 6.78 -5.25 30.81
C GLU B 285 7.69 -6.10 29.93
N PRO B 286 8.66 -6.79 30.52
CA PRO B 286 9.57 -7.63 29.72
C PRO B 286 8.79 -8.68 28.94
N LEU B 287 9.28 -8.97 27.73
CA LEU B 287 8.59 -9.88 26.83
C LEU B 287 8.41 -11.26 27.46
N THR B 288 7.28 -11.89 27.15
CA THR B 288 7.02 -13.26 27.53
C THR B 288 6.70 -14.06 26.26
N HIS B 289 6.53 -15.37 26.43
CA HIS B 289 6.17 -16.22 25.31
C HIS B 289 4.72 -16.04 24.87
N TRP B 290 3.95 -15.17 25.55
CA TRP B 290 2.63 -14.78 25.09
C TRP B 290 2.68 -13.56 24.17
N TYR B 291 3.78 -12.80 24.19
CA TYR B 291 3.91 -11.59 23.40
C TYR B 291 2.69 -10.69 23.62
N GLN B 292 2.22 -10.05 22.57
CA GLN B 292 0.96 -9.31 22.55
C GLN B 292 0.26 -9.64 21.26
N VAL B 293 -1.02 -9.31 21.17
CA VAL B 293 -1.81 -9.59 19.97
C VAL B 293 -2.43 -8.31 19.45
N ARG B 294 -2.44 -8.16 18.13
CA ARG B 294 -3.04 -6.99 17.50
C ARG B 294 -3.99 -7.44 16.40
N CYS B 295 -5.18 -6.86 16.40
CA CYS B 295 -6.21 -7.10 15.40
C CYS B 295 -6.32 -5.86 14.53
N LEU B 296 -6.00 -6.01 13.25
CA LEU B 296 -6.02 -4.88 12.33
C LEU B 296 -7.43 -4.62 11.82
N PHE B 297 -7.70 -3.33 11.54
CA PHE B 297 -8.87 -2.95 10.76
C PHE B 297 -8.50 -2.95 9.29
N GLN B 298 -9.41 -3.43 8.44
CA GLN B 298 -9.14 -3.40 7.00
C GLN B 298 -9.00 -1.97 6.50
N SER B 299 -9.81 -1.06 7.03
CA SER B 299 -9.68 0.38 6.77
C SER B 299 -9.46 1.08 8.09
N PRO B 300 -8.35 1.79 8.28
CA PRO B 300 -8.13 2.52 9.54
C PRO B 300 -9.16 3.63 9.71
N LEU B 301 -9.32 4.04 10.97
CA LEU B 301 -10.25 5.10 11.34
C LEU B 301 -9.46 6.34 11.74
N PHE B 302 -9.90 7.50 11.26
CA PHE B 302 -9.31 8.75 11.67
C PHE B 302 -9.99 9.24 12.93
N ALA B 303 -9.20 9.65 13.92
CA ALA B 303 -9.74 10.23 15.13
C ALA B 303 -8.84 11.38 15.58
N LYS B 304 -9.46 12.36 16.24
CA LYS B 304 -8.75 13.46 16.87
C LYS B 304 -8.57 13.18 18.36
N ALA B 305 -7.47 13.66 18.92
CA ALA B 305 -7.33 13.71 20.37
C ALA B 305 -8.60 14.29 20.97
N GLY B 306 -9.14 13.64 22.00
CA GLY B 306 -10.36 14.07 22.62
C GLY B 306 -11.62 13.43 22.07
N ASP B 307 -11.56 12.83 20.89
CA ASP B 307 -12.68 12.04 20.40
C ASP B 307 -12.83 10.79 21.27
N THR B 308 -13.97 10.11 21.12
CA THR B 308 -14.20 8.83 21.78
C THR B 308 -14.41 7.76 20.71
N LEU B 309 -13.69 6.64 20.88
CA LEU B 309 -13.79 5.48 20.01
C LEU B 309 -14.51 4.40 20.79
N SER B 310 -15.71 4.04 20.35
CA SER B 310 -16.57 3.14 21.11
C SER B 310 -17.01 1.98 20.24
N GLY B 311 -17.33 0.87 20.90
CA GLY B 311 -17.79 -0.31 20.20
C GLY B 311 -17.70 -1.54 21.09
N THR B 312 -17.51 -2.68 20.45
CA THR B 312 -17.61 -3.97 21.11
C THR B 312 -16.66 -4.95 20.47
N CYS B 313 -15.97 -5.71 21.31
CA CYS B 313 -15.18 -6.87 20.89
C CYS B 313 -15.94 -8.11 21.35
N LEU B 314 -16.33 -8.95 20.40
CA LEU B 314 -17.13 -10.13 20.66
C LEU B 314 -16.31 -11.37 20.30
N LEU B 315 -16.12 -12.25 21.28
CA LEU B 315 -15.38 -13.48 21.08
C LEU B 315 -16.33 -14.67 21.17
N ILE B 316 -16.44 -15.42 20.09
CA ILE B 316 -17.32 -16.58 19.99
C ILE B 316 -16.44 -17.83 19.90
N ALA B 317 -16.54 -18.69 20.90
CA ALA B 317 -15.73 -19.91 20.94
C ALA B 317 -16.15 -20.86 19.82
N ASN B 318 -15.16 -21.50 19.20
CA ASN B 318 -15.40 -22.47 18.13
C ASN B 318 -14.81 -23.83 18.49
N LYS B 319 -15.10 -24.82 17.63
CA LYS B 319 -14.69 -26.20 17.87
C LYS B 319 -13.22 -26.45 17.56
N ARG B 320 -12.49 -25.46 17.03
CA ARG B 320 -11.05 -25.58 16.82
C ARG B 320 -10.24 -25.07 18.00
N GLN B 321 -10.84 -25.09 19.20
CA GLN B 321 -10.14 -24.67 20.43
C GLN B 321 -9.67 -23.23 20.33
N SER B 322 -10.50 -22.38 19.75
CA SER B 322 -10.12 -21.00 19.56
C SER B 322 -11.39 -20.15 19.48
N TYR B 323 -11.26 -18.94 18.95
CA TYR B 323 -12.37 -17.99 18.94
C TYR B 323 -12.47 -17.27 17.61
N ASP B 324 -13.71 -17.09 17.16
CA ASP B 324 -14.01 -16.10 16.12
C ASP B 324 -14.16 -14.74 16.78
N ILE B 325 -13.43 -13.75 16.27
CA ILE B 325 -13.39 -12.42 16.85
C ILE B 325 -14.16 -11.46 15.96
N SER B 326 -15.07 -10.71 16.58
CA SER B 326 -15.81 -9.64 15.90
C SER B 326 -15.47 -8.35 16.64
N ILE B 327 -14.89 -7.39 15.92
CA ILE B 327 -14.61 -6.07 16.48
C ILE B 327 -15.40 -5.05 15.68
N VAL B 328 -16.28 -4.33 16.38
CA VAL B 328 -17.04 -3.22 15.81
C VAL B 328 -16.62 -1.95 16.57
N ALA B 329 -16.15 -0.95 15.82
CA ALA B 329 -15.64 0.28 16.44
C ALA B 329 -16.13 1.47 15.64
N GLN B 330 -16.39 2.57 16.34
CA GLN B 330 -16.80 3.80 15.67
C GLN B 330 -16.25 5.00 16.40
N VAL B 331 -15.92 6.02 15.62
CA VAL B 331 -15.54 7.33 16.13
C VAL B 331 -16.84 8.10 16.38
N ASP B 332 -17.21 8.27 17.65
CA ASP B 332 -18.53 8.81 17.96
C ASP B 332 -18.76 10.17 17.31
N GLN B 333 -17.72 11.01 17.25
CA GLN B 333 -17.93 12.38 16.78
C GLN B 333 -18.20 12.45 15.29
N THR B 334 -17.71 11.50 14.50
CA THR B 334 -17.94 11.53 13.06
C THR B 334 -18.84 10.41 12.55
N GLY B 335 -19.05 9.35 13.32
CA GLY B 335 -19.80 8.23 12.83
C GLY B 335 -19.02 7.33 11.90
N SER B 336 -17.70 7.45 11.86
CA SER B 336 -16.87 6.53 11.08
C SER B 336 -16.87 5.16 11.76
N LYS B 337 -17.35 4.15 11.04
CA LYS B 337 -17.59 2.82 11.61
C LYS B 337 -16.71 1.81 10.90
N SER B 338 -16.12 0.90 11.67
CA SER B 338 -15.33 -0.20 11.13
C SER B 338 -15.78 -1.48 11.82
N SER B 339 -16.07 -2.50 11.01
CA SER B 339 -16.43 -3.83 11.47
C SER B 339 -15.41 -4.82 10.95
N ASN B 340 -15.02 -5.77 11.80
CA ASN B 340 -13.91 -6.64 11.48
C ASN B 340 -14.14 -8.02 12.08
N LEU B 341 -13.75 -9.04 11.33
CA LEU B 341 -13.80 -10.42 11.78
C LEU B 341 -12.41 -11.02 11.69
N LEU B 342 -12.00 -11.70 12.75
CA LEU B 342 -10.68 -12.33 12.78
C LEU B 342 -10.80 -13.74 13.33
N ASP B 343 -9.92 -14.60 12.84
CA ASP B 343 -9.84 -16.00 13.23
C ASP B 343 -8.60 -16.20 14.10
N LEU B 344 -8.80 -16.32 15.42
CA LEU B 344 -7.69 -16.52 16.33
C LEU B 344 -7.01 -17.87 16.13
N LYS B 345 -7.62 -18.79 15.37
CA LYS B 345 -7.01 -20.08 15.11
C LYS B 345 -5.88 -20.00 14.09
N ASN B 346 -5.79 -18.93 13.31
CA ASN B 346 -4.81 -18.78 12.24
C ASN B 346 -4.02 -17.49 12.43
N PRO B 347 -3.26 -17.38 13.51
CA PRO B 347 -2.51 -16.14 13.77
C PRO B 347 -1.29 -16.01 12.86
N PHE B 348 -0.87 -14.76 12.68
CA PHE B 348 0.34 -14.43 11.94
C PHE B 348 1.44 -14.12 12.95
N PHE B 349 2.45 -15.00 13.03
CA PHE B 349 3.58 -14.83 13.93
C PHE B 349 4.63 -13.96 13.25
N ARG B 350 4.81 -12.75 13.75
CA ARG B 350 5.65 -11.74 13.10
C ARG B 350 6.98 -11.54 13.79
N TYR B 351 7.10 -11.96 15.05
CA TYR B 351 8.27 -11.60 15.86
C TYR B 351 9.59 -11.84 15.13
N SER C 10 -28.04 31.85 -20.00
CA SER C 10 -28.19 31.69 -18.55
C SER C 10 -27.45 32.76 -17.79
N VAL C 11 -27.85 33.00 -16.54
CA VAL C 11 -27.15 33.97 -15.71
C VAL C 11 -25.66 33.62 -15.60
N PHE C 12 -25.35 32.32 -15.55
CA PHE C 12 -23.94 31.94 -15.36
C PHE C 12 -23.09 32.36 -16.55
N SER C 13 -23.54 32.02 -17.77
CA SER C 13 -22.71 32.27 -18.94
C SER C 13 -22.59 33.75 -19.24
N GLU C 14 -23.61 34.54 -18.91
CA GLU C 14 -23.54 35.98 -19.16
C GLU C 14 -22.42 36.62 -18.33
N ARG C 15 -22.17 36.09 -17.13
CA ARG C 15 -21.19 36.68 -16.22
C ARG C 15 -19.85 35.95 -16.23
N THR C 16 -19.66 34.98 -17.12
CA THR C 16 -18.47 34.13 -17.08
C THR C 16 -17.91 33.90 -18.48
N GLU C 17 -16.62 34.15 -18.64
CA GLU C 17 -15.94 33.76 -19.87
C GLU C 17 -15.92 32.25 -20.00
N GLU C 18 -16.24 31.75 -21.21
CA GLU C 18 -16.20 30.32 -21.47
C GLU C 18 -14.87 29.71 -21.04
N SER C 19 -13.75 30.34 -21.44
CA SER C 19 -12.44 29.77 -21.14
C SER C 19 -12.20 29.66 -19.64
N SER C 20 -12.70 30.63 -18.86
CA SER C 20 -12.57 30.52 -17.42
C SER C 20 -13.36 29.33 -16.90
N ALA C 21 -14.59 29.16 -17.41
CA ALA C 21 -15.46 28.10 -16.92
C ALA C 21 -14.93 26.72 -17.29
N VAL C 22 -14.42 26.56 -18.51
CA VAL C 22 -13.86 25.27 -18.89
C VAL C 22 -12.78 24.84 -17.89
N GLN C 23 -11.80 25.72 -17.65
CA GLN C 23 -10.74 25.40 -16.69
C GLN C 23 -11.30 25.13 -15.30
N TYR C 24 -12.23 25.97 -14.85
CA TYR C 24 -12.79 25.83 -13.50
C TYR C 24 -13.39 24.45 -13.30
N PHE C 25 -14.27 24.03 -14.21
CA PHE C 25 -14.97 22.77 -14.02
C PHE C 25 -14.08 21.57 -14.33
N GLN C 26 -13.07 21.72 -15.17
CA GLN C 26 -12.08 20.64 -15.32
C GLN C 26 -11.36 20.39 -14.00
N PHE C 27 -10.96 21.46 -13.30
CA PHE C 27 -10.25 21.33 -12.02
C PHE C 27 -11.08 20.57 -10.99
N TYR C 28 -12.35 20.92 -10.85
CA TYR C 28 -13.20 20.24 -9.88
C TYR C 28 -13.69 18.89 -10.38
N GLY C 29 -13.34 18.51 -11.61
CA GLY C 29 -13.67 17.19 -12.10
C GLY C 29 -12.79 16.09 -11.55
N TYR C 30 -11.74 16.42 -10.81
CA TYR C 30 -10.80 15.44 -10.33
C TYR C 30 -11.16 14.95 -8.92
N LEU C 31 -11.04 13.63 -8.74
CA LEU C 31 -11.27 13.06 -7.42
C LEU C 31 -10.22 13.56 -6.43
N SER C 32 -8.99 13.78 -6.90
CA SER C 32 -7.93 14.21 -5.99
C SER C 32 -8.25 15.55 -5.35
N GLN C 33 -8.89 16.45 -6.10
CA GLN C 33 -9.29 17.72 -5.50
C GLN C 33 -10.42 17.53 -4.50
N GLN C 34 -11.35 16.61 -4.76
CA GLN C 34 -12.37 16.27 -3.77
C GLN C 34 -11.72 15.75 -2.49
N GLN C 35 -10.79 14.81 -2.63
CA GLN C 35 -10.10 14.25 -1.48
C GLN C 35 -9.37 15.33 -0.69
N ASN C 36 -8.69 16.25 -1.39
CA ASN C 36 -8.00 17.35 -0.71
C ASN C 36 -8.98 18.15 0.16
N MET C 37 -10.18 18.43 -0.35
CA MET C 37 -11.17 19.15 0.46
C MET C 37 -11.74 18.27 1.57
N MET C 38 -11.99 16.99 1.28
CA MET C 38 -12.60 16.10 2.26
C MET C 38 -11.65 15.82 3.42
N GLN C 39 -10.33 15.85 3.16
CA GLN C 39 -9.34 15.55 4.20
C GLN C 39 -9.20 16.70 5.19
N ASP C 40 -9.67 17.90 4.85
CA ASP C 40 -9.63 19.05 5.76
C ASP C 40 -10.63 18.79 6.88
N TYR C 41 -10.14 18.34 8.04
CA TYR C 41 -11.07 17.90 9.08
C TYR C 41 -11.94 19.05 9.60
N VAL C 42 -11.37 20.25 9.70
CA VAL C 42 -12.16 21.40 10.14
C VAL C 42 -13.33 21.62 9.19
N ARG C 43 -13.03 21.60 7.88
CA ARG C 43 -14.06 21.85 6.87
C ARG C 43 -15.13 20.77 6.90
N THR C 44 -14.73 19.50 6.82
CA THR C 44 -15.69 18.41 6.71
C THR C 44 -16.38 18.16 8.05
N GLY C 45 -15.62 18.20 9.14
CA GLY C 45 -16.22 17.96 10.45
C GLY C 45 -17.24 19.01 10.83
N THR C 46 -16.94 20.28 10.54
CA THR C 46 -17.85 21.34 10.95
C THR C 46 -19.14 21.31 10.14
N TYR C 47 -19.06 21.05 8.84
CA TYR C 47 -20.27 20.90 8.04
C TYR C 47 -21.12 19.75 8.59
N GLN C 48 -20.48 18.64 8.95
CA GLN C 48 -21.23 17.52 9.49
C GLN C 48 -21.90 17.89 10.81
N ARG C 49 -21.15 18.54 11.71
CA ARG C 49 -21.72 18.94 12.99
C ARG C 49 -22.87 19.92 12.79
N ALA C 50 -22.67 20.91 11.92
CA ALA C 50 -23.70 21.90 11.66
C ALA C 50 -25.01 21.24 11.24
N ILE C 51 -24.93 20.24 10.35
CA ILE C 51 -26.13 19.58 9.85
C ILE C 51 -26.71 18.65 10.90
N LEU C 52 -25.88 17.79 11.48
CA LEU C 52 -26.43 16.77 12.38
C LEU C 52 -26.94 17.36 13.68
N GLN C 53 -26.26 18.38 14.22
CA GLN C 53 -26.73 18.98 15.46
C GLN C 53 -27.95 19.86 15.26
N ASN C 54 -28.33 20.15 14.02
CA ASN C 54 -29.55 20.88 13.70
C ASN C 54 -30.47 19.95 12.92
N HIS C 55 -30.66 18.74 13.45
CA HIS C 55 -31.38 17.70 12.71
C HIS C 55 -32.82 18.08 12.42
N THR C 56 -33.45 18.86 13.31
CA THR C 56 -34.83 19.25 13.07
C THR C 56 -34.95 20.13 11.83
N ASP C 57 -33.87 20.79 11.41
CA ASP C 57 -33.86 21.55 10.18
C ASP C 57 -33.79 20.67 8.94
N PHE C 58 -33.66 19.36 9.11
CA PHE C 58 -33.53 18.44 7.98
C PHE C 58 -34.51 17.28 8.00
N LYS C 59 -35.02 16.89 9.17
CA LYS C 59 -35.93 15.76 9.28
C LYS C 59 -37.14 15.93 8.36
N ASP C 60 -37.29 15.00 7.42
CA ASP C 60 -38.43 14.95 6.49
C ASP C 60 -38.51 16.21 5.64
N LYS C 61 -37.38 16.88 5.40
CA LYS C 61 -37.35 18.12 4.64
C LYS C 61 -36.81 17.89 3.23
N ILE C 62 -37.09 18.86 2.36
CA ILE C 62 -36.55 18.89 1.00
C ILE C 62 -35.33 19.79 0.98
N VAL C 63 -34.26 19.33 0.37
CA VAL C 63 -32.95 19.95 0.47
C VAL C 63 -32.37 20.17 -0.92
N LEU C 64 -31.64 21.26 -1.09
CA LEU C 64 -30.87 21.54 -2.30
C LEU C 64 -29.41 21.69 -1.92
N ASP C 65 -28.53 20.90 -2.56
CA ASP C 65 -27.08 20.95 -2.37
C ASP C 65 -26.49 21.55 -3.63
N VAL C 66 -25.97 22.77 -3.53
CA VAL C 66 -25.47 23.51 -4.67
C VAL C 66 -23.99 23.21 -4.82
N GLY C 67 -23.61 22.58 -5.94
CA GLY C 67 -22.23 22.24 -6.19
C GLY C 67 -21.75 21.12 -5.30
N CYS C 68 -22.48 19.99 -5.33
CA CYS C 68 -22.31 18.94 -4.34
C CYS C 68 -21.00 18.17 -4.48
N GLY C 69 -20.27 18.36 -5.57
CA GLY C 69 -19.05 17.59 -5.78
C GLY C 69 -19.32 16.11 -5.63
N SER C 70 -18.56 15.45 -4.74
CA SER C 70 -18.70 14.02 -4.51
C SER C 70 -20.03 13.66 -3.88
N GLY C 71 -20.71 14.62 -3.26
CA GLY C 71 -22.00 14.38 -2.62
C GLY C 71 -21.99 14.44 -1.11
N ILE C 72 -20.85 14.79 -0.51
CA ILE C 72 -20.65 14.54 0.91
C ILE C 72 -21.68 15.28 1.75
N LEU C 73 -21.98 16.54 1.41
CA LEU C 73 -22.95 17.29 2.20
C LEU C 73 -24.35 16.71 2.05
N SER C 74 -24.65 16.13 0.89
CA SER C 74 -25.95 15.51 0.72
C SER C 74 -26.08 14.27 1.58
N PHE C 75 -24.98 13.52 1.75
CA PHE C 75 -25.02 12.37 2.64
C PHE C 75 -25.22 12.80 4.09
N PHE C 76 -24.58 13.90 4.51
CA PHE C 76 -24.83 14.42 5.84
C PHE C 76 -26.29 14.80 6.01
N ALA C 77 -26.89 15.41 4.98
CA ALA C 77 -28.31 15.75 5.05
C ALA C 77 -29.17 14.50 5.14
N ALA C 78 -28.73 13.43 4.48
CA ALA C 78 -29.46 12.16 4.56
C ALA C 78 -29.31 11.53 5.94
N GLN C 79 -28.11 11.61 6.52
CA GLN C 79 -27.91 11.12 7.88
C GLN C 79 -28.83 11.85 8.85
N ALA C 80 -29.20 13.08 8.53
CA ALA C 80 -30.02 13.91 9.40
C ALA C 80 -31.52 13.78 9.12
N GLY C 81 -31.91 12.86 8.25
CA GLY C 81 -33.31 12.53 8.06
C GLY C 81 -34.01 13.23 6.91
N ALA C 82 -33.28 13.84 5.99
CA ALA C 82 -33.92 14.54 4.89
C ALA C 82 -34.76 13.58 4.05
N ARG C 83 -35.98 14.00 3.72
CA ARG C 83 -36.83 13.19 2.86
C ARG C 83 -36.31 13.16 1.43
N LYS C 84 -35.87 14.32 0.91
CA LYS C 84 -35.40 14.40 -0.47
C LYS C 84 -34.33 15.47 -0.60
N ILE C 85 -33.26 15.14 -1.33
CA ILE C 85 -32.13 16.03 -1.53
C ILE C 85 -31.85 16.09 -3.02
N TYR C 86 -31.91 17.30 -3.60
CA TYR C 86 -31.48 17.53 -4.97
C TYR C 86 -30.04 18.04 -4.94
N ALA C 87 -29.14 17.27 -5.53
CA ALA C 87 -27.70 17.56 -5.52
C ALA C 87 -27.29 18.00 -6.91
N VAL C 88 -26.99 19.29 -7.07
CA VAL C 88 -26.66 19.89 -8.36
C VAL C 88 -25.15 20.01 -8.45
N GLU C 89 -24.58 19.58 -9.58
CA GLU C 89 -23.15 19.69 -9.81
C GLU C 89 -22.88 19.82 -11.30
N ALA C 90 -22.06 20.81 -11.66
CA ALA C 90 -21.84 21.15 -13.07
C ALA C 90 -20.61 20.49 -13.66
N SER C 91 -19.75 19.88 -12.85
CA SER C 91 -18.57 19.20 -13.37
C SER C 91 -18.89 17.74 -13.64
N THR C 92 -17.91 17.01 -14.21
CA THR C 92 -18.04 15.58 -14.41
C THR C 92 -18.08 14.80 -13.10
N MET C 93 -17.74 15.45 -11.98
CA MET C 93 -17.89 14.82 -10.66
C MET C 93 -19.32 14.38 -10.42
N ALA C 94 -20.29 14.92 -11.15
CA ALA C 94 -21.67 14.52 -10.95
C ALA C 94 -21.86 13.03 -11.16
N GLN C 95 -21.10 12.43 -12.10
CA GLN C 95 -21.24 11.00 -12.37
C GLN C 95 -20.68 10.16 -11.24
N HIS C 96 -19.66 10.67 -10.54
CA HIS C 96 -19.12 9.96 -9.39
C HIS C 96 -20.06 10.07 -8.19
N ALA C 97 -20.67 11.24 -8.01
CA ALA C 97 -21.70 11.38 -6.98
C ALA C 97 -22.82 10.36 -7.21
N GLU C 98 -23.24 10.18 -8.46
CA GLU C 98 -24.25 9.19 -8.79
C GLU C 98 -23.84 7.81 -8.30
N VAL C 99 -22.58 7.42 -8.56
CA VAL C 99 -22.11 6.11 -8.15
C VAL C 99 -22.24 5.94 -6.65
N LEU C 100 -21.85 6.96 -5.89
CA LEU C 100 -21.90 6.85 -4.44
C LEU C 100 -23.34 6.77 -3.94
N VAL C 101 -24.25 7.52 -4.55
CA VAL C 101 -25.65 7.46 -4.13
C VAL C 101 -26.17 6.04 -4.30
N LYS C 102 -25.86 5.41 -5.44
CA LYS C 102 -26.28 4.02 -5.64
C LYS C 102 -25.67 3.09 -4.60
N SER C 103 -24.35 3.20 -4.40
CA SER C 103 -23.67 2.24 -3.53
C SER C 103 -23.98 2.46 -2.05
N ASN C 104 -24.47 3.65 -1.67
CA ASN C 104 -24.96 3.90 -0.32
C ASN C 104 -26.47 3.71 -0.21
N ASN C 105 -27.08 3.09 -1.23
CA ASN C 105 -28.50 2.70 -1.21
C ASN C 105 -29.41 3.87 -0.87
N LEU C 106 -29.17 5.01 -1.52
CA LEU C 106 -29.92 6.23 -1.24
C LEU C 106 -30.54 6.83 -2.50
N THR C 107 -30.75 6.03 -3.55
CA THR C 107 -31.32 6.58 -4.77
C THR C 107 -32.73 7.12 -4.55
N ASP C 108 -33.46 6.55 -3.58
CA ASP C 108 -34.80 7.01 -3.29
C ASP C 108 -34.81 8.38 -2.62
N ARG C 109 -33.65 8.91 -2.24
CA ARG C 109 -33.62 10.12 -1.42
C ARG C 109 -32.69 11.21 -1.94
N ILE C 110 -31.61 10.83 -2.63
CA ILE C 110 -30.69 11.79 -3.21
C ILE C 110 -30.81 11.71 -4.72
N VAL C 111 -31.15 12.84 -5.35
CA VAL C 111 -31.22 12.93 -6.80
C VAL C 111 -30.08 13.84 -7.27
N VAL C 112 -29.12 13.26 -7.98
CA VAL C 112 -28.05 14.04 -8.59
C VAL C 112 -28.57 14.65 -9.88
N ILE C 113 -28.30 15.93 -10.07
CA ILE C 113 -28.74 16.67 -11.25
C ILE C 113 -27.52 17.31 -11.88
N PRO C 114 -27.02 16.77 -12.98
CA PRO C 114 -25.85 17.39 -13.64
C PRO C 114 -26.21 18.73 -14.27
N GLY C 115 -25.31 19.70 -14.11
CA GLY C 115 -25.44 20.99 -14.74
C GLY C 115 -25.27 22.14 -13.76
N LYS C 116 -25.31 23.35 -14.31
CA LYS C 116 -25.24 24.55 -13.49
C LYS C 116 -26.58 24.82 -12.81
N VAL C 117 -26.51 25.28 -11.56
CA VAL C 117 -27.73 25.56 -10.82
C VAL C 117 -28.52 26.70 -11.45
N GLU C 118 -27.86 27.55 -12.26
CA GLU C 118 -28.55 28.59 -13.00
C GLU C 118 -29.27 28.07 -14.24
N GLU C 119 -29.07 26.80 -14.60
CA GLU C 119 -29.58 26.26 -15.85
C GLU C 119 -30.46 25.02 -15.68
N VAL C 120 -30.33 24.26 -14.59
CA VAL C 120 -31.09 23.03 -14.42
C VAL C 120 -32.51 23.36 -13.94
N SER C 121 -33.40 22.39 -14.12
CA SER C 121 -34.75 22.44 -13.58
C SER C 121 -34.80 21.62 -12.30
N LEU C 122 -35.34 22.20 -11.24
CA LEU C 122 -35.72 21.44 -10.06
C LEU C 122 -37.22 21.19 -10.08
N PRO C 123 -37.70 20.00 -9.75
CA PRO C 123 -39.15 19.76 -9.78
C PRO C 123 -39.90 20.50 -8.69
N GLU C 124 -39.22 21.04 -7.67
CA GLU C 124 -39.85 21.33 -6.39
C GLU C 124 -39.09 22.44 -5.67
N GLN C 125 -39.84 23.22 -4.89
CA GLN C 125 -39.25 24.17 -3.96
C GLN C 125 -38.73 23.41 -2.74
N VAL C 126 -37.70 23.98 -2.10
CA VAL C 126 -37.00 23.27 -1.06
C VAL C 126 -37.10 24.03 0.26
N ASP C 127 -36.82 23.30 1.35
CA ASP C 127 -36.86 23.85 2.70
C ASP C 127 -35.54 24.46 3.14
N ILE C 128 -34.43 24.06 2.53
CA ILE C 128 -33.11 24.48 2.99
C ILE C 128 -32.11 24.22 1.87
N ILE C 129 -31.21 25.18 1.67
CA ILE C 129 -30.10 25.06 0.72
C ILE C 129 -28.83 24.86 1.52
N ILE C 130 -28.01 23.89 1.09
CA ILE C 130 -26.69 23.69 1.66
C ILE C 130 -25.68 23.80 0.54
N SER C 131 -24.48 24.27 0.88
CA SER C 131 -23.43 24.41 -0.12
C SER C 131 -22.13 24.77 0.57
N GLU C 132 -21.03 24.64 -0.18
CA GLU C 132 -19.72 25.18 0.21
C GLU C 132 -19.33 26.17 -0.87
N PRO C 133 -19.87 27.39 -0.81
CA PRO C 133 -19.60 28.37 -1.88
C PRO C 133 -18.38 29.25 -1.66
N MET C 134 -17.66 29.08 -0.57
CA MET C 134 -16.59 30.00 -0.22
C MET C 134 -15.32 29.69 -0.99
N GLY C 135 -14.71 30.73 -1.55
CA GLY C 135 -13.38 30.65 -2.11
C GLY C 135 -12.37 31.36 -1.22
N TYR C 136 -11.12 31.42 -1.69
CA TYR C 136 -10.13 32.26 -1.02
C TYR C 136 -10.74 33.63 -0.76
N MET C 137 -10.44 34.22 0.39
CA MET C 137 -10.94 35.55 0.68
C MET C 137 -12.46 35.58 0.62
N LEU C 138 -13.07 34.40 0.79
CA LEU C 138 -14.52 34.20 0.75
C LEU C 138 -15.09 34.31 -0.66
N PHE C 139 -14.71 35.36 -1.39
CA PHE C 139 -15.42 35.72 -2.61
C PHE C 139 -14.84 35.11 -3.87
N ASN C 140 -13.61 34.60 -3.83
CA ASN C 140 -13.03 34.07 -5.06
C ASN C 140 -13.90 32.95 -5.60
N GLU C 141 -13.97 32.86 -6.93
CA GLU C 141 -14.74 31.86 -7.68
C GLU C 141 -16.14 32.36 -8.03
N ARG C 142 -16.59 33.41 -7.33
CA ARG C 142 -17.94 33.95 -7.54
C ARG C 142 -19.00 32.86 -7.41
N MET C 143 -18.71 31.84 -6.62
CA MET C 143 -19.68 30.78 -6.35
C MET C 143 -20.79 31.26 -5.43
N LEU C 144 -20.52 32.27 -4.60
CA LEU C 144 -21.57 32.82 -3.75
C LEU C 144 -22.77 33.31 -4.55
N GLU C 145 -22.53 33.80 -5.77
CA GLU C 145 -23.64 34.25 -6.60
C GLU C 145 -24.53 33.08 -7.00
N SER C 146 -23.92 31.93 -7.30
CA SER C 146 -24.71 30.75 -7.62
C SER C 146 -25.53 30.29 -6.41
N TYR C 147 -24.93 30.36 -5.22
CA TYR C 147 -25.63 30.01 -3.98
C TYR C 147 -26.82 30.92 -3.76
N LEU C 148 -26.64 32.22 -3.96
CA LEU C 148 -27.75 33.16 -3.83
C LEU C 148 -28.77 32.98 -4.97
N HIS C 149 -28.28 32.77 -6.19
CA HIS C 149 -29.19 32.49 -7.30
C HIS C 149 -30.13 31.34 -6.96
N ALA C 150 -29.63 30.35 -6.22
CA ALA C 150 -30.43 29.17 -5.91
C ALA C 150 -31.63 29.49 -5.02
N LYS C 151 -31.69 30.69 -4.43
CA LYS C 151 -32.82 31.02 -3.56
C LYS C 151 -34.14 31.05 -4.32
N LYS C 152 -34.10 31.11 -5.64
CA LYS C 152 -35.33 31.04 -6.41
C LYS C 152 -36.06 29.73 -6.14
N TYR C 153 -35.35 28.70 -5.69
CA TYR C 153 -35.95 27.41 -5.35
C TYR C 153 -36.26 27.29 -3.86
N LEU C 154 -36.01 28.32 -3.07
CA LEU C 154 -36.20 28.26 -1.64
C LEU C 154 -37.62 28.66 -1.27
N LYS C 155 -38.27 27.84 -0.44
CA LYS C 155 -39.59 28.19 0.04
C LYS C 155 -39.50 29.46 0.90
N PRO C 156 -40.58 30.24 0.96
CA PRO C 156 -40.64 31.33 1.94
C PRO C 156 -40.30 30.80 3.33
N SER C 157 -39.39 31.49 4.01
CA SER C 157 -38.92 31.12 5.34
C SER C 157 -38.06 29.87 5.34
N GLY C 158 -37.57 29.43 4.18
CA GLY C 158 -36.52 28.42 4.15
C GLY C 158 -35.23 28.97 4.72
N ASN C 159 -34.28 28.06 4.94
CA ASN C 159 -33.00 28.39 5.56
C ASN C 159 -31.86 28.17 4.57
N MET C 160 -30.68 28.72 4.91
CA MET C 160 -29.47 28.50 4.14
C MET C 160 -28.33 28.07 5.06
N PHE C 161 -27.59 27.05 4.65
CA PHE C 161 -26.46 26.52 5.41
C PHE C 161 -25.22 26.52 4.53
N PRO C 162 -24.31 27.51 4.65
CA PRO C 162 -24.24 28.53 5.71
C PRO C 162 -25.24 29.66 5.57
N THR C 163 -25.52 30.32 6.70
CA THR C 163 -26.49 31.39 6.74
C THR C 163 -25.86 32.75 6.50
N ILE C 164 -24.67 33.00 7.04
CA ILE C 164 -23.98 34.26 6.84
C ILE C 164 -22.50 34.01 6.59
N GLY C 165 -21.84 35.01 6.03
CA GLY C 165 -20.39 35.00 5.94
C GLY C 165 -19.83 36.31 6.43
N ASP C 166 -18.73 36.22 7.19
CA ASP C 166 -17.98 37.38 7.69
C ASP C 166 -16.60 37.36 7.06
N VAL C 167 -16.29 38.36 6.24
CA VAL C 167 -14.93 38.56 5.77
C VAL C 167 -14.25 39.55 6.71
N HIS C 168 -13.02 39.22 7.12
CA HIS C 168 -12.27 40.03 8.07
C HIS C 168 -11.04 40.61 7.40
N LEU C 169 -10.81 41.90 7.59
CA LEU C 169 -9.61 42.58 7.12
C LEU C 169 -8.82 43.12 8.31
N ALA C 170 -7.49 43.06 8.24
CA ALA C 170 -6.67 43.68 9.26
C ALA C 170 -5.34 44.12 8.65
N PRO C 171 -4.75 45.20 9.15
CA PRO C 171 -3.42 45.61 8.67
C PRO C 171 -2.34 44.71 9.24
N PHE C 172 -1.29 44.48 8.45
CA PHE C 172 -0.16 43.66 8.89
C PHE C 172 1.18 44.32 8.58
N THR C 173 2.19 43.88 9.33
CA THR C 173 3.58 44.24 9.11
C THR C 173 4.36 42.95 8.85
N ASP C 174 5.07 42.89 7.72
CA ASP C 174 5.86 41.72 7.34
C ASP C 174 6.99 42.23 6.43
N GLU C 175 8.04 42.76 7.08
CA GLU C 175 9.16 43.33 6.34
C GLU C 175 9.75 42.32 5.36
N GLN C 176 9.88 41.06 5.77
CA GLN C 176 10.50 40.06 4.90
C GLN C 176 9.64 39.77 3.67
N LEU C 177 8.31 39.68 3.85
CA LEU C 177 7.46 39.49 2.68
C LEU C 177 7.57 40.67 1.71
N TYR C 178 7.61 41.89 2.24
CA TYR C 178 7.69 43.07 1.38
C TYR C 178 9.00 43.09 0.60
N MET C 179 10.12 42.83 1.29
CA MET C 179 11.42 42.90 0.62
C MET C 179 11.62 41.74 -0.35
N GLU C 180 10.96 40.60 -0.10
CA GLU C 180 11.03 39.46 -1.00
C GLU C 180 10.58 39.81 -2.41
N GLN C 181 9.61 40.72 -2.54
CA GLN C 181 9.17 41.12 -3.87
C GLN C 181 10.32 41.71 -4.68
N PHE C 182 11.11 42.60 -4.07
CA PHE C 182 12.17 43.27 -4.81
C PHE C 182 13.37 42.37 -5.06
N THR C 183 13.66 41.47 -4.12
CA THR C 183 14.71 40.49 -4.33
C THR C 183 14.42 39.62 -5.55
N LYS C 184 13.15 39.25 -5.75
CA LYS C 184 12.78 38.48 -6.93
C LYS C 184 12.89 39.34 -8.19
N ALA C 185 12.40 40.58 -8.11
CA ALA C 185 12.41 41.45 -9.28
C ALA C 185 13.82 41.87 -9.66
N ASN C 186 14.73 41.96 -8.69
CA ASN C 186 16.09 42.38 -8.99
C ASN C 186 16.86 41.36 -9.81
N PHE C 187 16.28 40.18 -10.05
CA PHE C 187 16.85 39.32 -11.07
C PHE C 187 17.08 40.09 -12.36
N TRP C 188 16.12 40.96 -12.72
CA TRP C 188 16.19 41.71 -13.96
C TRP C 188 17.16 42.89 -13.89
N TYR C 189 17.63 43.25 -12.70
CA TYR C 189 18.52 44.39 -12.54
C TYR C 189 19.98 43.95 -12.62
N GLN C 190 20.34 43.47 -13.81
CA GLN C 190 21.74 43.22 -14.08
C GLN C 190 22.09 43.61 -15.50
N PRO C 191 23.24 44.25 -15.72
CA PRO C 191 23.53 44.85 -17.03
C PRO C 191 24.11 43.88 -18.04
N SER C 192 24.44 42.65 -17.65
CA SER C 192 25.02 41.70 -18.59
C SER C 192 24.70 40.28 -18.13
N PHE C 193 23.43 39.92 -18.29
CA PHE C 193 22.98 38.54 -18.11
C PHE C 193 23.30 37.77 -19.39
N HIS C 194 24.37 36.98 -19.35
CA HIS C 194 24.87 36.33 -20.57
C HIS C 194 25.03 37.36 -21.69
N GLY C 195 25.44 38.57 -21.33
CA GLY C 195 25.68 39.62 -22.30
C GLY C 195 24.51 40.54 -22.57
N VAL C 196 23.41 40.40 -21.85
CA VAL C 196 22.17 41.09 -22.16
C VAL C 196 21.80 41.97 -20.96
N ASP C 197 21.54 43.25 -21.23
CA ASP C 197 21.08 44.18 -20.22
C ASP C 197 19.59 43.96 -19.99
N LEU C 198 19.23 43.41 -18.82
CA LEU C 198 17.85 43.09 -18.51
C LEU C 198 17.14 44.19 -17.74
N SER C 199 17.88 45.22 -17.32
CA SER C 199 17.41 46.11 -16.26
C SER C 199 16.17 46.88 -16.65
N ALA C 200 15.90 47.06 -17.94
CA ALA C 200 14.72 47.81 -18.39
C ALA C 200 13.41 47.14 -18.00
N LEU C 201 13.44 45.87 -17.58
CA LEU C 201 12.23 45.13 -17.23
C LEU C 201 12.02 45.03 -15.72
N ARG C 202 12.94 45.59 -14.92
CA ARG C 202 12.84 45.45 -13.48
C ARG C 202 11.54 46.03 -12.94
N GLY C 203 11.14 47.22 -13.41
CA GLY C 203 9.92 47.83 -12.93
C GLY C 203 8.67 47.04 -13.30
N ALA C 204 8.66 46.45 -14.50
CA ALA C 204 7.53 45.62 -14.91
C ALA C 204 7.43 44.37 -14.04
N ALA C 205 8.59 43.82 -13.62
CA ALA C 205 8.58 42.63 -12.76
C ALA C 205 8.05 42.97 -11.36
N VAL C 206 8.48 44.10 -10.79
CA VAL C 206 7.96 44.54 -9.50
C VAL C 206 6.45 44.68 -9.56
N ASP C 207 5.95 45.35 -10.61
CA ASP C 207 4.52 45.56 -10.76
C ASP C 207 3.77 44.22 -10.78
N GLU C 208 4.32 43.23 -11.48
CA GLU C 208 3.65 41.94 -11.66
C GLU C 208 3.57 41.19 -10.34
N TYR C 209 4.63 41.24 -9.53
CA TYR C 209 4.58 40.55 -8.25
C TYR C 209 3.58 41.20 -7.31
N PHE C 210 3.47 42.53 -7.36
CA PHE C 210 2.62 43.26 -6.45
C PHE C 210 1.14 43.15 -6.82
N ARG C 211 0.83 42.73 -8.05
CA ARG C 211 -0.55 42.50 -8.42
C ARG C 211 -1.09 41.20 -7.87
N GLN C 212 -0.24 40.35 -7.30
CA GLN C 212 -0.66 39.03 -6.87
C GLN C 212 -0.97 39.05 -5.38
N PRO C 213 -2.17 38.68 -4.96
CA PRO C 213 -2.40 38.41 -3.54
C PRO C 213 -1.66 37.17 -3.10
N VAL C 214 -1.21 37.17 -1.86
CA VAL C 214 -0.34 36.12 -1.33
C VAL C 214 -1.19 35.17 -0.50
N VAL C 215 -1.37 33.95 -1.00
CA VAL C 215 -2.09 32.91 -0.26
C VAL C 215 -1.07 32.12 0.55
N ASP C 216 -1.27 32.09 1.87
CA ASP C 216 -0.25 31.72 2.84
C ASP C 216 -0.95 31.77 4.19
N THR C 217 -0.28 31.23 5.20
CA THR C 217 -0.65 31.49 6.58
C THR C 217 0.50 32.27 7.22
N PHE C 218 0.28 32.71 8.45
CA PHE C 218 1.22 33.61 9.09
C PHE C 218 0.93 33.65 10.58
N ASP C 219 1.93 34.09 11.34
CA ASP C 219 1.78 34.27 12.78
C ASP C 219 0.92 35.49 13.09
N ILE C 220 0.00 35.33 14.04
CA ILE C 220 -0.91 36.42 14.37
C ILE C 220 -0.18 37.63 14.94
N ARG C 221 1.11 37.51 15.24
CA ARG C 221 1.83 38.64 15.81
C ARG C 221 2.14 39.69 14.75
N ILE C 222 1.91 39.40 13.47
CA ILE C 222 2.08 40.44 12.46
C ILE C 222 0.88 41.36 12.35
N LEU C 223 -0.26 41.00 12.94
CA LEU C 223 -1.46 41.82 12.87
C LEU C 223 -1.34 43.03 13.79
N MET C 224 -1.70 44.20 13.27
CA MET C 224 -1.45 45.45 13.94
C MET C 224 -2.73 46.15 14.42
N ALA C 225 -3.89 45.54 14.22
CA ALA C 225 -5.12 46.11 14.73
C ALA C 225 -6.20 45.04 14.71
N LYS C 226 -7.25 45.26 15.51
CA LYS C 226 -8.43 44.40 15.46
C LYS C 226 -9.00 44.42 14.06
N SER C 227 -9.44 43.27 13.59
CA SER C 227 -9.94 43.18 12.24
C SER C 227 -11.25 43.97 12.11
N VAL C 228 -11.53 44.42 10.89
CA VAL C 228 -12.82 44.99 10.54
C VAL C 228 -13.59 43.93 9.76
N LYS C 229 -14.90 43.88 9.98
CA LYS C 229 -15.75 42.78 9.56
C LYS C 229 -16.77 43.29 8.56
N TYR C 230 -16.85 42.62 7.42
CA TYR C 230 -17.89 42.87 6.42
C TYR C 230 -18.74 41.62 6.27
N THR C 231 -20.05 41.77 6.46
CA THR C 231 -20.94 40.63 6.62
C THR C 231 -21.88 40.52 5.44
N VAL C 232 -22.01 39.31 4.91
CA VAL C 232 -23.05 38.97 3.94
C VAL C 232 -24.03 38.03 4.64
N ASN C 233 -25.30 38.43 4.69
CA ASN C 233 -26.38 37.58 5.17
C ASN C 233 -27.01 36.90 3.97
N PHE C 234 -26.75 35.60 3.82
CA PHE C 234 -27.18 34.90 2.60
C PHE C 234 -28.69 34.78 2.52
N LEU C 235 -29.40 34.91 3.64
CA LEU C 235 -30.86 34.89 3.57
C LEU C 235 -31.41 36.14 2.93
N GLU C 236 -30.66 37.24 2.97
CA GLU C 236 -31.16 38.54 2.54
C GLU C 236 -30.49 39.07 1.27
N ALA C 237 -29.23 38.69 1.03
CA ALA C 237 -28.48 39.26 -0.09
C ALA C 237 -29.06 38.80 -1.43
N LYS C 238 -28.83 39.62 -2.45
CA LYS C 238 -29.10 39.28 -3.84
C LYS C 238 -27.78 39.12 -4.57
N GLU C 239 -27.83 38.38 -5.68
CA GLU C 239 -26.62 38.21 -6.49
C GLU C 239 -25.96 39.54 -6.76
N GLY C 240 -26.76 40.56 -7.11
CA GLY C 240 -26.21 41.84 -7.51
C GLY C 240 -25.37 42.50 -6.44
N ASP C 241 -25.64 42.19 -5.17
CA ASP C 241 -24.87 42.78 -4.08
C ASP C 241 -23.40 42.40 -4.16
N LEU C 242 -23.06 41.32 -4.86
CA LEU C 242 -21.68 40.82 -4.89
C LEU C 242 -20.93 41.23 -6.14
N HIS C 243 -21.55 42.05 -7.01
CA HIS C 243 -20.83 42.52 -8.18
C HIS C 243 -19.85 43.64 -7.84
N ARG C 244 -20.20 44.48 -6.86
CA ARG C 244 -19.35 45.57 -6.41
C ARG C 244 -19.41 45.58 -4.88
N ILE C 245 -18.35 45.11 -4.24
CA ILE C 245 -18.30 44.97 -2.80
C ILE C 245 -17.35 46.04 -2.27
N GLU C 246 -17.90 47.03 -1.56
CA GLU C 246 -17.12 48.11 -0.98
C GLU C 246 -17.00 47.88 0.53
N ILE C 247 -15.77 47.66 0.99
CA ILE C 247 -15.52 47.43 2.41
C ILE C 247 -14.76 48.63 2.97
N PRO C 248 -15.44 49.60 3.56
CA PRO C 248 -14.73 50.66 4.29
C PRO C 248 -14.00 50.08 5.48
N PHE C 249 -12.94 50.76 5.93
CA PHE C 249 -12.29 50.36 7.15
C PHE C 249 -11.67 51.56 7.84
N LYS C 250 -11.74 51.54 9.17
CA LYS C 250 -11.03 52.45 10.05
C LYS C 250 -10.41 51.58 11.14
N PHE C 251 -9.10 51.41 11.10
CA PHE C 251 -8.38 50.59 12.06
C PHE C 251 -7.82 51.48 13.15
N HIS C 252 -8.08 51.13 14.40
CA HIS C 252 -7.40 51.75 15.54
C HIS C 252 -6.14 50.95 15.81
N MET C 253 -4.98 51.53 15.49
CA MET C 253 -3.74 50.78 15.55
C MET C 253 -3.40 50.40 16.99
N LEU C 254 -3.11 49.12 17.20
CA LEU C 254 -2.70 48.61 18.50
C LEU C 254 -1.19 48.58 18.66
N HIS C 255 -0.44 48.60 17.56
CA HIS C 255 1.01 48.58 17.59
C HIS C 255 1.57 49.63 16.62
N SER C 256 2.73 50.19 16.99
CA SER C 256 3.44 51.10 16.10
C SER C 256 4.36 50.32 15.16
N GLY C 257 4.49 50.82 13.94
CA GLY C 257 5.39 50.21 12.97
C GLY C 257 4.92 50.47 11.56
N LEU C 258 5.55 49.78 10.62
CA LEU C 258 5.25 49.92 9.21
C LEU C 258 4.15 48.93 8.81
N VAL C 259 3.14 49.44 8.13
CA VAL C 259 2.03 48.61 7.64
C VAL C 259 2.30 48.27 6.18
N HIS C 260 2.48 46.99 5.88
CA HIS C 260 2.85 46.56 4.54
C HIS C 260 1.66 46.10 3.70
N GLY C 261 0.48 45.97 4.30
CA GLY C 261 -0.68 45.57 3.53
C GLY C 261 -1.81 45.13 4.43
N LEU C 262 -2.82 44.54 3.80
CA LEU C 262 -4.00 44.04 4.49
C LEU C 262 -4.08 42.52 4.42
N ALA C 263 -4.47 41.90 5.53
CA ALA C 263 -4.68 40.47 5.61
C ALA C 263 -6.17 40.17 5.63
N PHE C 264 -6.57 39.13 4.91
CA PHE C 264 -7.97 38.73 4.78
C PHE C 264 -8.17 37.31 5.28
N TRP C 265 -9.32 37.07 5.91
CA TRP C 265 -9.80 35.72 6.20
C TRP C 265 -11.31 35.81 6.35
N PHE C 266 -11.96 34.69 6.62
CA PHE C 266 -13.42 34.73 6.73
C PHE C 266 -13.94 33.66 7.69
N ASP C 267 -15.15 33.91 8.19
CA ASP C 267 -15.95 32.97 8.94
C ASP C 267 -17.29 32.80 8.25
N VAL C 268 -17.91 31.63 8.41
CA VAL C 268 -19.33 31.46 8.07
C VAL C 268 -20.03 30.85 9.27
N ALA C 269 -21.33 31.11 9.36
CA ALA C 269 -22.16 30.58 10.44
C ALA C 269 -23.32 29.79 9.87
N PHE C 270 -23.63 28.66 10.50
CA PHE C 270 -24.80 27.85 10.18
C PHE C 270 -25.80 28.13 11.29
N ILE C 271 -26.74 29.04 11.03
CA ILE C 271 -27.69 29.46 12.05
C ILE C 271 -28.87 28.50 11.98
N GLY C 272 -28.82 27.46 12.82
CA GLY C 272 -29.84 26.46 12.87
C GLY C 272 -30.87 26.72 13.95
N SER C 273 -31.95 25.92 13.91
CA SER C 273 -33.00 26.04 14.91
C SER C 273 -32.50 25.64 16.29
N ILE C 274 -31.63 24.65 16.34
CA ILE C 274 -31.14 24.15 17.62
C ILE C 274 -29.89 24.90 18.07
N MET C 275 -29.01 25.25 17.13
CA MET C 275 -27.81 25.97 17.51
C MET C 275 -27.15 26.56 16.28
N THR C 276 -26.25 27.51 16.54
CA THR C 276 -25.46 28.19 15.52
C THR C 276 -24.03 27.63 15.57
N VAL C 277 -23.54 27.15 14.44
CA VAL C 277 -22.22 26.52 14.35
C VAL C 277 -21.35 27.38 13.45
N TRP C 278 -20.11 27.61 13.87
CA TRP C 278 -19.19 28.50 13.16
C TRP C 278 -18.05 27.70 12.52
N LEU C 279 -17.68 28.11 11.31
CA LEU C 279 -16.52 27.60 10.60
C LEU C 279 -15.61 28.79 10.32
N SER C 280 -14.43 28.79 10.93
CA SER C 280 -13.52 29.94 10.88
C SER C 280 -12.23 29.57 10.15
N THR C 281 -11.76 30.49 9.30
CA THR C 281 -10.45 30.39 8.68
C THR C 281 -9.49 31.43 9.21
N ALA C 282 -9.74 31.96 10.41
CA ALA C 282 -8.88 32.97 11.00
C ALA C 282 -7.50 32.39 11.26
N PRO C 283 -6.47 33.24 11.33
CA PRO C 283 -5.13 32.76 11.65
C PRO C 283 -4.97 32.33 13.11
N THR C 284 -5.95 32.64 13.98
CA THR C 284 -5.93 32.15 15.35
C THR C 284 -6.46 30.73 15.46
N GLU C 285 -6.97 30.18 14.36
CA GLU C 285 -7.58 28.86 14.31
C GLU C 285 -6.73 27.91 13.49
N PRO C 286 -6.94 26.60 13.63
CA PRO C 286 -6.16 25.64 12.83
C PRO C 286 -6.31 25.92 11.34
N LEU C 287 -5.22 25.69 10.61
CA LEU C 287 -5.20 25.96 9.18
C LEU C 287 -6.27 25.17 8.44
N THR C 288 -6.80 25.78 7.39
CA THR C 288 -7.73 25.12 6.47
C THR C 288 -7.20 25.24 5.06
N HIS C 289 -7.87 24.57 4.12
CA HIS C 289 -7.47 24.67 2.72
C HIS C 289 -7.81 26.03 2.11
N TRP C 290 -8.45 26.93 2.88
CA TRP C 290 -8.59 28.32 2.47
C TRP C 290 -7.41 29.18 2.89
N TYR C 291 -6.57 28.71 3.82
CA TYR C 291 -5.45 29.50 4.32
C TYR C 291 -5.90 30.90 4.71
N GLN C 292 -5.06 31.90 4.42
CA GLN C 292 -5.41 33.30 4.53
C GLN C 292 -4.86 33.99 3.29
N VAL C 293 -5.27 35.25 3.08
CA VAL C 293 -4.83 36.03 1.94
C VAL C 293 -4.27 37.37 2.41
N ARG C 294 -3.17 37.79 1.79
CA ARG C 294 -2.59 39.09 2.09
C ARG C 294 -2.34 39.86 0.80
N CYS C 295 -2.73 41.13 0.83
CA CYS C 295 -2.56 42.07 -0.27
C CYS C 295 -1.60 43.16 0.17
N LEU C 296 -0.47 43.28 -0.53
CA LEU C 296 0.55 44.25 -0.16
C LEU C 296 0.16 45.64 -0.66
N PHE C 297 0.60 46.65 0.08
CA PHE C 297 0.66 48.01 -0.45
C PHE C 297 1.93 48.17 -1.27
N GLN C 298 1.91 49.11 -2.22
CA GLN C 298 3.10 49.38 -3.01
C GLN C 298 4.19 50.04 -2.15
N SER C 299 3.78 50.93 -1.25
CA SER C 299 4.67 51.61 -0.32
C SER C 299 4.09 51.43 1.08
N PRO C 300 4.88 51.03 2.07
CA PRO C 300 4.34 50.88 3.42
C PRO C 300 4.03 52.23 4.07
N LEU C 301 3.20 52.18 5.10
CA LEU C 301 2.76 53.36 5.84
C LEU C 301 3.21 53.23 7.28
N PHE C 302 3.86 54.27 7.79
CA PHE C 302 4.20 54.27 9.20
C PHE C 302 3.00 54.73 10.02
N ALA C 303 2.67 53.98 11.06
CA ALA C 303 1.60 54.37 11.97
C ALA C 303 2.04 54.10 13.40
N LYS C 304 1.63 54.99 14.30
CA LYS C 304 1.83 54.83 15.73
C LYS C 304 0.61 54.12 16.33
N ALA C 305 0.85 53.37 17.40
CA ALA C 305 -0.26 52.87 18.21
C ALA C 305 -1.16 54.04 18.55
N GLY C 306 -2.46 53.86 18.35
CA GLY C 306 -3.42 54.90 18.60
C GLY C 306 -3.80 55.71 17.38
N ASP C 307 -2.96 55.72 16.35
CA ASP C 307 -3.38 56.31 15.09
C ASP C 307 -4.58 55.55 14.54
N THR C 308 -5.19 56.10 13.50
CA THR C 308 -6.24 55.42 12.74
C THR C 308 -5.79 55.30 11.29
N LEU C 309 -5.92 54.09 10.74
CA LEU C 309 -5.63 53.80 9.35
C LEU C 309 -6.96 53.56 8.65
N SER C 310 -7.33 54.44 7.73
CA SER C 310 -8.65 54.40 7.12
C SER C 310 -8.52 54.31 5.61
N GLY C 311 -9.58 53.81 4.99
CA GLY C 311 -9.62 53.65 3.56
C GLY C 311 -10.75 52.71 3.14
N THR C 312 -10.62 52.19 1.93
CA THR C 312 -11.60 51.25 1.40
C THR C 312 -10.88 50.11 0.67
N CYS C 313 -11.45 48.92 0.78
CA CYS C 313 -11.15 47.80 -0.10
C CYS C 313 -12.36 47.62 -1.01
N LEU C 314 -12.15 47.78 -2.32
CA LEU C 314 -13.20 47.67 -3.31
C LEU C 314 -12.94 46.41 -4.13
N LEU C 315 -13.94 45.53 -4.19
CA LEU C 315 -13.84 44.30 -4.97
C LEU C 315 -14.84 44.38 -6.12
N ILE C 316 -14.32 44.34 -7.34
CA ILE C 316 -15.12 44.49 -8.56
C ILE C 316 -15.10 43.16 -9.30
N ALA C 317 -16.25 42.49 -9.36
CA ALA C 317 -16.33 41.18 -10.01
C ALA C 317 -15.96 41.29 -11.48
N ASN C 318 -15.24 40.29 -11.98
CA ASN C 318 -14.88 40.19 -13.38
C ASN C 318 -15.38 38.88 -13.96
N LYS C 319 -15.26 38.75 -15.28
CA LYS C 319 -15.76 37.56 -15.97
C LYS C 319 -14.86 36.33 -15.80
N ARG C 320 -13.73 36.45 -15.09
CA ARG C 320 -12.88 35.30 -14.81
C ARG C 320 -13.20 34.66 -13.46
N GLN C 321 -14.47 34.71 -13.06
CA GLN C 321 -14.93 34.10 -11.82
C GLN C 321 -14.10 34.58 -10.63
N SER C 322 -13.72 35.85 -10.65
CA SER C 322 -12.91 36.41 -9.58
C SER C 322 -13.15 37.91 -9.50
N TYR C 323 -12.24 38.60 -8.83
CA TYR C 323 -12.39 40.01 -8.51
C TYR C 323 -11.10 40.76 -8.79
N ASP C 324 -11.25 42.01 -9.26
CA ASP C 324 -10.18 42.99 -9.25
C ASP C 324 -10.25 43.71 -7.91
N ILE C 325 -9.12 43.79 -7.22
CA ILE C 325 -9.06 44.33 -5.86
C ILE C 325 -8.37 45.69 -5.90
N SER C 326 -9.07 46.71 -5.41
CA SER C 326 -8.53 48.06 -5.28
C SER C 326 -8.51 48.42 -3.81
N ILE C 327 -7.31 48.65 -3.27
CA ILE C 327 -7.16 49.03 -1.86
C ILE C 327 -6.57 50.43 -1.80
N VAL C 328 -7.22 51.30 -1.04
CA VAL C 328 -6.72 52.63 -0.73
C VAL C 328 -6.70 52.77 0.79
N ALA C 329 -5.57 53.23 1.33
CA ALA C 329 -5.41 53.37 2.77
C ALA C 329 -4.65 54.65 3.06
N GLN C 330 -4.93 55.24 4.22
CA GLN C 330 -4.18 56.41 4.66
C GLN C 330 -4.15 56.47 6.17
N VAL C 331 -3.02 56.94 6.71
CA VAL C 331 -2.89 57.25 8.12
C VAL C 331 -3.48 58.64 8.36
N ASP C 332 -4.60 58.70 9.07
CA ASP C 332 -5.30 59.96 9.20
C ASP C 332 -4.43 61.03 9.84
N GLN C 333 -3.65 60.65 10.87
CA GLN C 333 -2.93 61.66 11.64
C GLN C 333 -1.81 62.30 10.82
N THR C 334 -1.26 61.60 9.83
CA THR C 334 -0.14 62.11 9.06
C THR C 334 -0.46 62.39 7.60
N GLY C 335 -1.55 61.85 7.07
CA GLY C 335 -1.84 62.01 5.66
C GLY C 335 -1.07 61.09 4.75
N SER C 336 -0.30 60.15 5.30
CA SER C 336 0.42 59.20 4.46
C SER C 336 -0.55 58.26 3.77
N LYS C 337 -0.45 58.15 2.45
CA LYS C 337 -1.44 57.48 1.63
C LYS C 337 -0.78 56.38 0.81
N SER C 338 -1.46 55.25 0.66
CA SER C 338 -1.01 54.19 -0.22
C SER C 338 -2.21 53.55 -0.89
N SER C 339 -1.94 52.85 -1.98
CA SER C 339 -2.94 52.09 -2.70
C SER C 339 -2.29 50.81 -3.22
N ASN C 340 -3.11 49.97 -3.85
CA ASN C 340 -2.63 48.89 -4.70
C ASN C 340 -3.82 48.32 -5.47
N LEU C 341 -3.52 47.76 -6.64
CA LEU C 341 -4.49 47.03 -7.44
C LEU C 341 -3.99 45.60 -7.57
N LEU C 342 -4.87 44.63 -7.33
CA LEU C 342 -4.49 43.23 -7.37
C LEU C 342 -5.53 42.43 -8.15
N ASP C 343 -5.05 41.33 -8.73
CA ASP C 343 -5.88 40.39 -9.50
C ASP C 343 -6.04 39.11 -8.66
N LEU C 344 -7.20 38.96 -8.02
CA LEU C 344 -7.44 37.76 -7.21
C LEU C 344 -7.43 36.48 -8.04
N LYS C 345 -7.64 36.59 -9.36
CA LYS C 345 -7.64 35.39 -10.20
C LYS C 345 -6.27 34.74 -10.30
N ASN C 346 -5.19 35.48 -10.02
CA ASN C 346 -3.83 35.02 -10.20
C ASN C 346 -3.07 35.15 -8.88
N PRO C 347 -3.47 34.39 -7.87
CA PRO C 347 -2.78 34.47 -6.57
C PRO C 347 -1.41 33.80 -6.60
N PHE C 348 -0.55 34.21 -5.68
CA PHE C 348 0.75 33.59 -5.48
C PHE C 348 0.66 32.66 -4.27
N PHE C 349 0.83 31.37 -4.50
CA PHE C 349 0.85 30.36 -3.43
C PHE C 349 2.26 30.29 -2.85
N ARG C 350 2.44 30.82 -1.64
CA ARG C 350 3.74 30.97 -1.00
C ARG C 350 4.00 29.90 0.04
N TYR C 351 2.94 29.34 0.63
CA TYR C 351 3.04 28.31 1.65
C TYR C 351 3.97 27.17 1.23
N THR C 352 4.66 26.60 2.21
CA THR C 352 5.68 25.59 1.96
C THR C 352 5.52 24.33 2.83
N ARG D 9 -8.85 29.26 -38.34
CA ARG D 9 -8.50 28.81 -39.71
C ARG D 9 -7.00 28.47 -39.79
N SER D 10 -6.17 28.95 -38.85
CA SER D 10 -4.71 28.70 -38.83
C SER D 10 -4.44 27.26 -38.40
N VAL D 11 -3.28 26.72 -38.77
CA VAL D 11 -2.88 25.35 -38.36
C VAL D 11 -2.95 25.31 -36.84
N PHE D 12 -2.52 26.38 -36.15
CA PHE D 12 -2.50 26.34 -34.70
C PHE D 12 -3.91 26.18 -34.13
N SER D 13 -4.84 27.03 -34.56
CA SER D 13 -6.18 27.01 -33.97
C SER D 13 -6.92 25.73 -34.33
N GLU D 14 -6.65 25.15 -35.50
CA GLU D 14 -7.32 23.91 -35.86
C GLU D 14 -6.98 22.79 -34.87
N ARG D 15 -5.75 22.78 -34.36
CA ARG D 15 -5.27 21.69 -33.51
C ARG D 15 -5.33 22.03 -32.02
N THR D 16 -5.88 23.19 -31.65
CA THR D 16 -5.82 23.67 -30.27
C THR D 16 -7.17 24.23 -29.84
N GLU D 17 -7.66 23.74 -28.71
CA GLU D 17 -8.85 24.33 -28.11
C GLU D 17 -8.54 25.74 -27.60
N GLU D 18 -9.48 26.67 -27.82
CA GLU D 18 -9.32 28.05 -27.39
C GLU D 18 -8.92 28.12 -25.91
N SER D 19 -9.68 27.45 -25.05
CA SER D 19 -9.42 27.57 -23.61
C SER D 19 -8.03 27.09 -23.23
N SER D 20 -7.52 26.05 -23.91
CA SER D 20 -6.14 25.63 -23.67
C SER D 20 -5.18 26.74 -24.05
N ALA D 21 -5.37 27.32 -25.24
CA ALA D 21 -4.44 28.34 -25.73
C ALA D 21 -4.45 29.57 -24.84
N VAL D 22 -5.65 30.04 -24.44
CA VAL D 22 -5.72 31.20 -23.54
C VAL D 22 -4.82 30.98 -22.33
N GLN D 23 -5.04 29.86 -21.61
CA GLN D 23 -4.24 29.56 -20.42
C GLN D 23 -2.75 29.49 -20.77
N TYR D 24 -2.41 28.75 -21.83
CA TYR D 24 -1.01 28.56 -22.21
C TYR D 24 -0.28 29.90 -22.37
N PHE D 25 -0.85 30.78 -23.20
CA PHE D 25 -0.17 32.04 -23.49
C PHE D 25 -0.28 33.05 -22.35
N GLN D 26 -1.30 32.94 -21.49
CA GLN D 26 -1.31 33.72 -20.26
C GLN D 26 -0.14 33.34 -19.37
N PHE D 27 0.10 32.03 -19.23
CA PHE D 27 1.18 31.53 -18.38
C PHE D 27 2.54 32.05 -18.84
N TYR D 28 2.80 32.00 -20.14
CA TYR D 28 4.08 32.46 -20.65
C TYR D 28 4.15 33.98 -20.76
N GLY D 29 3.06 34.67 -20.47
CA GLY D 29 3.11 36.12 -20.44
C GLY D 29 3.77 36.70 -19.20
N TYR D 30 4.07 35.87 -18.21
CA TYR D 30 4.57 36.37 -16.93
C TYR D 30 6.09 36.43 -16.91
N LEU D 31 6.62 37.55 -16.42
CA LEU D 31 8.07 37.68 -16.29
C LEU D 31 8.64 36.65 -15.33
N SER D 32 7.88 36.26 -14.31
CA SER D 32 8.38 35.30 -13.33
C SER D 32 8.65 33.94 -13.97
N GLN D 33 7.83 33.52 -14.94
CA GLN D 33 8.10 32.28 -15.63
C GLN D 33 9.33 32.41 -16.53
N GLN D 34 9.51 33.58 -17.16
CA GLN D 34 10.72 33.82 -17.92
C GLN D 34 11.95 33.73 -17.02
N GLN D 35 11.88 34.35 -15.83
CA GLN D 35 13.00 34.27 -14.90
C GLN D 35 13.30 32.83 -14.53
N ASN D 36 12.24 32.03 -14.33
CA ASN D 36 12.41 30.65 -13.91
C ASN D 36 13.13 29.83 -14.96
N MET D 37 12.86 30.10 -16.24
CA MET D 37 13.53 29.37 -17.31
C MET D 37 14.94 29.92 -17.53
N MET D 38 15.11 31.24 -17.38
CA MET D 38 16.39 31.87 -17.69
C MET D 38 17.44 31.54 -16.64
N GLN D 39 17.04 31.40 -15.38
CA GLN D 39 17.99 31.13 -14.30
C GLN D 39 18.46 29.69 -14.26
N ASP D 40 17.89 28.82 -15.09
CA ASP D 40 18.43 27.47 -15.30
C ASP D 40 19.73 27.63 -16.08
N TYR D 41 20.87 27.58 -15.40
CA TYR D 41 22.13 27.92 -16.06
C TYR D 41 22.50 26.88 -17.12
N VAL D 42 22.22 25.60 -16.84
CA VAL D 42 22.49 24.57 -17.84
C VAL D 42 21.76 24.91 -19.14
N ARG D 43 20.46 25.21 -19.03
CA ARG D 43 19.65 25.51 -20.18
C ARG D 43 20.17 26.74 -20.93
N THR D 44 20.29 27.86 -20.21
CA THR D 44 20.69 29.10 -20.86
C THR D 44 22.14 29.05 -21.33
N GLY D 45 23.04 28.55 -20.48
CA GLY D 45 24.45 28.49 -20.86
C GLY D 45 24.71 27.58 -22.05
N THR D 46 23.99 26.46 -22.13
CA THR D 46 24.22 25.55 -23.24
C THR D 46 23.72 26.14 -24.55
N TYR D 47 22.56 26.80 -24.52
CA TYR D 47 22.09 27.50 -25.71
C TYR D 47 23.09 28.56 -26.15
N GLN D 48 23.65 29.32 -25.20
CA GLN D 48 24.63 30.34 -25.57
C GLN D 48 25.86 29.69 -26.19
N ARG D 49 26.35 28.61 -25.58
CA ARG D 49 27.52 27.93 -26.12
C ARG D 49 27.24 27.41 -27.53
N ALA D 50 26.10 26.76 -27.71
CA ALA D 50 25.74 26.20 -29.01
C ALA D 50 25.79 27.27 -30.09
N ILE D 51 25.29 28.47 -29.78
CA ILE D 51 25.22 29.53 -30.77
C ILE D 51 26.58 30.19 -30.96
N LEU D 52 27.24 30.56 -29.86
CA LEU D 52 28.47 31.33 -29.98
C LEU D 52 29.62 30.50 -30.52
N GLN D 53 29.72 29.24 -30.10
CA GLN D 53 30.79 28.40 -30.63
C GLN D 53 30.55 28.00 -32.08
N ASN D 54 29.33 28.17 -32.59
CA ASN D 54 29.03 27.97 -34.00
C ASN D 54 28.71 29.31 -34.64
N HIS D 55 29.61 30.28 -34.44
CA HIS D 55 29.35 31.65 -34.88
C HIS D 55 29.27 31.74 -36.40
N THR D 56 29.97 30.85 -37.13
CA THR D 56 29.91 30.93 -38.57
C THR D 56 28.52 30.59 -39.11
N ASP D 57 27.73 29.81 -38.35
CA ASP D 57 26.37 29.52 -38.76
C ASP D 57 25.44 30.71 -38.56
N PHE D 58 25.93 31.79 -37.95
CA PHE D 58 25.12 32.98 -37.73
C PHE D 58 25.68 34.24 -38.38
N LYS D 59 26.99 34.31 -38.64
CA LYS D 59 27.60 35.52 -39.17
C LYS D 59 26.92 35.96 -40.47
N ASP D 60 26.40 37.19 -40.45
CA ASP D 60 25.75 37.80 -41.60
C ASP D 60 24.55 36.99 -42.11
N LYS D 61 23.92 36.21 -41.25
CA LYS D 61 22.82 35.36 -41.63
C LYS D 61 21.48 35.96 -41.18
N ILE D 62 20.41 35.43 -41.75
CA ILE D 62 19.04 35.80 -41.37
C ILE D 62 18.48 34.68 -40.52
N VAL D 63 17.88 35.03 -39.39
CA VAL D 63 17.53 34.09 -38.34
C VAL D 63 16.05 34.22 -38.01
N LEU D 64 15.46 33.09 -37.61
CA LEU D 64 14.10 33.05 -37.09
C LEU D 64 14.12 32.41 -35.70
N ASP D 65 13.59 33.12 -34.71
CA ASP D 65 13.52 32.68 -33.32
C ASP D 65 12.05 32.42 -33.01
N VAL D 66 11.70 31.15 -32.83
CA VAL D 66 10.30 30.74 -32.72
C VAL D 66 9.93 30.67 -31.24
N GLY D 67 9.00 31.52 -30.81
CA GLY D 67 8.59 31.55 -29.43
C GLY D 67 9.68 32.14 -28.55
N CYS D 68 10.08 33.37 -28.89
CA CYS D 68 11.31 33.95 -28.34
C CYS D 68 11.18 34.36 -26.88
N GLY D 69 9.96 34.52 -26.37
CA GLY D 69 9.80 34.97 -25.00
C GLY D 69 10.46 36.31 -24.79
N SER D 70 11.34 36.37 -23.79
CA SER D 70 12.05 37.61 -23.48
C SER D 70 13.03 38.01 -24.57
N GLY D 71 13.37 37.08 -25.46
CA GLY D 71 14.26 37.37 -26.56
C GLY D 71 15.66 36.82 -26.44
N ILE D 72 15.94 36.03 -25.41
CA ILE D 72 17.32 35.74 -25.02
C ILE D 72 18.07 35.04 -26.14
N LEU D 73 17.43 34.10 -26.84
CA LEU D 73 18.15 33.41 -27.91
C LEU D 73 18.42 34.34 -29.08
N SER D 74 17.58 35.36 -29.28
CA SER D 74 17.83 36.32 -30.34
C SER D 74 19.04 37.18 -30.02
N PHE D 75 19.24 37.48 -28.73
CA PHE D 75 20.41 38.24 -28.34
C PHE D 75 21.68 37.41 -28.50
N PHE D 76 21.61 36.10 -28.25
CA PHE D 76 22.76 35.25 -28.52
C PHE D 76 23.08 35.23 -30.02
N ALA D 77 22.04 35.15 -30.86
CA ALA D 77 22.26 35.17 -32.30
C ALA D 77 22.89 36.49 -32.73
N ALA D 78 22.49 37.61 -32.11
CA ALA D 78 23.11 38.88 -32.43
C ALA D 78 24.57 38.92 -31.97
N GLN D 79 24.85 38.37 -30.79
CA GLN D 79 26.24 38.32 -30.32
C GLN D 79 27.10 37.52 -31.27
N ALA D 80 26.51 36.57 -32.00
CA ALA D 80 27.23 35.69 -32.91
C ALA D 80 27.34 36.27 -34.32
N GLY D 81 26.84 37.47 -34.55
CA GLY D 81 27.05 38.16 -35.80
C GLY D 81 25.89 38.16 -36.77
N ALA D 82 24.69 37.78 -36.34
CA ALA D 82 23.56 37.72 -37.25
C ALA D 82 23.24 39.08 -37.84
N ARG D 83 22.97 39.11 -39.15
CA ARG D 83 22.56 40.34 -39.80
C ARG D 83 21.15 40.74 -39.40
N LYS D 84 20.24 39.76 -39.29
CA LYS D 84 18.85 40.06 -39.03
C LYS D 84 18.18 38.86 -38.37
N ILE D 85 17.42 39.13 -37.31
CA ILE D 85 16.74 38.09 -36.51
C ILE D 85 15.28 38.47 -36.37
N TYR D 86 14.38 37.65 -36.92
CA TYR D 86 12.96 37.80 -36.70
C TYR D 86 12.56 36.97 -35.49
N ALA D 87 12.12 37.65 -34.43
CA ALA D 87 11.76 37.01 -33.17
C ALA D 87 10.25 36.95 -33.05
N VAL D 88 9.68 35.77 -33.21
CA VAL D 88 8.23 35.57 -33.21
C VAL D 88 7.80 35.10 -31.82
N GLU D 89 6.77 35.74 -31.28
CA GLU D 89 6.24 35.39 -29.96
C GLU D 89 4.77 35.75 -29.87
N ALA D 90 3.95 34.81 -29.43
CA ALA D 90 2.50 34.96 -29.44
C ALA D 90 1.94 35.46 -28.12
N SER D 91 2.71 35.47 -27.05
CA SER D 91 2.22 35.97 -25.77
C SER D 91 2.52 37.48 -25.64
N THR D 92 1.97 38.08 -24.58
CA THR D 92 2.26 39.48 -24.30
C THR D 92 3.73 39.74 -23.99
N MET D 93 4.52 38.69 -23.74
CA MET D 93 5.96 38.84 -23.55
C MET D 93 6.63 39.48 -24.74
N ALA D 94 5.97 39.48 -25.90
CA ALA D 94 6.56 40.11 -27.08
C ALA D 94 6.81 41.59 -26.87
N GLN D 95 5.94 42.27 -26.11
CA GLN D 95 6.15 43.69 -25.84
C GLN D 95 7.38 43.90 -24.95
N HIS D 96 7.62 43.00 -24.00
CA HIS D 96 8.80 43.13 -23.16
C HIS D 96 10.07 42.82 -23.94
N ALA D 97 10.03 41.82 -24.81
CA ALA D 97 11.17 41.58 -25.70
C ALA D 97 11.52 42.86 -26.46
N GLU D 98 10.51 43.56 -26.98
CA GLU D 98 10.76 44.82 -27.69
C GLU D 98 11.50 45.81 -26.81
N VAL D 99 11.07 45.95 -25.55
CA VAL D 99 11.75 46.87 -24.63
C VAL D 99 13.23 46.53 -24.55
N LEU D 100 13.55 45.25 -24.41
CA LEU D 100 14.94 44.85 -24.27
C LEU D 100 15.74 45.11 -25.54
N VAL D 101 15.13 44.91 -26.71
CA VAL D 101 15.82 45.18 -27.96
C VAL D 101 16.20 46.65 -28.03
N LYS D 102 15.26 47.54 -27.69
CA LYS D 102 15.56 48.96 -27.70
C LYS D 102 16.67 49.31 -26.72
N SER D 103 16.59 48.78 -25.50
CA SER D 103 17.52 49.16 -24.46
C SER D 103 18.90 48.53 -24.63
N ASN D 104 19.02 47.47 -25.43
CA ASN D 104 20.31 46.92 -25.79
C ASN D 104 20.78 47.41 -27.16
N ASN D 105 20.13 48.45 -27.68
CA ASN D 105 20.53 49.12 -28.92
C ASN D 105 20.73 48.14 -30.08
N LEU D 106 19.76 47.25 -30.26
CA LEU D 106 19.81 46.23 -31.29
C LEU D 106 18.60 46.30 -32.22
N THR D 107 17.95 47.46 -32.29
CA THR D 107 16.77 47.63 -33.14
C THR D 107 17.10 47.39 -34.61
N ASP D 108 18.34 47.65 -35.02
CA ASP D 108 18.72 47.41 -36.39
C ASP D 108 18.87 45.92 -36.69
N ARG D 109 18.80 45.06 -35.68
CA ARG D 109 19.15 43.66 -35.90
C ARG D 109 18.13 42.66 -35.38
N ILE D 110 17.36 43.00 -34.36
CA ILE D 110 16.31 42.13 -33.86
C ILE D 110 14.98 42.79 -34.14
N VAL D 111 14.12 42.08 -34.87
CA VAL D 111 12.78 42.55 -35.19
C VAL D 111 11.79 41.61 -34.52
N VAL D 112 11.13 42.08 -33.48
CA VAL D 112 10.07 41.31 -32.84
C VAL D 112 8.84 41.30 -33.74
N ILE D 113 8.22 40.15 -33.89
CA ILE D 113 7.00 39.99 -34.69
C ILE D 113 5.95 39.32 -33.82
N PRO D 114 4.99 40.08 -33.28
CA PRO D 114 3.97 39.47 -32.41
C PRO D 114 3.02 38.58 -33.18
N GLY D 115 2.70 37.43 -32.60
CA GLY D 115 1.71 36.52 -33.14
C GLY D 115 2.19 35.09 -33.12
N LYS D 116 1.31 34.20 -33.60
CA LYS D 116 1.64 32.80 -33.76
C LYS D 116 2.50 32.60 -34.99
N VAL D 117 3.50 31.73 -34.88
CA VAL D 117 4.36 31.49 -36.03
C VAL D 117 3.59 30.86 -37.19
N GLU D 118 2.45 30.21 -36.91
CA GLU D 118 1.60 29.69 -37.97
C GLU D 118 0.76 30.77 -38.64
N GLU D 119 0.79 32.01 -38.14
CA GLU D 119 -0.12 33.05 -38.61
C GLU D 119 0.57 34.33 -39.09
N VAL D 120 1.79 34.61 -38.65
CA VAL D 120 2.44 35.88 -39.00
C VAL D 120 3.01 35.79 -40.42
N SER D 121 3.31 36.96 -40.98
CA SER D 121 4.00 37.10 -42.26
C SER D 121 5.44 37.51 -42.00
N LEU D 122 6.38 36.80 -42.63
CA LEU D 122 7.79 37.16 -42.60
C LEU D 122 8.22 37.76 -43.93
N PRO D 123 9.04 38.82 -43.95
CA PRO D 123 9.38 39.44 -45.24
C PRO D 123 10.36 38.64 -46.07
N GLU D 124 11.06 37.65 -45.51
CA GLU D 124 12.06 36.93 -46.29
C GLU D 124 12.28 35.56 -45.67
N GLN D 125 12.92 34.69 -46.45
CA GLN D 125 13.31 33.36 -45.98
C GLN D 125 14.56 33.49 -45.11
N VAL D 126 14.77 32.51 -44.24
CA VAL D 126 15.81 32.59 -43.23
C VAL D 126 16.82 31.46 -43.43
N ASP D 127 18.02 31.69 -42.90
CA ASP D 127 19.11 30.73 -43.01
C ASP D 127 19.07 29.70 -41.89
N ILE D 128 18.47 30.04 -40.75
CA ILE D 128 18.54 29.16 -39.59
C ILE D 128 17.39 29.51 -38.66
N ILE D 129 16.79 28.48 -38.07
CA ILE D 129 15.72 28.62 -37.09
C ILE D 129 16.28 28.22 -35.73
N ILE D 130 16.02 29.06 -34.73
CA ILE D 130 16.36 28.74 -33.34
C ILE D 130 15.09 28.77 -32.52
N SER D 131 15.06 27.97 -31.46
CA SER D 131 13.89 27.89 -30.59
C SER D 131 14.21 26.99 -29.40
N GLU D 132 13.40 27.14 -28.35
CA GLU D 132 13.33 26.16 -27.27
C GLU D 132 11.95 25.52 -27.32
N PRO D 133 11.72 24.53 -28.18
CA PRO D 133 10.38 23.93 -28.32
C PRO D 133 10.10 22.75 -27.39
N MET D 134 11.05 22.36 -26.57
CA MET D 134 10.92 21.14 -25.79
C MET D 134 10.05 21.34 -24.55
N GLY D 135 9.10 20.44 -24.35
CA GLY D 135 8.33 20.36 -23.13
C GLY D 135 8.76 19.17 -22.30
N TYR D 136 8.06 18.98 -21.17
CA TYR D 136 8.23 17.76 -20.39
C TYR D 136 8.15 16.57 -21.34
N MET D 137 9.01 15.59 -21.12
CA MET D 137 8.96 14.39 -21.96
C MET D 137 9.17 14.74 -23.43
N LEU D 138 9.84 15.87 -23.66
CA LEU D 138 10.09 16.43 -24.98
C LEU D 138 8.82 16.96 -25.65
N PHE D 139 7.75 16.17 -25.67
CA PHE D 139 6.65 16.46 -26.58
C PHE D 139 5.54 17.32 -25.96
N ASN D 140 5.48 17.44 -24.64
CA ASN D 140 4.43 18.24 -24.04
C ASN D 140 4.44 19.65 -24.60
N GLU D 141 3.24 20.24 -24.68
CA GLU D 141 2.98 21.58 -25.19
C GLU D 141 2.76 21.60 -26.71
N ARG D 142 3.16 20.52 -27.39
CA ARG D 142 3.03 20.44 -28.85
C ARG D 142 3.72 21.63 -29.54
N MET D 143 4.71 22.20 -28.88
CA MET D 143 5.50 23.29 -29.45
C MET D 143 6.43 22.80 -30.55
N LEU D 144 6.75 21.51 -30.56
CA LEU D 144 7.58 20.99 -31.64
C LEU D 144 6.89 21.10 -32.98
N GLU D 145 5.56 21.09 -33.00
CA GLU D 145 4.84 21.21 -34.26
C GLU D 145 4.98 22.62 -34.82
N SER D 146 5.02 23.62 -33.94
CA SER D 146 5.20 25.00 -34.39
C SER D 146 6.62 25.23 -34.90
N TYR D 147 7.61 24.60 -34.25
CA TYR D 147 9.00 24.68 -34.70
C TYR D 147 9.15 24.06 -36.09
N LEU D 148 8.53 22.90 -36.31
CA LEU D 148 8.61 22.27 -37.62
C LEU D 148 7.79 23.04 -38.64
N HIS D 149 6.62 23.55 -38.24
CA HIS D 149 5.85 24.40 -39.14
C HIS D 149 6.70 25.54 -39.69
N ALA D 150 7.53 26.13 -38.84
CA ALA D 150 8.32 27.30 -39.22
C ALA D 150 9.29 27.00 -40.36
N LYS D 151 9.52 25.72 -40.70
CA LYS D 151 10.44 25.41 -41.78
C LYS D 151 9.95 25.97 -43.12
N LYS D 152 8.68 26.33 -43.22
CA LYS D 152 8.22 26.99 -44.44
C LYS D 152 9.03 28.25 -44.72
N TYR D 153 9.62 28.83 -43.69
CA TYR D 153 10.45 30.03 -43.85
C TYR D 153 11.93 29.70 -44.00
N LEU D 154 12.30 28.43 -44.00
CA LEU D 154 13.70 28.04 -44.05
C LEU D 154 14.16 27.88 -45.51
N LYS D 155 15.27 28.53 -45.85
CA LYS D 155 15.87 28.32 -47.15
C LYS D 155 16.27 26.86 -47.31
N PRO D 156 16.50 26.41 -48.55
CA PRO D 156 16.68 24.96 -48.77
C PRO D 156 17.72 24.28 -47.90
N SER D 157 18.96 24.77 -47.85
CA SER D 157 19.98 24.12 -47.05
C SER D 157 20.11 24.73 -45.65
N GLY D 158 19.02 25.30 -45.13
CA GLY D 158 19.05 25.93 -43.83
C GLY D 158 19.20 24.94 -42.69
N ASN D 159 19.55 25.49 -41.54
CA ASN D 159 19.82 24.70 -40.34
C ASN D 159 18.77 24.97 -39.27
N MET D 160 18.79 24.12 -38.25
CA MET D 160 17.87 24.27 -37.12
C MET D 160 18.61 23.98 -35.83
N PHE D 161 18.46 24.90 -34.88
CA PHE D 161 19.08 24.83 -33.56
C PHE D 161 17.96 24.81 -32.54
N PRO D 162 17.63 23.66 -31.93
CA PRO D 162 18.31 22.35 -32.05
C PRO D 162 18.01 21.62 -33.35
N THR D 163 18.91 20.70 -33.71
CA THR D 163 18.83 19.97 -34.96
C THR D 163 18.09 18.65 -34.82
N ILE D 164 18.31 17.94 -33.71
CA ILE D 164 17.65 16.66 -33.46
C ILE D 164 17.26 16.57 -31.99
N GLY D 165 16.36 15.64 -31.71
CA GLY D 165 16.00 15.33 -30.35
C GLY D 165 15.96 13.84 -30.14
N ASP D 166 16.47 13.40 -28.99
CA ASP D 166 16.45 12.01 -28.58
C ASP D 166 15.59 11.87 -27.34
N VAL D 167 14.53 11.07 -27.43
CA VAL D 167 13.79 10.68 -26.25
C VAL D 167 14.34 9.36 -25.75
N HIS D 168 14.51 9.23 -24.44
CA HIS D 168 15.01 8.02 -23.81
C HIS D 168 13.94 7.45 -22.90
N LEU D 169 13.71 6.14 -23.00
CA LEU D 169 12.82 5.40 -22.12
C LEU D 169 13.62 4.32 -21.40
N ALA D 170 13.31 4.09 -20.13
CA ALA D 170 13.93 2.97 -19.41
C ALA D 170 12.97 2.49 -18.33
N PRO D 171 12.97 1.19 -18.04
CA PRO D 171 12.16 0.68 -16.92
C PRO D 171 12.79 1.01 -15.57
N PHE D 172 11.94 1.24 -14.57
CA PHE D 172 12.43 1.61 -13.24
C PHE D 172 11.67 0.86 -12.15
N THR D 173 12.34 0.71 -11.02
CA THR D 173 11.76 0.16 -9.80
C THR D 173 11.85 1.23 -8.71
N ASP D 174 10.70 1.60 -8.14
CA ASP D 174 10.63 2.58 -7.06
C ASP D 174 9.42 2.26 -6.20
N GLU D 175 9.58 1.33 -5.25
CA GLU D 175 8.45 0.91 -4.41
C GLU D 175 7.84 2.10 -3.67
N GLN D 176 8.67 3.05 -3.23
CA GLN D 176 8.16 4.17 -2.46
C GLN D 176 7.27 5.08 -3.31
N LEU D 177 7.67 5.33 -4.56
CA LEU D 177 6.81 6.11 -5.45
C LEU D 177 5.48 5.40 -5.69
N TYR D 178 5.53 4.08 -5.92
CA TYR D 178 4.32 3.32 -6.16
C TYR D 178 3.38 3.37 -4.96
N MET D 179 3.90 3.11 -3.76
CA MET D 179 3.05 3.06 -2.57
C MET D 179 2.54 4.44 -2.18
N GLU D 180 3.24 5.50 -2.58
CA GLU D 180 2.74 6.85 -2.35
C GLU D 180 1.49 7.12 -3.17
N GLN D 181 1.55 6.86 -4.47
CA GLN D 181 0.39 7.07 -5.33
C GLN D 181 -0.71 6.07 -4.99
N PHE D 182 -0.33 4.84 -4.62
CA PHE D 182 -1.30 3.82 -4.24
C PHE D 182 -1.99 4.16 -2.93
N THR D 183 -1.23 4.67 -1.96
CA THR D 183 -1.79 5.04 -0.67
C THR D 183 -2.80 6.17 -0.81
N LYS D 184 -2.52 7.12 -1.70
CA LYS D 184 -3.47 8.20 -1.94
C LYS D 184 -4.81 7.66 -2.42
N ALA D 185 -4.78 6.74 -3.39
CA ALA D 185 -6.02 6.25 -3.97
C ALA D 185 -6.85 5.47 -2.96
N ASN D 186 -6.21 4.82 -1.99
CA ASN D 186 -6.93 4.00 -1.02
C ASN D 186 -7.66 4.83 0.02
N PHE D 187 -7.58 6.16 -0.07
CA PHE D 187 -8.55 7.02 0.61
C PHE D 187 -9.96 6.58 0.26
N TRP D 188 -10.20 6.33 -1.03
CA TRP D 188 -11.50 5.95 -1.56
C TRP D 188 -11.85 4.48 -1.34
N TYR D 189 -11.03 3.74 -0.59
CA TYR D 189 -11.33 2.40 -0.12
C TYR D 189 -12.17 2.42 1.15
N GLN D 190 -12.32 3.57 1.79
CA GLN D 190 -12.94 3.66 3.09
C GLN D 190 -14.42 3.32 3.01
N PRO D 191 -14.92 2.38 3.82
CA PRO D 191 -16.36 2.12 3.88
C PRO D 191 -17.16 3.04 4.80
N SER D 192 -16.50 3.90 5.59
CA SER D 192 -17.25 4.77 6.50
C SER D 192 -16.42 6.02 6.82
N PHE D 193 -16.26 6.84 5.79
CA PHE D 193 -15.71 8.18 5.93
C PHE D 193 -16.83 9.11 6.43
N HIS D 194 -16.77 9.51 7.70
CA HIS D 194 -17.87 10.21 8.34
C HIS D 194 -19.20 9.50 8.08
N GLY D 195 -19.16 8.17 8.03
CA GLY D 195 -20.35 7.37 7.83
C GLY D 195 -20.73 7.11 6.39
N VAL D 196 -19.87 7.43 5.43
CA VAL D 196 -20.17 7.35 4.02
C VAL D 196 -19.25 6.32 3.38
N ASP D 197 -19.83 5.36 2.67
CA ASP D 197 -19.09 4.32 1.96
C ASP D 197 -18.59 4.89 0.63
N LEU D 198 -17.29 5.14 0.55
CA LEU D 198 -16.69 5.71 -0.66
C LEU D 198 -16.12 4.65 -1.59
N SER D 199 -16.18 3.37 -1.21
CA SER D 199 -15.37 2.35 -1.87
C SER D 199 -15.77 2.11 -3.31
N ALA D 200 -17.01 2.41 -3.69
CA ALA D 200 -17.41 2.23 -5.08
C ALA D 200 -16.59 3.06 -6.04
N LEU D 201 -15.89 4.09 -5.55
CA LEU D 201 -15.08 4.96 -6.39
C LEU D 201 -13.59 4.61 -6.36
N ARG D 202 -13.21 3.59 -5.58
CA ARG D 202 -11.80 3.23 -5.44
C ARG D 202 -11.14 3.02 -6.80
N GLY D 203 -11.78 2.24 -7.68
CA GLY D 203 -11.20 1.99 -8.99
C GLY D 203 -10.98 3.25 -9.80
N ALA D 204 -11.98 4.14 -9.81
CA ALA D 204 -11.86 5.38 -10.56
C ALA D 204 -10.76 6.27 -9.98
N ALA D 205 -10.55 6.21 -8.66
CA ALA D 205 -9.49 7.00 -8.04
C ALA D 205 -8.11 6.47 -8.44
N VAL D 206 -7.91 5.15 -8.36
CA VAL D 206 -6.64 4.57 -8.77
C VAL D 206 -6.33 4.94 -10.22
N ASP D 207 -7.32 4.80 -11.10
CA ASP D 207 -7.13 5.19 -12.49
C ASP D 207 -6.66 6.64 -12.59
N GLU D 208 -7.36 7.55 -11.90
CA GLU D 208 -7.02 8.96 -12.00
C GLU D 208 -5.59 9.22 -11.54
N TYR D 209 -5.19 8.61 -10.42
CA TYR D 209 -3.86 8.88 -9.88
C TYR D 209 -2.76 8.31 -10.77
N PHE D 210 -2.98 7.10 -11.29
CA PHE D 210 -1.93 6.46 -12.07
C PHE D 210 -1.88 6.94 -13.51
N ARG D 211 -2.87 7.71 -13.94
CA ARG D 211 -2.79 8.39 -15.23
C ARG D 211 -1.86 9.59 -15.18
N GLN D 212 -1.50 10.05 -13.99
CA GLN D 212 -0.68 11.24 -13.87
C GLN D 212 0.80 10.91 -14.06
N PRO D 213 1.47 11.45 -15.09
CA PRO D 213 2.93 11.32 -15.13
C PRO D 213 3.58 12.05 -13.98
N VAL D 214 4.61 11.43 -13.40
CA VAL D 214 5.28 11.98 -12.22
C VAL D 214 6.48 12.78 -12.71
N VAL D 215 6.43 14.09 -12.52
CA VAL D 215 7.51 14.98 -12.90
C VAL D 215 8.34 15.25 -11.65
N ASP D 216 9.58 14.76 -11.66
CA ASP D 216 10.55 15.00 -10.59
C ASP D 216 11.83 14.30 -11.03
N THR D 217 12.86 14.31 -10.21
CA THR D 217 14.11 13.62 -10.52
C THR D 217 14.26 12.40 -9.62
N PHE D 218 15.32 11.64 -9.87
CA PHE D 218 15.52 10.36 -9.19
C PHE D 218 16.95 9.89 -9.43
N ASP D 219 17.40 9.02 -8.52
CA ASP D 219 18.72 8.43 -8.66
C ASP D 219 18.72 7.36 -9.75
N ILE D 220 19.79 7.35 -10.55
CA ILE D 220 19.85 6.40 -11.66
C ILE D 220 19.82 4.95 -11.18
N ARG D 221 20.03 4.72 -9.88
CA ARG D 221 20.05 3.36 -9.39
C ARG D 221 18.70 2.66 -9.55
N ILE D 222 17.61 3.42 -9.74
CA ILE D 222 16.31 2.78 -9.94
C ILE D 222 16.11 2.24 -11.34
N LEU D 223 16.99 2.57 -12.28
CA LEU D 223 16.85 2.12 -13.67
C LEU D 223 17.33 0.66 -13.79
N MET D 224 16.51 -0.16 -14.42
CA MET D 224 16.73 -1.60 -14.47
C MET D 224 17.19 -2.08 -15.83
N ALA D 225 17.35 -1.20 -16.81
CA ALA D 225 17.87 -1.60 -18.10
C ALA D 225 18.38 -0.37 -18.82
N LYS D 226 19.29 -0.59 -19.76
CA LYS D 226 19.76 0.48 -20.62
C LYS D 226 18.58 1.10 -21.36
N SER D 227 18.61 2.42 -21.52
CA SER D 227 17.49 3.14 -22.12
C SER D 227 17.40 2.84 -23.61
N VAL D 228 16.17 2.93 -24.13
CA VAL D 228 15.90 2.86 -25.56
C VAL D 228 15.65 4.27 -26.06
N LYS D 229 16.06 4.54 -27.30
CA LYS D 229 16.15 5.87 -27.85
C LYS D 229 15.22 6.00 -29.05
N TYR D 230 14.43 7.06 -29.07
CA TYR D 230 13.61 7.43 -30.22
C TYR D 230 14.03 8.82 -30.67
N THR D 231 14.37 8.96 -31.95
CA THR D 231 15.03 10.16 -32.46
C THR D 231 14.09 10.90 -33.40
N VAL D 232 13.98 12.21 -33.20
CA VAL D 232 13.32 13.10 -34.16
C VAL D 232 14.40 13.99 -34.78
N ASN D 233 14.53 13.91 -36.10
CA ASN D 233 15.41 14.80 -36.86
C ASN D 233 14.57 16.00 -37.31
N PHE D 234 14.80 17.16 -36.68
CA PHE D 234 13.96 18.32 -36.98
C PHE D 234 14.17 18.85 -38.40
N LEU D 235 15.33 18.60 -39.00
CA LEU D 235 15.51 18.98 -40.39
C LEU D 235 14.59 18.20 -41.32
N GLU D 236 14.16 17.01 -40.92
CA GLU D 236 13.44 16.10 -41.80
C GLU D 236 11.98 15.87 -41.41
N ALA D 237 11.64 15.97 -40.12
CA ALA D 237 10.28 15.67 -39.69
C ALA D 237 9.29 16.70 -40.22
N LYS D 238 8.05 16.26 -40.38
CA LYS D 238 6.91 17.12 -40.69
C LYS D 238 6.02 17.20 -39.46
N GLU D 239 5.25 18.28 -39.38
CA GLU D 239 4.37 18.44 -38.23
C GLU D 239 3.55 17.18 -38.00
N GLY D 240 2.99 16.62 -39.09
CA GLY D 240 2.10 15.50 -38.97
C GLY D 240 2.74 14.29 -38.33
N ASP D 241 4.08 14.20 -38.42
CA ASP D 241 4.77 13.09 -37.79
C ASP D 241 4.49 13.05 -36.29
N LEU D 242 4.19 14.19 -35.69
CA LEU D 242 4.07 14.28 -34.25
C LEU D 242 2.64 14.16 -33.74
N HIS D 243 1.68 13.88 -34.62
CA HIS D 243 0.30 13.69 -34.16
C HIS D 243 0.10 12.32 -33.53
N ARG D 244 0.86 11.33 -33.98
CA ARG D 244 0.76 9.95 -33.53
C ARG D 244 2.17 9.39 -33.53
N ILE D 245 2.77 9.28 -32.36
CA ILE D 245 4.16 8.85 -32.20
C ILE D 245 4.16 7.45 -31.60
N GLU D 246 4.72 6.49 -32.34
CA GLU D 246 4.80 5.09 -31.93
C GLU D 246 6.26 4.79 -31.62
N ILE D 247 6.54 4.42 -30.38
CA ILE D 247 7.89 4.11 -29.93
C ILE D 247 7.93 2.66 -29.50
N PRO D 248 8.45 1.76 -30.34
CA PRO D 248 8.68 0.39 -29.90
C PRO D 248 9.86 0.31 -28.93
N PHE D 249 9.84 -0.71 -28.07
CA PHE D 249 10.97 -0.92 -27.17
C PHE D 249 11.13 -2.39 -26.86
N LYS D 250 12.40 -2.78 -26.64
CA LYS D 250 12.77 -4.10 -26.16
C LYS D 250 13.91 -3.87 -25.18
N PHE D 251 13.63 -4.05 -23.90
CA PHE D 251 14.63 -3.87 -22.86
C PHE D 251 15.22 -5.22 -22.47
N HIS D 252 16.54 -5.26 -22.31
CA HIS D 252 17.23 -6.42 -21.75
C HIS D 252 17.50 -6.10 -20.29
N MET D 253 16.79 -6.79 -19.39
CA MET D 253 16.81 -6.44 -17.98
C MET D 253 18.17 -6.72 -17.37
N LEU D 254 18.72 -5.72 -16.67
CA LEU D 254 20.00 -5.85 -16.01
C LEU D 254 19.88 -6.21 -14.54
N HIS D 255 18.69 -6.11 -13.96
CA HIS D 255 18.46 -6.47 -12.57
C HIS D 255 17.11 -7.16 -12.45
N SER D 256 17.01 -8.09 -11.49
CA SER D 256 15.74 -8.72 -11.17
C SER D 256 14.96 -7.85 -10.20
N GLY D 257 13.64 -7.91 -10.30
CA GLY D 257 12.78 -7.20 -9.37
C GLY D 257 11.50 -6.75 -10.02
N LEU D 258 10.80 -5.87 -9.31
CA LEU D 258 9.54 -5.34 -9.80
C LEU D 258 9.79 -4.10 -10.66
N VAL D 259 9.16 -4.06 -11.83
CA VAL D 259 9.16 -2.91 -12.70
C VAL D 259 7.89 -2.12 -12.41
N HIS D 260 8.03 -0.90 -11.89
CA HIS D 260 6.87 -0.08 -11.55
C HIS D 260 6.46 0.89 -12.64
N GLY D 261 7.25 1.02 -13.69
CA GLY D 261 6.89 1.89 -14.79
C GLY D 261 8.08 2.17 -15.68
N LEU D 262 7.89 3.15 -16.55
CA LEU D 262 8.92 3.61 -17.47
C LEU D 262 9.30 5.04 -17.12
N ALA D 263 10.60 5.33 -17.19
CA ALA D 263 11.12 6.69 -17.00
C ALA D 263 11.49 7.28 -18.35
N PHE D 264 11.23 8.58 -18.50
CA PHE D 264 11.48 9.31 -19.74
C PHE D 264 12.38 10.50 -19.49
N TRP D 265 13.28 10.77 -20.44
CA TRP D 265 14.04 12.01 -20.49
C TRP D 265 14.44 12.24 -21.93
N PHE D 266 15.07 13.39 -22.21
CA PHE D 266 15.46 13.66 -23.58
C PHE D 266 16.78 14.43 -23.65
N ASP D 267 17.42 14.31 -24.81
CA ASP D 267 18.56 15.12 -25.21
C ASP D 267 18.23 15.81 -26.53
N VAL D 268 18.79 17.00 -26.74
CA VAL D 268 18.77 17.60 -28.07
C VAL D 268 20.20 17.95 -28.47
N ALA D 269 20.46 17.99 -29.78
CA ALA D 269 21.77 18.31 -30.31
C ALA D 269 21.66 19.52 -31.23
N PHE D 270 22.62 20.43 -31.10
CA PHE D 270 22.80 21.56 -31.99
C PHE D 270 23.96 21.19 -32.93
N ILE D 271 23.64 20.70 -34.12
CA ILE D 271 24.66 20.21 -35.04
C ILE D 271 25.11 21.41 -35.86
N GLY D 272 26.19 22.04 -35.42
CA GLY D 272 26.71 23.21 -36.09
C GLY D 272 27.87 22.88 -37.01
N SER D 273 28.29 23.89 -37.76
CA SER D 273 29.39 23.71 -38.71
C SER D 273 30.70 23.52 -37.98
N ILE D 274 30.88 24.17 -36.83
CA ILE D 274 32.14 24.10 -36.09
C ILE D 274 32.12 22.95 -35.08
N MET D 275 30.98 22.72 -34.42
CA MET D 275 30.92 21.62 -33.47
C MET D 275 29.46 21.33 -33.13
N THR D 276 29.23 20.11 -32.63
CA THR D 276 27.94 19.67 -32.15
C THR D 276 27.88 19.83 -30.63
N VAL D 277 26.85 20.51 -30.14
CA VAL D 277 26.68 20.79 -28.73
C VAL D 277 25.40 20.12 -28.25
N TRP D 278 25.48 19.42 -27.13
CA TRP D 278 24.39 18.61 -26.61
C TRP D 278 23.80 19.25 -25.36
N LEU D 279 22.48 19.22 -25.27
CA LEU D 279 21.75 19.61 -24.06
C LEU D 279 20.97 18.39 -23.57
N SER D 280 21.33 17.90 -22.39
CA SER D 280 20.77 16.66 -21.87
C SER D 280 19.99 16.91 -20.58
N THR D 281 18.80 16.30 -20.49
CA THR D 281 18.03 16.27 -19.26
C THR D 281 18.06 14.89 -18.60
N ALA D 282 19.07 14.08 -18.92
CA ALA D 282 19.19 12.76 -18.35
C ALA D 282 19.36 12.84 -16.83
N PRO D 283 18.96 11.80 -16.10
CA PRO D 283 19.16 11.79 -14.65
C PRO D 283 20.61 11.66 -14.24
N THR D 284 21.51 11.33 -15.19
CA THR D 284 22.94 11.35 -14.93
C THR D 284 23.53 12.74 -15.01
N GLU D 285 22.76 13.73 -15.42
CA GLU D 285 23.23 15.08 -15.66
C GLU D 285 22.60 16.06 -14.67
N PRO D 286 23.20 17.23 -14.47
CA PRO D 286 22.62 18.19 -13.51
C PRO D 286 21.16 18.47 -13.84
N LEU D 287 20.38 18.71 -12.79
CA LEU D 287 18.94 18.93 -12.96
C LEU D 287 18.66 20.15 -13.86
N THR D 288 17.60 20.03 -14.64
CA THR D 288 17.08 21.14 -15.42
C THR D 288 15.62 21.37 -15.05
N HIS D 289 15.06 22.47 -15.58
CA HIS D 289 13.63 22.74 -15.36
C HIS D 289 12.73 21.78 -16.11
N TRP D 290 13.29 20.86 -16.90
CA TRP D 290 12.53 19.77 -17.49
C TRP D 290 12.46 18.54 -16.60
N TYR D 291 13.33 18.45 -15.59
CA TYR D 291 13.37 17.29 -14.70
C TYR D 291 13.41 15.99 -15.48
N GLN D 292 12.69 14.98 -15.02
CA GLN D 292 12.46 13.74 -15.75
C GLN D 292 11.00 13.37 -15.50
N VAL D 293 10.48 12.46 -16.32
CA VAL D 293 9.08 12.06 -16.24
C VAL D 293 8.97 10.55 -16.09
N ARG D 294 8.07 10.11 -15.21
CA ARG D 294 7.85 8.69 -15.00
C ARG D 294 6.38 8.35 -15.13
N CYS D 295 6.09 7.30 -15.90
CA CYS D 295 4.75 6.76 -16.07
C CYS D 295 4.65 5.46 -15.27
N LEU D 296 3.77 5.44 -14.27
CA LEU D 296 3.64 4.28 -13.42
C LEU D 296 2.71 3.24 -14.04
N PHE D 297 3.02 1.97 -13.83
CA PHE D 297 2.06 0.89 -14.06
C PHE D 297 1.15 0.75 -12.85
N GLN D 298 -0.14 0.46 -13.10
CA GLN D 298 -1.07 0.25 -11.99
C GLN D 298 -0.72 -1.01 -11.21
N SER D 299 -0.24 -2.05 -11.89
CA SER D 299 0.32 -3.23 -11.26
C SER D 299 1.74 -3.42 -11.76
N PRO D 300 2.74 -3.50 -10.88
CA PRO D 300 4.11 -3.72 -11.35
C PRO D 300 4.26 -5.10 -11.98
N LEU D 301 5.31 -5.23 -12.77
CA LEU D 301 5.66 -6.49 -13.42
C LEU D 301 6.91 -7.07 -12.78
N PHE D 302 6.92 -8.38 -12.61
CA PHE D 302 8.12 -9.05 -12.14
C PHE D 302 8.97 -9.45 -13.33
N ALA D 303 10.28 -9.22 -13.23
CA ALA D 303 11.21 -9.66 -14.26
C ALA D 303 12.51 -10.11 -13.61
N LYS D 304 13.17 -11.07 -14.28
CA LYS D 304 14.51 -11.51 -13.90
C LYS D 304 15.55 -10.81 -14.76
N ALA D 305 16.74 -10.60 -14.19
CA ALA D 305 17.88 -10.20 -14.99
C ALA D 305 18.01 -11.15 -16.17
N GLY D 306 18.17 -10.59 -17.37
CA GLY D 306 18.24 -11.38 -18.58
C GLY D 306 16.92 -11.56 -19.32
N ASP D 307 15.79 -11.31 -18.66
CA ASP D 307 14.52 -11.28 -19.35
C ASP D 307 14.50 -10.09 -20.30
N THR D 308 13.58 -10.12 -21.26
CA THR D 308 13.34 -8.98 -22.14
C THR D 308 11.94 -8.43 -21.87
N LEU D 309 11.85 -7.12 -21.71
CA LEU D 309 10.60 -6.41 -21.51
C LEU D 309 10.33 -5.63 -22.78
N SER D 310 9.30 -6.03 -23.52
CA SER D 310 9.05 -5.47 -24.84
C SER D 310 7.62 -4.91 -24.90
N GLY D 311 7.44 -3.98 -25.81
CA GLY D 311 6.13 -3.39 -26.01
C GLY D 311 6.22 -2.11 -26.81
N THR D 312 5.25 -1.24 -26.58
CA THR D 312 5.08 -0.05 -27.39
C THR D 312 4.57 1.10 -26.53
N CYS D 313 5.18 2.27 -26.69
CA CYS D 313 4.69 3.52 -26.11
C CYS D 313 4.08 4.35 -27.23
N LEU D 314 2.79 4.65 -27.11
CA LEU D 314 2.04 5.34 -28.15
C LEU D 314 1.60 6.69 -27.61
N LEU D 315 2.01 7.75 -28.29
CA LEU D 315 1.66 9.11 -27.92
C LEU D 315 0.72 9.70 -28.97
N ILE D 316 -0.49 10.06 -28.52
CA ILE D 316 -1.51 10.60 -29.41
C ILE D 316 -1.78 12.04 -28.98
N ALA D 317 -1.49 12.98 -29.87
CA ALA D 317 -1.64 14.40 -29.57
C ALA D 317 -3.10 14.76 -29.39
N ASN D 318 -3.37 15.66 -28.44
CA ASN D 318 -4.73 16.11 -28.17
C ASN D 318 -4.80 17.62 -28.33
N LYS D 319 -6.04 18.13 -28.32
CA LYS D 319 -6.29 19.56 -28.52
C LYS D 319 -5.99 20.38 -27.28
N ARG D 320 -5.55 19.77 -26.17
CA ARG D 320 -5.08 20.52 -25.01
C ARG D 320 -3.56 20.75 -25.05
N GLN D 321 -2.96 20.75 -26.24
CA GLN D 321 -1.53 20.99 -26.41
C GLN D 321 -0.71 19.98 -25.62
N SER D 322 -1.16 18.74 -25.62
CA SER D 322 -0.48 17.69 -24.88
C SER D 322 -0.74 16.36 -25.57
N TYR D 323 -0.49 15.27 -24.86
CA TYR D 323 -0.60 13.94 -25.43
C TYR D 323 -1.32 13.00 -24.48
N ASP D 324 -2.10 12.09 -25.07
CA ASP D 324 -2.55 10.88 -24.38
C ASP D 324 -1.48 9.81 -24.59
N ILE D 325 -1.08 9.16 -23.50
CA ILE D 325 -0.01 8.18 -23.53
C ILE D 325 -0.59 6.81 -23.32
N SER D 326 -0.22 5.87 -24.19
CA SER D 326 -0.56 4.47 -24.07
C SER D 326 0.75 3.70 -23.97
N ILE D 327 0.94 2.98 -22.86
CA ILE D 327 2.10 2.12 -22.71
C ILE D 327 1.61 0.69 -22.54
N VAL D 328 2.07 -0.19 -23.43
CA VAL D 328 1.80 -1.62 -23.37
C VAL D 328 3.14 -2.33 -23.25
N ALA D 329 3.30 -3.13 -22.21
CA ALA D 329 4.58 -3.78 -21.93
C ALA D 329 4.34 -5.21 -21.49
N GLN D 330 5.25 -6.10 -21.87
CA GLN D 330 5.16 -7.49 -21.46
C GLN D 330 6.55 -8.07 -21.21
N VAL D 331 6.59 -9.00 -20.26
CA VAL D 331 7.78 -9.80 -19.98
C VAL D 331 7.72 -11.00 -20.92
N ASP D 332 8.56 -11.01 -21.95
CA ASP D 332 8.44 -12.02 -22.99
C ASP D 332 8.49 -13.43 -22.41
N GLN D 333 9.41 -13.67 -21.47
CA GLN D 333 9.62 -15.02 -20.98
C GLN D 333 8.41 -15.59 -20.26
N THR D 334 7.62 -14.75 -19.58
CA THR D 334 6.47 -15.24 -18.82
C THR D 334 5.12 -14.84 -19.41
N GLY D 335 5.08 -13.87 -20.31
CA GLY D 335 3.81 -13.39 -20.82
C GLY D 335 3.08 -12.47 -19.87
N SER D 336 3.76 -11.91 -18.87
CA SER D 336 3.13 -10.94 -17.98
C SER D 336 2.96 -9.62 -18.71
N LYS D 337 1.73 -9.16 -18.83
CA LYS D 337 1.37 -8.02 -19.67
C LYS D 337 0.74 -6.91 -18.85
N SER D 338 1.14 -5.67 -19.14
CA SER D 338 0.60 -4.49 -18.48
C SER D 338 0.26 -3.46 -19.55
N SER D 339 -0.95 -2.91 -19.48
CA SER D 339 -1.41 -1.86 -20.36
C SER D 339 -1.79 -0.63 -19.52
N ASN D 340 -1.43 0.54 -20.01
CA ASN D 340 -1.55 1.74 -19.19
C ASN D 340 -1.84 2.95 -20.06
N LEU D 341 -2.71 3.83 -19.55
CA LEU D 341 -3.05 5.08 -20.20
C LEU D 341 -2.74 6.23 -19.26
N LEU D 342 -2.10 7.26 -19.77
CA LEU D 342 -1.73 8.41 -18.97
C LEU D 342 -2.05 9.69 -19.74
N ASP D 343 -2.35 10.73 -18.98
CA ASP D 343 -2.71 12.05 -19.51
C ASP D 343 -1.58 13.02 -19.15
N LEU D 344 -0.72 13.33 -20.13
CA LEU D 344 0.38 14.27 -19.91
C LEU D 344 -0.10 15.68 -19.57
N LYS D 345 -1.39 15.97 -19.80
CA LYS D 345 -1.93 17.30 -19.51
C LYS D 345 -2.18 17.51 -18.03
N ASN D 346 -2.14 16.48 -17.20
CA ASN D 346 -2.41 16.59 -15.76
C ASN D 346 -1.27 15.94 -14.98
N PRO D 347 -0.05 16.46 -15.10
CA PRO D 347 1.08 15.85 -14.40
C PRO D 347 1.03 16.09 -12.89
N PHE D 348 1.71 15.18 -12.17
CA PHE D 348 1.89 15.30 -10.72
C PHE D 348 3.30 15.80 -10.48
N PHE D 349 3.42 17.03 -9.98
CA PHE D 349 4.71 17.62 -9.63
C PHE D 349 5.06 17.20 -8.20
N ARG D 350 6.03 16.30 -8.07
CA ARG D 350 6.36 15.69 -6.79
C ARG D 350 7.46 16.44 -6.05
C1 4R7 E . 4.11 -28.74 9.85
C2 4R7 E . 4.66 -29.80 9.15
C3 4R7 E . 5.03 -29.64 7.83
C5 4R7 E . 4.33 -27.29 7.91
C6 4R7 E . 3.96 -27.51 9.27
N7 4R7 E . -4.21 -34.21 -2.35
C8 4R7 E . 5.03 -26.93 5.20
N9 4R7 E . -7.26 -34.48 -4.42
C10 4R7 E . 4.18 -26.04 7.27
C12 4R7 E . 1.39 -28.89 11.64
C13 4R7 E . 5.75 -27.61 2.85
C15 4R7 E . 6.00 -27.48 -0.76
C16 4R7 E . 5.15 -28.59 -1.42
C17 4R7 E . 2.42 -29.07 -3.29
C18 4R7 E . -0.76 -30.63 -2.88
C20 4R7 E . -2.69 -28.89 -2.62
C22 4R7 E . -3.99 -30.70 -3.30
C24 4R7 E . -5.31 -34.06 -3.18
C26 4R7 E . -7.21 -33.21 -4.80
C27 4R7 E . -5.40 -32.77 -3.65
C29 4R7 E . 0.59 -30.70 -3.61
C11 4R7 E . 3.74 -28.97 11.28
C14 4R7 E . 6.67 -27.92 0.56
C19 4R7 E . -1.85 -29.77 -3.54
C21 4R7 E . -3.63 -29.93 -2.01
C23 4R7 E . -3.66 -33.03 -2.36
C25 4R7 E . -6.31 -34.96 -3.60
C28 4R7 E . 4.71 -28.24 -2.83
C4 4R7 E . 4.86 -28.38 7.16
C7 4R7 E . 5.24 -28.15 5.82
C9 4R7 E . 4.55 -25.87 5.96
N1 4R7 E . 5.51 -26.70 3.87
N10 4R7 E . -6.33 -32.28 -4.46
N2 4R7 E . 6.34 -27.10 1.73
N3 4R7 E . 3.76 -29.21 -3.38
N4 4R7 E . 1.69 -30.12 -2.84
N5 4R7 E . 1.82 -27.98 -3.64
N6 4R7 E . -4.33 -32.10 -3.12
N8 4R7 E . -6.35 -36.25 -3.22
O1 4R7 E . 5.56 -30.67 7.09
O2 4R7 E . 2.69 -28.24 11.66
O3 4R7 E . 4.32 -29.71 12.03
O4 4R7 E . 5.40 -28.78 2.91
O5 4R7 E . -3.37 -27.87 -3.35
O6 4R7 E . -4.81 -29.39 -1.42
O7 4R7 E . -2.83 -30.64 -4.14
H1 4R7 E . 4.77 -30.78 9.62
H2 4R7 E . 3.54 -26.67 9.81
H3 4R7 E . 3.76 -25.20 7.83
H4 4R7 E . 1.49 -29.94 11.35
H5 4R7 E . 0.68 -28.39 10.99
H6 4R7 E . 1.05 -28.83 12.67
H7 4R7 E . 5.37 -26.61 -0.55
H8 4R7 E . 6.73 -27.10 -1.46
H9 4R7 E . 5.70 -29.53 -1.42
H10 4R7 E . 4.28 -28.79 -0.80
H11 4R7 E . -0.63 -30.23 -1.87
H12 4R7 E . -1.13 -31.63 -2.71
H13 4R7 E . -2.07 -28.44 -1.85
H14 4R7 E . -4.79 -30.23 -3.86
H15 4R7 E . -8.02 -32.89 -5.46
H16 4R7 E . 0.50 -30.24 -4.59
H17 4R7 E . 0.82 -31.74 -3.83
H18 4R7 E . 6.44 -28.96 0.74
H19 4R7 E . 7.76 -27.89 0.42
H20 4R7 E . -1.44 -29.18 -4.36
H21 4R7 E . -3.10 -30.55 -1.30
H22 4R7 E . -2.76 -32.80 -1.79
H23 4R7 E . 5.58 -28.18 -3.47
H24 4R7 E . 4.30 -27.23 -2.85
H25 4R7 E . 5.67 -28.99 5.26
H26 4R7 E . 4.41 -24.89 5.50
H27 4R7 E . 5.86 -25.75 3.77
H28 4R7 E . 6.64 -26.13 1.67
H29 4R7 E . 4.15 -30.03 -3.85
H30 4R7 E . 1.53 -30.13 -1.84
H31 4R7 E . 0.81 -27.94 -3.55
H32 4R7 E . -7.08 -36.87 -3.55
H33 4R7 E . -5.64 -36.64 -2.61
H34 4R7 E . 6.52 -30.46 6.99
H35 4R7 E . -4.04 -27.48 -2.72
H36 4R7 E . -4.61 -29.33 -0.45
C1 EDO F . 11.10 -22.42 6.53
O1 EDO F . 11.93 -23.49 6.05
C2 EDO F . 9.73 -22.24 5.80
O2 EDO F . 8.83 -23.37 5.87
H11 EDO F . 11.65 -21.49 6.47
H12 EDO F . 10.90 -22.60 7.59
HO1 EDO F . 12.75 -23.52 6.56
H21 EDO F . 9.93 -22.02 4.76
H22 EDO F . 9.23 -21.37 6.24
HO2 EDO F . 8.02 -23.15 5.39
C1 EDO G . 1.33 -29.20 6.28
O1 EDO G . 1.56 -30.52 5.82
C2 EDO G . 0.44 -29.15 7.47
O2 EDO G . 0.88 -29.98 8.52
H11 EDO G . 0.87 -28.62 5.47
H12 EDO G . 2.27 -28.73 6.52
HO1 EDO G . 2.13 -30.49 5.05
H21 EDO G . -0.57 -29.44 7.18
H22 EDO G . 0.39 -28.12 7.83
HO2 EDO G . 0.27 -29.89 9.27
C1 4R7 H . -1.16 -22.36 14.83
C2 4R7 H . -1.98 -21.71 15.74
C3 4R7 H . -1.52 -21.44 17.01
C5 4R7 H . 0.62 -22.48 16.48
C6 4R7 H . 0.11 -22.74 15.18
N7 4R7 H . -6.04 -29.17 27.72
C8 4R7 H . 1.59 -21.98 19.08
N9 4R7 H . -6.51 -31.97 30.08
C10 4R7 H . 1.93 -22.86 16.86
C12 4R7 H . -0.97 -20.69 12.30
C13 4R7 H . 1.72 -20.97 21.43
C15 4R7 H . 1.10 -20.74 24.54
C16 4R7 H . 1.68 -21.50 25.77
C17 4R7 H . -0.62 -23.15 27.92
C18 4R7 H . -1.27 -26.17 27.66
C20 4R7 H . -0.42 -28.59 27.63
C22 4R7 H . -2.47 -29.25 28.48
C24 4R7 H . -5.96 -30.20 28.64
C26 4R7 H . -5.23 -32.04 30.39
C27 4R7 H . -4.66 -30.39 29.06
C29 4R7 H . -2.11 -25.11 28.38
C11 4R7 H . -1.69 -22.62 13.46
C14 4R7 H . 2.17 -20.05 23.66
C19 4R7 H . -1.00 -27.44 28.45
C21 4R7 H . -1.70 -29.30 27.16
C23 4R7 H . -4.80 -28.77 27.61
C25 4R7 H . -6.94 -31.05 29.20
C28 4R7 H . 0.85 -21.30 27.05
C4 4R7 H . -0.22 -21.84 17.43
C7 4R7 H . 0.31 -21.57 18.72
C9 4R7 H . 2.39 -22.60 18.12
N1 4R7 H . 2.20 -21.72 20.35
N10 4R7 H . -4.23 -31.29 29.93
N2 4R7 H . 2.57 -20.83 22.49
N3 4R7 H . -0.37 -22.12 27.03
N4 4R7 H . -1.86 -23.75 27.90
N5 4R7 H . 0.18 -23.65 28.82
N6 4R7 H . -3.91 -29.46 28.38
N8 4R7 H . -8.25 -30.99 28.89
O1 4R7 H . -2.30 -20.81 17.93
O2 4R7 H . -0.90 -22.12 12.51
O3 4R7 H . -2.72 -23.20 13.23
O4 4R7 H . 0.62 -20.46 21.46
O5 4R7 H . 0.45 -29.50 28.30
O6 4R7 H . -1.55 -30.61 26.62
O7 4R7 H . -2.23 -27.95 28.99
H1 4R7 H . -2.99 -21.42 15.45
H2 4R7 H . 0.76 -23.24 14.46
H3 4R7 H . 2.56 -23.37 16.14
H4 4R7 H . -0.44 -20.39 11.40
H5 4R7 H . -0.56 -20.13 13.16
H6 4R7 H . -2.03 -20.48 12.20
H7 4R7 H . 0.53 -21.43 23.92
H8 4R7 H . 0.35 -20.02 24.87
H9 4R7 H . 1.76 -22.56 25.55
H10 4R7 H . 2.71 -21.19 25.95
H11 4R7 H . -1.78 -26.47 26.74
H12 4R7 H . -0.35 -25.72 27.30
H13 4R7 H . 0.10 -28.19 26.78
H14 4R7 H . -2.08 -29.95 29.23
H15 4R7 H . -4.96 -32.81 31.12
H16 4R7 H . -1.94 -25.19 29.46
H17 4R7 H . -3.17 -25.35 28.29
H18 4R7 H . 3.03 -19.80 24.27
H19 4R7 H . 1.78 -19.09 23.32
H20 4R7 H . -0.36 -27.23 29.31
H21 4R7 H . -2.19 -28.68 26.39
H22 4R7 H . -4.50 -27.95 26.95
H23 4R7 H . 0.57 -20.26 27.16
H24 4R7 H . 1.46 -21.49 27.93
H25 4R7 H . -0.33 -21.07 19.43
H26 4R7 H . 3.40 -22.92 18.37
H27 4R7 H . 3.15 -22.09 20.39
H28 4R7 H . 3.50 -21.24 22.53
H29 4R7 H . -1.05 -21.91 26.31
H30 4R7 H . -2.64 -23.11 28.06
H31 4R7 H . 1.11 -23.25 28.89
H32 4R7 H . -8.91 -31.62 29.31
H33 4R7 H . -8.58 -30.31 28.23
H34 4R7 H . -2.03 -19.86 17.91
H35 4R7 H . 0.21 -29.46 29.26
H36 4R7 H . -0.70 -30.96 27.02
C1 4R7 I . -5.37 29.35 -10.04
C2 4R7 I . -6.11 30.20 -9.21
C3 4R7 I . -6.66 29.72 -8.05
C5 4R7 I . -5.75 27.50 -8.52
C6 4R7 I . -5.19 28.04 -9.71
N7 4R7 I . -20.39 26.58 -9.72
C8 4R7 I . -6.89 26.48 -6.15
N9 4R7 I . -23.49 24.75 -10.60
C10 4R7 I . -5.57 26.15 -8.13
C12 4R7 I . -2.78 29.06 -12.14
C13 4R7 I . -8.44 26.42 -4.12
C15 4R7 I . -11.08 25.58 -2.40
C16 4R7 I . -12.21 26.13 -1.48
C17 4R7 I . -15.51 25.34 -3.17
C18 4R7 I . -16.78 24.57 -5.82
C20 4R7 I . -17.33 22.51 -7.26
C22 4R7 I . -19.22 23.58 -7.99
C24 4R7 I . -21.44 25.70 -9.91
C26 4R7 I . -23.10 23.64 -9.98
C27 4R7 I . -21.18 24.48 -9.32
C29 4R7 I . -17.29 25.68 -4.89
C11 4R7 I . -4.80 29.93 -11.30
C14 4R7 I . -9.69 26.12 -2.01
C19 4R7 I . -17.78 23.47 -6.16
C21 4R7 I . -17.84 23.23 -8.51
C23 4R7 I . -19.54 25.87 -9.02
C25 4R7 I . -22.67 25.83 -10.59
C28 4R7 I . -13.58 25.45 -1.63
C4 4R7 I . -6.50 28.35 -7.67
C7 4R7 I . -7.04 27.81 -6.48
C9 4R7 I . -6.12 25.66 -6.98
N1 4R7 I . -7.38 25.97 -4.91
N10 4R7 I . -21.97 23.41 -9.33
N2 4R7 I . -8.62 25.76 -2.94
N3 4R7 I . -14.20 25.67 -2.92
N4 4R7 I . -16.28 26.16 -3.94
N5 4R7 I . -16.14 24.28 -2.72
N6 4R7 I . -19.95 24.60 -8.75
N8 4R7 I . -23.06 26.95 -11.21
O1 4R7 I . -7.39 30.51 -7.21
O2 4R7 I . -3.47 29.98 -11.26
O3 4R7 I . -5.47 30.35 -12.21
O4 4R7 I . -9.19 27.33 -4.46
O5 4R7 I . -17.94 21.23 -7.20
O6 4R7 I . -17.92 22.46 -9.72
O7 4R7 I . -19.00 24.06 -6.68
H1 4R7 I . -6.26 31.23 -9.49
H2 4R7 I . -4.62 27.37 -10.36
H3 4R7 I . -5.00 25.48 -8.78
H4 4R7 I . -3.38 28.81 -13.01
H5 4R7 I . -2.49 28.14 -11.63
H6 4R7 I . -1.90 29.62 -12.44
H7 4R7 I . -11.05 24.49 -2.35
H8 4R7 I . -11.31 25.80 -3.45
H9 4R7 I . -11.88 26.06 -0.44
H10 4R7 I . -12.31 27.20 -1.65
H11 4R7 I . -16.46 25.01 -6.76
H12 4R7 I . -15.87 24.14 -5.42
H13 4R7 I . -16.26 22.41 -7.29
H14 4R7 I . -19.88 22.71 -7.89
H15 4R7 I . -23.81 22.82 -10.03
H16 4R7 I . -17.69 26.50 -5.49
H17 4R7 I . -18.16 25.33 -4.34
H18 4R7 I . -9.76 27.21 -1.89
H19 4R7 I . -9.43 25.76 -1.02
H20 4R7 I . -18.07 22.92 -5.26
H21 4R7 I . -17.23 24.11 -8.70
H22 4R7 I . -18.58 26.28 -8.69
H23 4R7 I . -14.24 25.79 -0.84
H24 4R7 I . -13.47 24.38 -1.41
H25 4R7 I . -7.60 28.47 -5.83
H26 4R7 I . -5.96 24.62 -6.73
H27 4R7 I . -6.79 25.23 -4.55
H28 4R7 I . -8.02 25.01 -2.63
H29 4R7 I . -13.65 26.07 -3.66
H30 4R7 I . -16.52 27.05 -3.51
H31 4R7 I . -15.61 23.64 -2.13
H32 4R7 I . -23.96 27.00 -11.69
H33 4R7 I . -22.46 27.77 -11.22
H34 4R7 I . -8.32 30.41 -7.50
H35 4R7 I . -17.76 20.88 -6.29
H36 4R7 I . -17.28 21.71 -9.60
C1 EDO J . -7.80 27.14 -11.99
O1 EDO J . -7.12 25.86 -11.86
C2 EDO J . -9.24 27.06 -11.41
O2 EDO J . -9.33 26.69 -10.02
H11 EDO J . -7.19 28.09 -12.09
H12 EDO J . -7.52 27.30 -10.94
HO1 EDO J . -6.22 25.93 -12.22
H21 EDO J . -9.84 26.31 -11.95
H22 EDO J . -9.74 28.02 -11.53
HO2 EDO J . -10.26 26.66 -9.75
C1 4R7 K . -0.32 21.99 -15.78
C2 4R7 K . 0.34 21.18 -16.71
C3 4R7 K . 1.65 21.43 -17.04
C5 4R7 K . 1.68 23.34 -15.51
C6 4R7 K . 0.33 23.05 -15.19
N7 4R7 K . 3.75 28.53 -29.14
C8 4R7 K . 4.36 23.92 -16.18
N9 4R7 K . 3.95 31.12 -31.77
C10 4R7 K . 2.38 24.43 -14.91
C12 4R7 K . -2.49 22.13 -13.24
C13 4R7 K . 6.60 23.79 -17.42
C15 4R7 K . 8.89 24.62 -19.63
C16 4R7 K . 9.86 24.03 -20.69
C17 4R7 K . 9.26 26.18 -23.78
C18 4R7 K . 7.32 28.26 -24.90
C20 4R7 K . 6.68 30.77 -24.87
C22 4R7 K . 6.00 30.52 -27.08
C24 4R7 K . 3.99 29.62 -29.96
C26 4R7 K . 4.77 31.89 -31.07
C27 4R7 K . 4.84 30.53 -29.35
C29 4R7 K . 7.92 27.09 -25.68
C11 4R7 K . -1.74 21.69 -15.44
C14 4R7 K . 8.90 23.81 -18.31
C19 4R7 K . 7.51 29.65 -25.52
C21 4R7 K . 5.38 30.65 -25.69
C23 4R7 K . 4.46 28.79 -28.08
C25 4R7 K . 3.52 29.96 -31.25
C28 4R7 K . 10.24 25.00 -21.82
C4 4R7 K . 2.36 22.53 -16.45
C7 4R7 K . 3.72 22.84 -16.75
C9 4R7 K . 3.68 24.68 -15.23
N1 4R7 K . 5.74 24.22 -16.41
N10 4R7 K . 5.26 31.68 -29.85
N2 4R7 K . 7.89 24.20 -17.33
N3 4R7 K . 9.11 25.43 -22.64
N4 4R7 K . 8.38 26.00 -24.81
N5 4R7 K . 10.15 27.09 -24.00
N6 4R7 K . 5.14 29.98 -28.13
N8 4R7 K . 2.70 29.18 -31.98
O1 4R7 K . 2.33 20.68 -17.94
O2 4R7 K . -1.87 21.22 -14.20
O3 4R7 K . -2.66 21.81 -16.20
O4 4R7 K . 6.23 23.10 -18.35
O5 4R7 K . 7.25 32.07 -24.89
O6 4R7 K . 4.45 31.73 -25.55
O7 4R7 K . 7.09 29.63 -26.90
H1 4R7 K . -0.18 20.35 -17.17
H2 4R7 K . -0.18 23.68 -14.47
H3 4R7 K . 1.85 25.06 -14.19
H4 4R7 K . -1.76 22.82 -12.82
H5 4R7 K . -3.30 22.69 -13.69
H6 4R7 K . -2.87 21.47 -12.48
H7 4R7 K . 7.87 24.64 -20.01
H8 4R7 K . 9.13 25.67 -19.43
H9 4R7 K . 10.77 23.67 -20.20
H10 4R7 K . 9.43 23.13 -21.12
H11 4R7 K . 6.24 28.11 -24.79
H12 4R7 K . 7.67 28.25 -23.87
H13 4R7 K . 6.46 30.51 -23.84
H14 4R7 K . 6.42 31.45 -27.45
H15 4R7 K . 5.07 32.81 -31.55
H16 4R7 K . 8.72 27.46 -26.31
H17 4R7 K . 7.19 26.72 -26.39
H18 4R7 K . 8.81 22.75 -18.56
H19 4R7 K . 9.88 23.89 -17.85
H20 4R7 K . 8.57 29.93 -25.51
H21 4R7 K . 4.85 29.74 -25.41
H22 4R7 K . 4.50 28.13 -27.22
H23 4R7 K . 10.73 25.88 -21.39
H24 4R7 K . 11.03 24.55 -22.44
H25 4R7 K . 4.24 22.21 -17.47
H26 4R7 K . 4.17 25.53 -14.75
H27 4R7 K . 6.13 24.78 -15.66
H28 4R7 K . 8.24 24.77 -16.57
H29 4R7 K . 8.18 25.15 -22.33
H30 4R7 K . 8.46 25.12 -25.30
H31 4R7 K . 10.83 27.26 -23.26
H32 4R7 K . 2.38 29.46 -32.90
H33 4R7 K . 2.36 28.30 -31.60
H34 4R7 K . 2.86 20.04 -17.41
H35 4R7 K . 7.83 32.10 -25.70
H36 4R7 K . 5.00 32.54 -25.38
C1 EDO L . -0.24 26.12 -18.87
O1 EDO L . 1.01 25.45 -18.49
C2 EDO L . -1.26 25.99 -17.71
O2 EDO L . -0.87 26.57 -16.45
H11 EDO L . -0.64 25.65 -19.77
H12 EDO L . -0.05 27.17 -19.07
HO1 EDO L . 1.65 25.54 -19.21
H21 EDO L . -1.49 24.94 -17.55
H22 EDO L . -2.20 26.46 -18.03
HO2 EDO L . -1.57 26.45 -15.81
#